data_7YW7
#
_entry.id   7YW7
#
_cell.length_a   60.329
_cell.length_b   134.084
_cell.length_c   215.589
_cell.angle_alpha   90.000
_cell.angle_beta   90.000
_cell.angle_gamma   90.000
#
_symmetry.space_group_name_H-M   'P 21 21 21'
#
loop_
_entity.id
_entity.type
_entity.pdbx_description
1 polymer 'Genome polyprotein'
2 water water
#
_entity_poly.entity_id   1
_entity_poly.type   'polypeptide(L)'
_entity_poly.pdbx_seq_one_letter_code
;IRCIGVSNRDFVEGMSGGTWVDVVLEHGGCVTVMAQDKPTVDIELVTTTVSNMAEVRSYCYEASISDMASDSRCPTQGEA
YLDKQSDTQYVCKRTLVDRGWGNGCGLFGKGSLVTCAKFACSKKMTGKSIQPENLEYRIMLSVHGSQHSGMIETDENRAK
VEITPNSPRAEATLGGFGSLGLDCEPRTGLDFSDLYYLTMNNKHWLVHKEWFHDIPLPWHAGADTGTPHWNNKEALVEFK
DAHAKRQTVVVLGSQEGAVHTALAGALEAEMDGAKGRLSSGHLKCRLKMDKLRLKGVSYSLCTAAFTFTKIPAETLHGTV
TVEVQYAGTDGPCKVPAQMAVDMQTLTPVGRLITANPVITESTENSKMMLELDPPFGDSYIVIGVGEKKITHHWHRSGST
IGK
;
_entity_poly.pdbx_strand_id   A,B,C,D
#
# COMPACT_ATOMS: atom_id res chain seq x y z
N ILE A 1 -34.89 23.02 16.16
CA ILE A 1 -33.73 23.90 16.18
C ILE A 1 -32.48 23.02 16.24
N ARG A 2 -31.86 22.92 17.41
CA ARG A 2 -30.64 22.12 17.57
C ARG A 2 -30.94 20.77 18.20
N CYS A 3 -31.54 20.80 19.40
CA CYS A 3 -31.68 19.59 20.21
C CYS A 3 -32.75 18.65 19.71
N ILE A 4 -33.62 19.10 18.80
CA ILE A 4 -34.83 18.34 18.50
C ILE A 4 -34.52 17.01 17.83
N GLY A 5 -33.56 16.98 16.92
CA GLY A 5 -33.25 15.76 16.20
C GLY A 5 -32.37 14.77 16.95
N VAL A 6 -31.71 15.24 18.01
CA VAL A 6 -30.75 14.40 18.72
C VAL A 6 -31.48 13.38 19.57
N SER A 7 -31.02 12.13 19.52
CA SER A 7 -31.64 11.06 20.30
C SER A 7 -31.33 11.20 21.78
N ASN A 8 -30.08 11.46 22.13
CA ASN A 8 -29.65 11.58 23.52
C ASN A 8 -29.89 13.00 23.97
N ARG A 9 -31.16 13.35 24.16
CA ARG A 9 -31.56 14.71 24.50
C ARG A 9 -32.19 14.70 25.88
N ASP A 10 -31.71 15.58 26.76
CA ASP A 10 -32.20 15.69 28.12
C ASP A 10 -32.88 17.03 28.31
N PHE A 11 -33.92 17.04 29.15
CA PHE A 11 -34.68 18.24 29.47
C PHE A 11 -34.49 18.58 30.94
N VAL A 12 -34.10 19.82 31.21
CA VAL A 12 -33.92 20.31 32.58
C VAL A 12 -34.80 21.55 32.74
N GLU A 13 -35.62 21.56 33.79
CA GLU A 13 -36.44 22.72 34.12
C GLU A 13 -35.89 23.38 35.38
N GLY A 14 -35.71 24.69 35.32
CA GLY A 14 -35.28 25.44 36.47
C GLY A 14 -36.39 25.59 37.50
N MET A 15 -36.00 26.02 38.69
CA MET A 15 -36.91 26.19 39.80
C MET A 15 -37.26 27.67 39.96
N SER A 16 -38.09 27.95 40.97
CA SER A 16 -38.64 29.29 41.14
C SER A 16 -37.55 30.33 41.29
N GLY A 17 -36.56 30.07 42.14
CA GLY A 17 -35.39 30.92 42.17
C GLY A 17 -34.59 30.76 40.89
N GLY A 18 -34.63 31.77 40.04
CA GLY A 18 -34.06 31.65 38.71
C GLY A 18 -32.59 31.97 38.63
N THR A 19 -31.77 31.25 39.39
CA THR A 19 -30.33 31.51 39.42
C THR A 19 -29.51 30.32 38.90
N TRP A 20 -29.68 29.14 39.49
CA TRP A 20 -28.81 28.01 39.23
C TRP A 20 -29.58 26.89 38.55
N VAL A 21 -28.98 26.33 37.50
CA VAL A 21 -29.49 25.12 36.85
C VAL A 21 -28.33 24.18 36.59
N ASP A 22 -28.43 22.93 37.06
CA ASP A 22 -27.37 21.95 36.89
C ASP A 22 -27.63 21.12 35.64
N VAL A 23 -26.56 20.81 34.90
CA VAL A 23 -26.67 20.10 33.64
C VAL A 23 -25.45 19.20 33.48
N VAL A 24 -25.61 18.13 32.71
CA VAL A 24 -24.51 17.25 32.35
C VAL A 24 -24.53 17.04 30.85
N LEU A 25 -23.37 17.19 30.21
CA LEU A 25 -23.21 17.14 28.77
C LEU A 25 -22.32 15.97 28.38
N GLU A 26 -22.61 15.41 27.21
CA GLU A 26 -21.77 14.39 26.60
C GLU A 26 -21.80 14.59 25.10
N HIS A 27 -20.81 13.99 24.43
CA HIS A 27 -20.58 14.31 23.02
C HIS A 27 -21.73 13.85 22.12
N GLY A 28 -22.45 12.80 22.54
CA GLY A 28 -23.53 12.31 21.70
C GLY A 28 -24.76 13.19 21.67
N GLY A 29 -25.02 13.94 22.74
CA GLY A 29 -26.28 14.62 22.85
C GLY A 29 -26.24 16.12 23.08
N CYS A 30 -27.22 16.61 23.85
CA CYS A 30 -27.45 18.01 24.10
C CYS A 30 -28.58 18.11 25.12
N VAL A 31 -28.69 19.27 25.77
CA VAL A 31 -29.67 19.46 26.83
C VAL A 31 -30.47 20.73 26.56
N THR A 32 -31.79 20.64 26.74
CA THR A 32 -32.70 21.77 26.61
C THR A 32 -33.07 22.24 28.01
N VAL A 33 -32.83 23.52 28.28
CA VAL A 33 -33.01 24.11 29.61
C VAL A 33 -34.14 25.12 29.53
N MET A 34 -35.16 24.91 30.36
CA MET A 34 -36.33 25.77 30.45
C MET A 34 -36.42 26.34 31.85
N ALA A 35 -36.59 27.66 31.94
CA ALA A 35 -36.78 28.34 33.21
C ALA A 35 -37.94 29.30 33.10
N GLN A 36 -38.63 29.51 34.22
CA GLN A 36 -39.76 30.43 34.23
C GLN A 36 -39.28 31.85 33.97
N ASP A 37 -39.96 32.54 33.04
CA ASP A 37 -39.61 33.90 32.65
C ASP A 37 -38.19 34.01 32.12
N LYS A 38 -37.69 32.94 31.50
CA LYS A 38 -36.38 32.91 30.88
C LYS A 38 -36.49 32.24 29.52
N PRO A 39 -35.65 32.61 28.57
CA PRO A 39 -35.66 31.93 27.28
C PRO A 39 -35.08 30.52 27.36
N THR A 40 -35.68 29.61 26.62
CA THR A 40 -35.19 28.24 26.58
C THR A 40 -33.85 28.19 25.86
N VAL A 41 -32.91 27.43 26.42
CA VAL A 41 -31.53 27.42 25.94
C VAL A 41 -31.10 25.98 25.68
N ASP A 42 -30.54 25.72 24.51
CA ASP A 42 -29.94 24.44 24.20
C ASP A 42 -28.44 24.51 24.41
N ILE A 43 -27.89 23.53 25.11
CA ILE A 43 -26.48 23.49 25.46
C ILE A 43 -25.89 22.17 25.00
N GLU A 44 -24.79 22.23 24.24
CA GLU A 44 -24.17 21.06 23.64
C GLU A 44 -22.67 21.09 23.86
N LEU A 45 -22.12 19.96 24.28
CA LEU A 45 -20.66 19.80 24.26
C LEU A 45 -20.22 19.49 22.83
N VAL A 46 -19.36 20.33 22.28
CA VAL A 46 -19.02 20.25 20.86
C VAL A 46 -17.77 19.41 20.67
N THR A 47 -16.67 19.80 21.31
CA THR A 47 -15.41 19.09 21.18
C THR A 47 -14.71 18.98 22.53
N THR A 48 -13.91 17.94 22.67
CA THR A 48 -13.00 17.76 23.80
C THR A 48 -11.60 17.55 23.25
N THR A 49 -10.65 18.38 23.67
CA THR A 49 -9.32 18.38 23.12
C THR A 49 -8.26 18.24 24.20
N VAL A 50 -7.15 17.63 23.83
CA VAL A 50 -5.95 17.51 24.66
C VAL A 50 -4.80 18.16 23.90
N SER A 51 -4.03 18.98 24.59
CA SER A 51 -2.93 19.72 23.99
C SER A 51 -1.60 19.30 24.59
N ASN A 52 -0.54 19.53 23.83
CA ASN A 52 0.85 19.34 24.29
C ASN A 52 1.07 17.94 24.84
N MET A 53 0.76 16.95 24.01
CA MET A 53 0.95 15.55 24.39
C MET A 53 2.39 15.13 24.12
N ALA A 54 3.03 14.56 25.14
CA ALA A 54 4.45 14.25 25.10
C ALA A 54 4.66 12.76 24.85
N GLU A 55 5.62 12.45 23.96
CA GLU A 55 5.93 11.07 23.62
C GLU A 55 6.42 10.31 24.85
N VAL A 56 5.88 9.11 25.05
CA VAL A 56 6.29 8.26 26.17
C VAL A 56 7.16 7.13 25.64
N ARG A 57 6.68 6.44 24.61
CA ARG A 57 7.41 5.33 24.02
C ARG A 57 6.87 5.06 22.63
N SER A 58 7.76 4.63 21.74
CA SER A 58 7.39 4.25 20.38
C SER A 58 7.73 2.79 20.14
N TYR A 59 6.79 2.07 19.54
CA TYR A 59 6.93 0.67 19.19
C TYR A 59 6.99 0.50 17.68
N CYS A 60 7.93 -0.30 17.22
CA CYS A 60 8.09 -0.61 15.80
C CYS A 60 7.27 -1.85 15.47
N TYR A 61 6.31 -1.72 14.56
CA TYR A 61 5.50 -2.85 14.16
C TYR A 61 5.84 -3.38 12.77
N GLU A 62 6.65 -2.67 11.99
CA GLU A 62 7.21 -3.25 10.78
C GLU A 62 8.64 -2.79 10.62
N ALA A 63 9.56 -3.75 10.52
CA ALA A 63 10.99 -3.49 10.41
C ALA A 63 11.59 -4.31 9.28
N SER A 64 12.83 -3.99 8.94
CA SER A 64 13.58 -4.70 7.91
C SER A 64 15.03 -4.84 8.37
N ILE A 65 15.75 -5.75 7.73
CA ILE A 65 17.15 -5.98 8.04
C ILE A 65 17.98 -5.77 6.77
N SER A 66 19.24 -5.44 6.98
CA SER A 66 20.18 -5.22 5.88
C SER A 66 21.59 -5.46 6.40
N ASP A 67 22.51 -5.63 5.45
CA ASP A 67 23.94 -5.79 5.75
C ASP A 67 24.19 -7.02 6.64
N MET A 68 23.56 -8.14 6.30
CA MET A 68 23.75 -9.36 7.06
C MET A 68 25.17 -9.89 6.87
N ALA A 69 25.84 -10.22 7.98
CA ALA A 69 27.20 -10.71 7.91
C ALA A 69 27.40 -11.77 8.99
N SER A 70 28.37 -12.64 8.76
CA SER A 70 28.71 -13.69 9.70
C SER A 70 30.22 -13.83 9.81
N ASP A 71 30.66 -14.35 10.95
CA ASP A 71 32.05 -14.70 11.17
C ASP A 71 32.10 -16.03 11.91
N SER A 72 33.03 -16.89 11.52
CA SER A 72 33.15 -18.21 12.09
C SER A 72 34.60 -18.50 12.45
N ARG A 73 34.80 -19.35 13.45
CA ARG A 73 36.11 -19.80 13.86
C ARG A 73 36.12 -21.32 13.95
N CYS A 74 37.23 -21.92 13.53
CA CYS A 74 37.42 -23.34 13.75
C CYS A 74 37.62 -23.60 15.24
N PRO A 75 37.34 -24.81 15.72
CA PRO A 75 37.61 -25.12 17.12
C PRO A 75 39.08 -24.93 17.45
N THR A 76 39.33 -24.42 18.66
CA THR A 76 40.61 -24.00 19.22
C THR A 76 41.14 -22.72 18.58
N GLN A 77 40.36 -22.04 17.73
CA GLN A 77 40.82 -20.84 17.03
C GLN A 77 40.18 -19.57 17.57
N GLY A 78 39.47 -19.65 18.69
CA GLY A 78 39.03 -18.45 19.38
C GLY A 78 37.58 -18.10 19.10
N GLU A 79 37.26 -16.85 19.42
CA GLU A 79 35.90 -16.34 19.32
C GLU A 79 35.69 -15.60 18.01
N ALA A 80 34.57 -15.87 17.36
CA ALA A 80 34.22 -15.17 16.13
C ALA A 80 33.95 -13.70 16.43
N TYR A 81 34.45 -12.83 15.56
CA TYR A 81 34.34 -11.40 15.78
C TYR A 81 33.81 -10.70 14.53
N LEU A 82 32.91 -9.76 14.75
CA LEU A 82 32.45 -8.83 13.71
C LEU A 82 32.49 -7.43 14.27
N ASP A 83 32.82 -6.46 13.40
CA ASP A 83 32.79 -5.06 13.81
C ASP A 83 31.39 -4.61 14.17
N LYS A 84 30.37 -5.28 13.64
CA LYS A 84 28.98 -4.91 13.88
C LYS A 84 28.46 -5.38 15.23
N GLN A 85 29.27 -6.14 15.99
CA GLN A 85 28.83 -6.63 17.28
C GLN A 85 28.55 -5.49 18.25
N SER A 86 29.42 -4.48 18.27
CA SER A 86 29.26 -3.38 19.21
C SER A 86 28.32 -2.30 18.70
N ASP A 87 27.93 -2.35 17.43
CA ASP A 87 27.01 -1.38 16.89
C ASP A 87 25.63 -1.55 17.52
N THR A 88 25.04 -0.44 17.98
CA THR A 88 23.74 -0.50 18.64
C THR A 88 22.61 -0.74 17.67
N GLN A 89 22.82 -0.50 16.38
CA GLN A 89 21.78 -0.67 15.37
C GLN A 89 21.71 -2.09 14.81
N TYR A 90 22.56 -2.98 15.30
CA TYR A 90 22.66 -4.33 14.75
C TYR A 90 22.18 -5.36 15.78
N VAL A 91 21.41 -6.32 15.31
CA VAL A 91 21.03 -7.50 16.08
C VAL A 91 22.02 -8.60 15.77
N CYS A 92 22.55 -9.25 16.80
CA CYS A 92 23.59 -10.24 16.64
C CYS A 92 23.22 -11.49 17.42
N LYS A 93 23.82 -12.60 17.01
CA LYS A 93 23.59 -13.90 17.62
C LYS A 93 24.85 -14.74 17.49
N ARG A 94 25.29 -15.27 18.63
CA ARG A 94 26.51 -16.10 18.69
C ARG A 94 26.14 -17.50 19.17
N THR A 95 26.62 -18.53 18.46
CA THR A 95 26.38 -19.92 18.83
C THR A 95 27.67 -20.72 18.62
N LEU A 96 27.59 -22.00 18.95
CA LEU A 96 28.61 -22.96 18.59
C LEU A 96 28.02 -23.96 17.60
N VAL A 97 28.77 -24.27 16.56
CA VAL A 97 28.30 -25.12 15.48
C VAL A 97 29.30 -26.25 15.27
N ASP A 98 28.79 -27.36 14.75
CA ASP A 98 29.67 -28.49 14.42
C ASP A 98 30.59 -28.11 13.27
N ARG A 99 31.87 -28.38 13.47
CA ARG A 99 32.90 -28.11 12.47
C ARG A 99 33.69 -29.37 12.20
N GLY A 100 34.31 -29.42 11.03
CA GLY A 100 35.09 -30.59 10.67
C GLY A 100 35.80 -30.39 9.35
N TRP A 101 36.28 -31.51 8.80
CA TRP A 101 36.97 -31.49 7.52
C TRP A 101 36.06 -31.06 6.37
N GLY A 102 34.75 -31.27 6.50
CA GLY A 102 33.83 -30.84 5.45
C GLY A 102 33.76 -29.33 5.30
N ASN A 103 33.79 -28.61 6.41
CA ASN A 103 33.68 -27.16 6.41
C ASN A 103 35.01 -26.45 6.56
N GLY A 104 36.12 -27.19 6.58
CA GLY A 104 37.43 -26.58 6.53
C GLY A 104 38.14 -26.41 7.85
N CYS A 105 37.98 -27.34 8.78
CA CYS A 105 38.65 -27.28 10.07
C CYS A 105 39.41 -28.58 10.32
N GLY A 106 40.55 -28.45 10.99
CA GLY A 106 41.37 -29.62 11.28
C GLY A 106 40.74 -30.59 12.25
N LEU A 107 40.03 -30.07 13.25
CA LEU A 107 39.38 -30.90 14.26
C LEU A 107 37.87 -30.95 14.00
N PHE A 108 37.18 -31.75 14.80
CA PHE A 108 35.76 -32.00 14.63
C PHE A 108 34.91 -31.40 15.74
N GLY A 109 35.45 -30.48 16.54
CA GLY A 109 34.74 -29.95 17.68
C GLY A 109 33.81 -28.80 17.32
N LYS A 110 33.42 -28.06 18.35
CA LYS A 110 32.53 -26.92 18.20
C LYS A 110 33.31 -25.67 17.83
N GLY A 111 32.86 -24.98 16.79
CA GLY A 111 33.42 -23.71 16.41
C GLY A 111 32.43 -22.57 16.67
N SER A 112 32.98 -21.40 16.98
CA SER A 112 32.15 -20.26 17.32
C SER A 112 31.68 -19.56 16.05
N LEU A 113 30.41 -19.18 16.04
CA LEU A 113 29.79 -18.46 14.93
C LEU A 113 29.04 -17.26 15.47
N VAL A 114 29.16 -16.13 14.79
CA VAL A 114 28.40 -14.94 15.14
C VAL A 114 27.81 -14.35 13.87
N THR A 115 26.56 -13.90 13.95
CA THR A 115 25.87 -13.33 12.80
C THR A 115 25.18 -12.05 13.23
N CYS A 116 25.36 -10.98 12.45
CA CYS A 116 24.82 -9.67 12.75
C CYS A 116 24.07 -9.13 11.55
N ALA A 117 23.04 -8.32 11.82
CA ALA A 117 22.23 -7.71 10.79
C ALA A 117 21.73 -6.36 11.28
N LYS A 118 21.78 -5.35 10.42
CA LYS A 118 21.36 -4.01 10.78
C LYS A 118 19.84 -3.94 10.89
N PHE A 119 19.35 -3.23 11.90
CA PHE A 119 17.93 -3.11 12.17
C PHE A 119 17.45 -1.73 11.75
N ALA A 120 16.40 -1.69 10.93
CA ALA A 120 15.79 -0.44 10.50
C ALA A 120 14.29 -0.54 10.68
N CYS A 121 13.69 0.49 11.29
CA CYS A 121 12.25 0.52 11.50
C CYS A 121 11.58 1.18 10.30
N SER A 122 10.68 0.45 9.65
CA SER A 122 9.93 1.03 8.54
C SER A 122 8.66 1.72 9.02
N LYS A 123 7.92 1.08 9.93
CA LYS A 123 6.68 1.67 10.43
C LYS A 123 6.55 1.40 11.93
N LYS A 124 6.19 2.45 12.67
CA LYS A 124 6.16 2.41 14.13
C LYS A 124 4.89 3.09 14.63
N MET A 125 4.54 2.78 15.89
CA MET A 125 3.45 3.43 16.59
C MET A 125 4.01 4.22 17.76
N THR A 126 3.27 5.26 18.17
CA THR A 126 3.75 6.18 19.20
C THR A 126 2.68 6.37 20.26
N GLY A 127 3.06 6.24 21.52
CA GLY A 127 2.18 6.55 22.63
C GLY A 127 2.56 7.88 23.27
N LYS A 128 1.54 8.61 23.73
CA LYS A 128 1.72 9.94 24.28
C LYS A 128 0.99 10.05 25.62
N SER A 129 1.54 10.87 26.51
CA SER A 129 0.94 11.11 27.81
C SER A 129 -0.11 12.20 27.74
N ILE A 130 -1.06 12.14 28.67
CA ILE A 130 -2.15 13.11 28.76
C ILE A 130 -2.10 13.73 30.14
N GLN A 131 -1.93 15.05 30.19
CA GLN A 131 -1.91 15.77 31.46
C GLN A 131 -3.25 16.43 31.72
N PRO A 132 -3.71 16.43 32.97
CA PRO A 132 -5.01 17.02 33.29
C PRO A 132 -5.12 18.49 32.93
N GLU A 133 -4.04 19.25 33.08
CA GLU A 133 -4.08 20.69 32.81
C GLU A 133 -4.29 21.01 31.34
N ASN A 134 -4.07 20.05 30.45
CA ASN A 134 -4.07 20.31 29.02
C ASN A 134 -5.36 19.90 28.33
N LEU A 135 -6.42 19.63 29.10
CA LEU A 135 -7.72 19.37 28.51
C LEU A 135 -8.50 20.67 28.32
N GLU A 136 -9.29 20.71 27.26
CA GLU A 136 -10.14 21.86 26.97
C GLU A 136 -11.47 21.38 26.41
N TYR A 137 -12.55 21.98 26.89
CA TYR A 137 -13.90 21.63 26.45
C TYR A 137 -14.53 22.84 25.77
N ARG A 138 -15.17 22.62 24.63
CA ARG A 138 -15.89 23.66 23.92
C ARG A 138 -17.38 23.36 24.00
N ILE A 139 -18.18 24.39 24.28
CA ILE A 139 -19.61 24.24 24.49
C ILE A 139 -20.36 25.29 23.68
N MET A 140 -21.43 24.88 23.03
CA MET A 140 -22.29 25.77 22.26
C MET A 140 -23.62 25.95 22.96
N LEU A 141 -24.08 27.20 23.03
CA LEU A 141 -25.36 27.55 23.62
C LEU A 141 -26.20 28.29 22.59
N SER A 142 -27.47 27.91 22.49
CA SER A 142 -28.38 28.47 21.51
C SER A 142 -29.70 28.83 22.18
N VAL A 143 -30.38 29.82 21.61
CA VAL A 143 -31.73 30.17 22.11
C VAL A 143 -32.74 29.36 21.29
N HIS A 144 -33.58 28.57 21.97
CA HIS A 144 -34.61 27.73 21.32
C HIS A 144 -35.70 28.61 20.73
N GLY A 145 -35.74 28.71 19.41
CA GLY A 145 -36.74 29.54 18.72
C GLY A 145 -36.08 30.59 17.84
N SER A 146 -36.35 30.54 16.53
CA SER A 146 -35.78 31.51 15.60
C SER A 146 -36.66 31.51 14.35
N GLN A 147 -36.50 32.55 13.54
CA GLN A 147 -37.35 32.70 12.35
C GLN A 147 -37.03 31.67 11.29
N HIS A 148 -35.75 31.40 11.04
CA HIS A 148 -35.34 30.48 9.99
C HIS A 148 -34.69 29.24 10.61
N SER A 149 -34.88 28.10 9.95
CA SER A 149 -34.30 26.85 10.42
C SER A 149 -32.82 26.79 10.04
N GLY A 150 -32.22 25.63 10.25
CA GLY A 150 -30.82 25.45 9.99
C GLY A 150 -29.98 25.66 11.23
N MET A 151 -28.84 24.96 11.28
CA MET A 151 -27.97 24.98 12.45
C MET A 151 -26.69 25.78 12.23
N ILE A 152 -26.58 26.51 11.13
CA ILE A 152 -25.34 27.21 10.77
C ILE A 152 -25.58 28.71 10.96
N GLU A 153 -25.23 29.21 12.15
CA GLU A 153 -25.30 30.63 12.47
C GLU A 153 -24.49 30.96 13.71
N THR A 154 -23.99 32.19 13.79
CA THR A 154 -23.27 32.69 14.97
C THR A 154 -23.62 34.16 15.13
N ASP A 155 -24.60 34.45 16.00
CA ASP A 155 -25.10 35.80 16.19
C ASP A 155 -25.57 35.92 17.63
N GLU A 156 -26.41 36.93 17.89
CA GLU A 156 -26.88 37.19 19.25
C GLU A 156 -27.60 35.99 19.87
N ASN A 157 -28.10 35.08 19.04
CA ASN A 157 -28.85 33.93 19.55
C ASN A 157 -27.98 32.72 19.84
N ARG A 158 -26.68 32.78 19.55
CA ARG A 158 -25.79 31.64 19.78
C ARG A 158 -24.47 32.12 20.35
N ALA A 159 -23.82 31.23 21.09
CA ALA A 159 -22.56 31.54 21.74
C ALA A 159 -21.70 30.29 21.85
N LYS A 160 -20.40 30.45 21.64
CA LYS A 160 -19.43 29.39 21.81
C LYS A 160 -18.53 29.75 22.99
N VAL A 161 -18.27 28.77 23.86
CA VAL A 161 -17.55 29.02 25.10
C VAL A 161 -16.50 27.93 25.28
N GLU A 162 -15.42 28.27 25.98
CA GLU A 162 -14.29 27.37 26.16
C GLU A 162 -13.92 27.30 27.63
N ILE A 163 -13.71 26.08 28.12
CA ILE A 163 -13.42 25.84 29.53
C ILE A 163 -12.23 24.90 29.66
N THR A 164 -11.60 24.97 30.82
CA THR A 164 -10.34 24.32 31.13
C THR A 164 -10.35 23.95 32.61
N PRO A 165 -9.66 22.87 32.98
CA PRO A 165 -9.58 22.53 34.42
C PRO A 165 -9.07 23.67 35.29
N ASN A 166 -8.14 24.48 34.78
CA ASN A 166 -7.64 25.65 35.49
C ASN A 166 -8.43 26.92 35.17
N SER A 167 -9.35 26.86 34.21
CA SER A 167 -10.26 27.96 33.92
C SER A 167 -11.68 27.42 33.76
N PRO A 168 -12.29 26.95 34.86
CA PRO A 168 -13.53 26.19 34.75
C PRO A 168 -14.77 27.03 34.51
N ARG A 169 -14.68 28.35 34.60
CA ARG A 169 -15.84 29.21 34.48
C ARG A 169 -15.71 30.09 33.24
N ALA A 170 -16.86 30.44 32.68
CA ALA A 170 -16.90 31.26 31.47
C ALA A 170 -18.27 31.93 31.38
N GLU A 171 -18.36 32.93 30.51
CA GLU A 171 -19.59 33.68 30.31
C GLU A 171 -19.93 33.67 28.83
N ALA A 172 -21.14 33.23 28.50
CA ALA A 172 -21.64 33.26 27.13
C ALA A 172 -22.58 34.46 26.98
N THR A 173 -22.25 35.36 26.06
CA THR A 173 -23.01 36.59 25.87
C THR A 173 -23.98 36.39 24.73
N LEU A 174 -25.27 36.43 25.03
CA LEU A 174 -26.31 36.49 24.01
C LEU A 174 -26.59 37.95 23.68
N GLY A 175 -27.66 38.21 22.96
CA GLY A 175 -27.99 39.58 22.60
C GLY A 175 -28.82 40.26 23.68
N GLY A 176 -30.03 40.67 23.32
CA GLY A 176 -30.93 41.28 24.28
C GLY A 176 -31.34 40.32 25.38
N PHE A 177 -31.14 39.03 25.14
CA PHE A 177 -31.41 38.02 26.16
C PHE A 177 -30.50 38.15 27.38
N GLY A 178 -29.31 38.72 27.22
CA GLY A 178 -28.39 38.87 28.33
C GLY A 178 -27.20 37.95 28.27
N SER A 179 -26.76 37.45 29.42
CA SER A 179 -25.59 36.60 29.51
C SER A 179 -25.91 35.36 30.34
N LEU A 180 -25.08 34.34 30.15
CA LEU A 180 -25.24 33.04 30.82
C LEU A 180 -23.90 32.65 31.42
N GLY A 181 -23.90 32.25 32.69
CA GLY A 181 -22.68 31.82 33.34
C GLY A 181 -22.52 30.32 33.36
N LEU A 182 -21.30 29.86 33.09
CA LEU A 182 -20.97 28.44 33.04
C LEU A 182 -19.88 28.15 34.05
N ASP A 183 -20.15 27.21 34.96
CA ASP A 183 -19.13 26.69 35.86
C ASP A 183 -19.08 25.17 35.68
N CYS A 184 -18.04 24.68 35.02
CA CYS A 184 -18.02 23.30 34.58
C CYS A 184 -16.90 22.51 35.24
N GLU A 185 -17.06 21.20 35.22
CA GLU A 185 -16.23 20.24 35.94
C GLU A 185 -16.42 18.86 35.32
N PRO A 186 -15.35 18.11 35.07
CA PRO A 186 -15.51 16.77 34.50
C PRO A 186 -16.23 15.84 35.47
N ARG A 187 -17.05 14.96 34.90
CA ARG A 187 -17.71 13.93 35.69
C ARG A 187 -16.75 12.77 35.97
N THR A 188 -16.92 12.15 37.13
CA THR A 188 -16.08 11.03 37.50
C THR A 188 -16.41 9.80 36.66
N GLY A 189 -15.43 8.90 36.56
CA GLY A 189 -15.58 7.66 35.83
C GLY A 189 -14.61 7.48 34.70
N LEU A 190 -14.18 8.56 34.05
CA LEU A 190 -13.24 8.49 32.93
C LEU A 190 -12.19 9.58 33.10
N ASP A 191 -11.02 9.20 33.60
CA ASP A 191 -9.90 10.11 33.80
C ASP A 191 -8.93 9.92 32.64
N PHE A 192 -8.85 10.92 31.76
CA PHE A 192 -8.00 10.79 30.58
C PHE A 192 -6.53 10.81 30.94
N SER A 193 -6.16 11.40 32.08
CA SER A 193 -4.76 11.42 32.49
C SER A 193 -4.25 10.03 32.84
N ASP A 194 -5.14 9.07 33.07
CA ASP A 194 -4.76 7.70 33.38
C ASP A 194 -4.62 6.83 32.14
N LEU A 195 -4.75 7.41 30.95
CA LEU A 195 -4.64 6.68 29.71
C LEU A 195 -3.51 7.25 28.85
N TYR A 196 -3.09 6.46 27.87
CA TYR A 196 -2.14 6.88 26.86
C TYR A 196 -2.85 7.10 25.54
N TYR A 197 -2.38 8.08 24.78
CA TYR A 197 -2.91 8.40 23.47
C TYR A 197 -2.04 7.69 22.44
N LEU A 198 -2.58 6.70 21.75
CA LEU A 198 -1.82 5.83 20.87
C LEU A 198 -2.12 6.16 19.42
N THR A 199 -1.06 6.37 18.64
CA THR A 199 -1.16 6.67 17.22
C THR A 199 -0.42 5.61 16.43
N MET A 200 -1.12 4.96 15.50
CA MET A 200 -0.54 3.96 14.61
C MET A 200 -1.14 4.14 13.22
N ASN A 201 -0.34 4.65 12.29
CA ASN A 201 -0.71 4.80 10.89
C ASN A 201 -1.98 5.64 10.74
N ASN A 202 -1.91 6.87 11.27
CA ASN A 202 -2.98 7.85 11.16
C ASN A 202 -4.29 7.32 11.75
N LYS A 203 -4.18 6.52 12.80
CA LYS A 203 -5.32 6.05 13.57
C LYS A 203 -4.99 6.20 15.04
N HIS A 204 -5.99 6.53 15.85
CA HIS A 204 -5.74 6.98 17.20
C HIS A 204 -6.69 6.33 18.19
N TRP A 205 -6.13 5.89 19.32
CA TRP A 205 -6.88 5.23 20.37
C TRP A 205 -6.48 5.80 21.73
N LEU A 206 -7.30 5.49 22.72
CA LEU A 206 -6.98 5.71 24.12
C LEU A 206 -6.79 4.33 24.76
N VAL A 207 -5.61 4.10 25.33
CA VAL A 207 -5.23 2.78 25.81
C VAL A 207 -4.79 2.87 27.25
N HIS A 208 -4.79 1.72 27.92
CA HIS A 208 -4.33 1.63 29.30
C HIS A 208 -2.81 1.54 29.35
N LYS A 209 -2.23 2.08 30.42
CA LYS A 209 -0.79 2.25 30.50
C LYS A 209 -0.08 0.91 30.61
N GLU A 210 -0.57 0.02 31.48
CA GLU A 210 0.13 -1.25 31.69
C GLU A 210 0.05 -2.16 30.47
N TRP A 211 -1.05 -2.10 29.71
CA TRP A 211 -1.09 -2.82 28.44
C TRP A 211 -0.08 -2.25 27.45
N PHE A 212 0.05 -0.93 27.42
CA PHE A 212 0.98 -0.30 26.49
C PHE A 212 2.43 -0.62 26.85
N HIS A 213 2.73 -0.73 28.14
CA HIS A 213 4.10 -1.00 28.57
C HIS A 213 4.50 -2.45 28.33
N ASP A 214 3.55 -3.36 28.21
CA ASP A 214 3.83 -4.78 28.04
C ASP A 214 3.76 -5.24 26.60
N ILE A 215 3.65 -4.32 25.65
CA ILE A 215 3.60 -4.72 24.23
C ILE A 215 4.93 -5.35 23.83
N PRO A 216 4.93 -6.57 23.29
CA PRO A 216 6.19 -7.26 22.92
C PRO A 216 6.69 -6.88 21.52
N LEU A 217 7.21 -5.66 21.42
CA LEU A 217 7.69 -5.12 20.16
C LEU A 217 8.96 -4.32 20.45
N PRO A 218 9.80 -4.12 19.45
CA PRO A 218 10.93 -3.19 19.62
C PRO A 218 10.44 -1.80 19.98
N TRP A 219 11.15 -1.14 20.88
CA TRP A 219 10.66 0.13 21.41
C TRP A 219 11.82 1.08 21.68
N HIS A 220 11.51 2.37 21.65
CA HIS A 220 12.44 3.40 22.10
C HIS A 220 11.67 4.42 22.93
N ALA A 221 12.40 5.16 23.76
CA ALA A 221 11.82 5.94 24.84
C ALA A 221 11.23 7.27 24.40
N GLY A 222 11.21 7.57 23.10
CA GLY A 222 10.62 8.81 22.64
C GLY A 222 11.37 10.06 23.07
N ALA A 223 12.70 9.98 23.11
CA ALA A 223 13.54 11.13 23.44
C ALA A 223 14.83 11.03 22.63
N ASP A 224 15.29 12.18 22.14
CA ASP A 224 16.44 12.24 21.25
C ASP A 224 16.18 11.38 20.01
N THR A 225 15.17 11.78 19.24
CA THR A 225 14.65 10.97 18.16
C THR A 225 15.27 11.28 16.80
N GLY A 226 16.43 11.94 16.78
CA GLY A 226 17.14 12.15 15.53
C GLY A 226 17.42 10.82 14.84
N THR A 227 18.23 9.98 15.47
CA THR A 227 18.37 8.59 15.10
C THR A 227 18.13 7.74 16.34
N PRO A 228 17.18 6.81 16.32
CA PRO A 228 16.77 6.14 17.56
C PRO A 228 17.55 4.87 17.83
N HIS A 229 17.52 4.48 19.10
CA HIS A 229 18.07 3.20 19.54
C HIS A 229 16.92 2.28 19.90
N TRP A 230 16.89 1.11 19.29
CA TRP A 230 15.77 0.18 19.42
C TRP A 230 16.13 -0.94 20.40
N ASN A 231 15.37 -1.03 21.48
CA ASN A 231 15.48 -2.14 22.41
C ASN A 231 14.57 -3.27 21.97
N ASN A 232 14.97 -4.50 22.32
CA ASN A 232 14.20 -5.70 22.01
C ASN A 232 13.98 -5.86 20.50
N LYS A 233 15.06 -5.70 19.73
CA LYS A 233 14.97 -5.92 18.28
C LYS A 233 14.64 -7.36 17.96
N GLU A 234 14.91 -8.28 18.89
CA GLU A 234 14.65 -9.70 18.69
C GLU A 234 13.16 -10.02 18.59
N ALA A 235 12.29 -9.10 18.98
CA ALA A 235 10.86 -9.34 18.86
C ALA A 235 10.41 -9.43 17.41
N LEU A 236 11.18 -8.86 16.49
CA LEU A 236 10.91 -8.94 15.07
C LEU A 236 11.99 -9.64 14.27
N VAL A 237 13.16 -9.88 14.88
CA VAL A 237 14.30 -10.45 14.18
C VAL A 237 14.54 -11.85 14.73
N GLU A 238 14.54 -12.85 13.84
CA GLU A 238 14.76 -14.23 14.23
C GLU A 238 15.96 -14.80 13.50
N PHE A 239 16.62 -15.76 14.13
CA PHE A 239 17.76 -16.46 13.56
C PHE A 239 17.40 -17.93 13.40
N LYS A 240 17.54 -18.45 12.18
CA LYS A 240 17.22 -19.84 11.91
C LYS A 240 18.36 -20.75 12.36
N ASP A 241 18.13 -22.05 12.25
CA ASP A 241 19.08 -23.04 12.74
C ASP A 241 20.44 -22.85 12.08
N ALA A 242 21.48 -22.84 12.90
CA ALA A 242 22.81 -22.49 12.42
C ALA A 242 23.50 -23.68 11.80
N HIS A 243 24.17 -23.43 10.68
CA HIS A 243 25.15 -24.36 10.13
C HIS A 243 26.49 -23.66 10.08
N ALA A 244 27.52 -24.40 9.66
CA ALA A 244 28.87 -23.88 9.64
C ALA A 244 28.96 -22.63 8.78
N LYS A 245 29.61 -21.60 9.31
CA LYS A 245 30.00 -20.36 8.66
C LYS A 245 28.84 -19.38 8.46
N ARG A 246 27.60 -19.74 8.78
CA ARG A 246 26.50 -18.86 8.42
C ARG A 246 25.27 -19.14 9.27
N GLN A 247 24.56 -18.07 9.61
CA GLN A 247 23.21 -18.12 10.16
C GLN A 247 22.27 -17.31 9.28
N THR A 248 21.06 -17.81 9.09
CA THR A 248 20.05 -17.08 8.34
C THR A 248 19.25 -16.19 9.28
N VAL A 249 19.02 -14.96 8.85
CA VAL A 249 18.30 -13.96 9.62
C VAL A 249 17.00 -13.63 8.88
N VAL A 250 15.88 -13.66 9.60
CA VAL A 250 14.59 -13.36 9.01
C VAL A 250 13.89 -12.29 9.85
N VAL A 251 12.99 -11.56 9.21
CA VAL A 251 12.16 -10.55 9.86
C VAL A 251 10.73 -11.06 9.88
N LEU A 252 10.08 -10.88 11.02
CA LEU A 252 8.66 -11.20 11.10
C LEU A 252 7.85 -10.19 10.30
N GLY A 253 6.64 -10.59 9.93
CA GLY A 253 5.78 -9.75 9.14
C GLY A 253 5.27 -8.56 9.92
N SER A 254 4.54 -7.71 9.22
CA SER A 254 3.96 -6.52 9.85
C SER A 254 3.01 -6.93 10.96
N GLN A 255 3.14 -6.28 12.11
CA GLN A 255 2.30 -6.57 13.27
C GLN A 255 1.17 -5.56 13.45
N GLU A 256 0.91 -4.74 12.42
CA GLU A 256 -0.16 -3.75 12.52
C GLU A 256 -1.51 -4.43 12.72
N GLY A 257 -1.76 -5.53 12.02
CA GLY A 257 -3.01 -6.24 12.18
C GLY A 257 -3.17 -6.86 13.55
N ALA A 258 -2.09 -7.39 14.12
CA ALA A 258 -2.16 -7.95 15.47
C ALA A 258 -2.49 -6.87 16.50
N VAL A 259 -1.87 -5.70 16.36
CA VAL A 259 -2.17 -4.59 17.25
C VAL A 259 -3.61 -4.12 17.07
N HIS A 260 -4.08 -4.13 15.81
CA HIS A 260 -5.48 -3.80 15.55
C HIS A 260 -6.41 -4.77 16.26
N THR A 261 -6.08 -6.07 16.21
CA THR A 261 -6.90 -7.08 16.87
C THR A 261 -6.90 -6.86 18.38
N ALA A 262 -5.72 -6.60 18.96
CA ALA A 262 -5.64 -6.38 20.39
C ALA A 262 -6.29 -5.07 20.82
N LEU A 263 -6.53 -4.16 19.87
CA LEU A 263 -7.12 -2.86 20.15
C LEU A 263 -8.63 -2.83 20.03
N ALA A 264 -9.26 -3.98 19.78
CA ALA A 264 -10.71 -4.02 19.63
C ALA A 264 -11.39 -3.61 20.93
N GLY A 265 -12.35 -2.69 20.82
CA GLY A 265 -13.07 -2.17 21.95
C GLY A 265 -12.49 -0.92 22.58
N ALA A 266 -11.24 -0.60 22.27
CA ALA A 266 -10.60 0.59 22.85
C ALA A 266 -11.26 1.86 22.33
N LEU A 267 -11.31 2.88 23.19
CA LEU A 267 -11.87 4.17 22.80
C LEU A 267 -11.07 4.75 21.64
N GLU A 268 -11.77 5.28 20.65
CA GLU A 268 -11.14 5.85 19.47
C GLU A 268 -11.08 7.37 19.59
N ALA A 269 -10.05 7.95 18.98
CA ALA A 269 -9.81 9.39 19.04
C ALA A 269 -9.35 9.89 17.69
N GLU A 270 -9.11 11.20 17.60
CA GLU A 270 -8.70 11.82 16.34
C GLU A 270 -7.62 12.87 16.58
N MET A 271 -7.03 13.34 15.49
CA MET A 271 -6.10 14.46 15.48
C MET A 271 -6.75 15.67 14.84
N ASP A 272 -6.56 16.83 15.44
CA ASP A 272 -6.86 18.11 14.82
C ASP A 272 -5.71 19.06 15.16
N GLY A 273 -4.81 19.27 14.20
CA GLY A 273 -3.75 20.23 14.35
C GLY A 273 -2.84 19.98 15.55
N ALA A 274 -2.36 18.76 15.69
CA ALA A 274 -1.57 18.33 16.84
C ALA A 274 -2.32 18.47 18.15
N LYS A 275 -3.65 18.43 18.10
CA LYS A 275 -4.48 18.40 19.30
C LYS A 275 -5.29 17.12 19.27
N GLY A 276 -5.18 16.33 20.34
CA GLY A 276 -5.98 15.13 20.44
C GLY A 276 -7.45 15.47 20.62
N ARG A 277 -8.31 14.67 19.98
CA ARG A 277 -9.74 14.93 19.94
C ARG A 277 -10.46 13.70 20.46
N LEU A 278 -11.19 13.87 21.56
CA LEU A 278 -11.86 12.76 22.25
C LEU A 278 -13.36 12.95 22.18
N SER A 279 -14.08 11.83 22.36
CA SER A 279 -15.54 11.83 22.24
C SER A 279 -16.21 10.94 23.29
N SER A 280 -15.62 10.79 24.48
CA SER A 280 -16.10 9.81 25.44
C SER A 280 -16.36 10.36 26.84
N GLY A 281 -16.13 11.65 27.08
CA GLY A 281 -16.25 12.17 28.43
C GLY A 281 -17.65 12.64 28.80
N HIS A 282 -17.78 13.03 30.06
CA HIS A 282 -18.98 13.66 30.60
C HIS A 282 -18.58 14.94 31.32
N LEU A 283 -19.40 15.98 31.21
CA LEU A 283 -19.06 17.29 31.72
C LEU A 283 -20.24 17.89 32.46
N LYS A 284 -20.10 18.10 33.77
CA LYS A 284 -21.15 18.70 34.59
C LYS A 284 -20.94 20.21 34.63
N CYS A 285 -21.97 20.96 34.24
CA CYS A 285 -21.93 22.42 34.22
C CYS A 285 -23.08 22.99 35.01
N ARG A 286 -22.79 24.02 35.79
CA ARG A 286 -23.80 24.79 36.50
C ARG A 286 -24.02 26.11 35.75
N LEU A 287 -25.27 26.37 35.42
CA LEU A 287 -25.72 27.57 34.72
C LEU A 287 -26.16 28.62 35.73
N LYS A 288 -25.59 29.80 35.60
CA LYS A 288 -26.03 31.00 36.31
C LYS A 288 -26.85 31.83 35.34
N MET A 289 -28.15 31.96 35.60
CA MET A 289 -29.09 32.53 34.66
C MET A 289 -29.73 33.83 35.14
N ASP A 290 -29.19 34.45 36.20
CA ASP A 290 -29.79 35.67 36.73
C ASP A 290 -29.71 36.81 35.74
N LYS A 291 -28.79 36.74 34.78
CA LYS A 291 -28.65 37.77 33.76
C LYS A 291 -29.35 37.41 32.45
N LEU A 292 -30.14 36.34 32.42
CA LEU A 292 -30.85 35.93 31.22
C LEU A 292 -32.25 36.53 31.23
N ARG A 293 -32.68 37.05 30.08
CA ARG A 293 -33.95 37.74 29.96
C ARG A 293 -34.68 37.31 28.70
N LEU A 294 -36.02 37.31 28.77
CA LEU A 294 -36.82 37.24 27.57
C LEU A 294 -36.90 38.62 26.92
N LYS A 295 -37.25 38.64 25.64
CA LYS A 295 -37.24 39.90 24.90
C LYS A 295 -38.65 40.43 24.63
N GLY A 296 -39.50 39.63 24.01
CA GLY A 296 -40.79 40.12 23.58
C GLY A 296 -41.93 39.91 24.55
N VAL A 297 -41.68 40.15 25.83
CA VAL A 297 -42.70 39.93 26.85
C VAL A 297 -43.88 40.86 26.65
N SER A 298 -43.61 42.13 26.33
CA SER A 298 -44.64 43.14 26.21
C SER A 298 -45.15 43.33 24.79
N TYR A 299 -44.76 42.45 23.87
CA TYR A 299 -45.30 42.50 22.52
C TYR A 299 -46.80 42.24 22.54
N SER A 300 -47.52 42.87 21.61
CA SER A 300 -48.92 42.55 21.42
C SER A 300 -49.05 41.20 20.71
N LEU A 301 -50.19 40.55 20.92
CA LEU A 301 -50.45 39.28 20.27
C LEU A 301 -50.59 39.47 18.76
N CYS A 302 -50.11 38.49 18.00
CA CYS A 302 -50.34 38.47 16.57
C CYS A 302 -51.83 38.25 16.31
N THR A 303 -52.42 39.11 15.47
CA THR A 303 -53.86 39.08 15.26
C THR A 303 -54.27 38.53 13.89
N ALA A 304 -53.34 38.39 12.95
CA ALA A 304 -53.67 37.87 11.64
C ALA A 304 -53.72 36.34 11.69
N ALA A 305 -53.90 35.72 10.52
CA ALA A 305 -54.14 34.28 10.47
C ALA A 305 -52.84 33.50 10.37
N PHE A 306 -52.77 32.40 11.12
CA PHE A 306 -51.69 31.44 11.04
C PHE A 306 -52.15 30.24 10.22
N THR A 307 -51.24 29.68 9.44
CA THR A 307 -51.52 28.48 8.66
C THR A 307 -50.44 27.44 8.90
N PHE A 308 -50.84 26.18 9.05
CA PHE A 308 -49.85 25.11 9.14
C PHE A 308 -49.25 24.86 7.77
N THR A 309 -47.93 25.03 7.66
CA THR A 309 -47.21 24.70 6.44
C THR A 309 -46.72 23.27 6.43
N LYS A 310 -46.86 22.55 7.54
CA LYS A 310 -46.33 21.20 7.68
C LYS A 310 -47.21 20.44 8.65
N ILE A 311 -47.32 19.14 8.44
CA ILE A 311 -48.04 18.29 9.38
C ILE A 311 -47.19 18.20 10.64
N PRO A 312 -47.74 18.47 11.82
CA PRO A 312 -46.94 18.38 13.04
C PRO A 312 -46.37 16.99 13.23
N ALA A 313 -45.15 16.92 13.77
CA ALA A 313 -44.41 15.68 13.88
C ALA A 313 -44.05 15.43 15.34
N GLU A 314 -44.02 14.15 15.72
CA GLU A 314 -43.63 13.75 17.06
C GLU A 314 -42.15 13.39 17.06
N THR A 315 -41.41 13.95 18.02
CA THR A 315 -39.99 13.65 18.15
C THR A 315 -39.80 12.38 18.98
N LEU A 316 -38.53 12.00 19.18
CA LEU A 316 -38.24 10.76 19.88
C LEU A 316 -38.63 10.82 21.34
N HIS A 317 -38.78 12.02 21.89
CA HIS A 317 -39.07 12.19 23.31
C HIS A 317 -40.52 12.54 23.60
N GLY A 318 -41.39 12.48 22.60
CA GLY A 318 -42.80 12.76 22.79
C GLY A 318 -43.21 14.19 22.66
N THR A 319 -42.32 15.08 22.23
CA THR A 319 -42.68 16.46 21.98
C THR A 319 -43.22 16.60 20.55
N VAL A 320 -43.79 17.75 20.25
CA VAL A 320 -44.38 17.99 18.93
C VAL A 320 -43.75 19.25 18.34
N THR A 321 -43.38 19.17 17.06
CA THR A 321 -42.86 20.30 16.31
C THR A 321 -43.91 20.75 15.31
N VAL A 322 -44.12 22.06 15.21
CA VAL A 322 -45.16 22.65 14.37
C VAL A 322 -44.55 23.82 13.61
N GLU A 323 -44.66 23.79 12.29
CA GLU A 323 -44.23 24.91 11.46
C GLU A 323 -45.46 25.70 11.02
N VAL A 324 -45.43 27.01 11.23
CA VAL A 324 -46.56 27.87 10.92
C VAL A 324 -46.11 29.02 10.04
N GLN A 325 -47.08 29.59 9.34
CA GLN A 325 -46.88 30.74 8.46
C GLN A 325 -47.84 31.83 8.91
N TYR A 326 -47.29 33.03 9.10
CA TYR A 326 -48.06 34.20 9.51
C TYR A 326 -48.22 35.12 8.30
N ALA A 327 -49.46 35.49 8.00
CA ALA A 327 -49.75 36.37 6.88
C ALA A 327 -49.78 37.82 7.31
N GLY A 328 -49.52 38.07 8.60
CA GLY A 328 -49.63 39.42 9.12
C GLY A 328 -48.42 40.28 8.80
N THR A 329 -48.64 41.59 8.80
CA THR A 329 -47.54 42.52 8.60
C THR A 329 -47.22 43.28 9.89
N ASP A 330 -48.19 43.34 10.80
CA ASP A 330 -48.05 44.07 12.06
C ASP A 330 -47.15 43.27 12.99
N GLY A 331 -45.88 43.66 13.07
CA GLY A 331 -44.92 42.98 13.91
C GLY A 331 -43.89 43.93 14.47
N PRO A 332 -43.05 43.45 15.40
CA PRO A 332 -43.07 42.07 15.90
C PRO A 332 -44.20 41.82 16.89
N CYS A 333 -44.65 40.57 16.98
CA CYS A 333 -45.79 40.24 17.81
C CYS A 333 -45.58 38.86 18.42
N LYS A 334 -46.32 38.60 19.50
CA LYS A 334 -46.31 37.29 20.14
C LYS A 334 -47.36 36.40 19.48
N VAL A 335 -46.93 35.21 19.07
CA VAL A 335 -47.83 34.23 18.48
C VAL A 335 -48.49 33.45 19.63
N PRO A 336 -49.82 33.40 19.68
CA PRO A 336 -50.47 32.52 20.66
C PRO A 336 -50.27 31.06 20.26
N ALA A 337 -49.69 30.29 21.16
CA ALA A 337 -49.39 28.90 20.90
C ALA A 337 -49.51 28.11 22.19
N GLN A 338 -50.36 27.08 22.19
CA GLN A 338 -50.55 26.30 23.40
C GLN A 338 -51.14 24.94 23.05
N MET A 339 -51.27 24.11 24.08
CA MET A 339 -52.03 22.87 24.04
C MET A 339 -53.27 23.05 24.90
N ALA A 340 -54.42 22.65 24.38
CA ALA A 340 -55.68 22.80 25.07
C ALA A 340 -56.47 21.51 25.06
N VAL A 341 -57.19 21.25 26.14
CA VAL A 341 -58.12 20.14 26.22
C VAL A 341 -59.56 20.64 26.27
N ASP A 342 -59.83 21.65 27.10
CA ASP A 342 -61.14 22.29 27.14
C ASP A 342 -61.15 23.39 26.08
N MET A 343 -61.92 23.18 25.02
CA MET A 343 -61.83 24.04 23.85
C MET A 343 -62.58 25.36 24.00
N GLN A 344 -63.40 25.50 25.04
CA GLN A 344 -64.09 26.77 25.24
C GLN A 344 -63.28 27.70 26.13
N THR A 345 -62.87 27.24 27.31
CA THR A 345 -62.05 28.06 28.19
C THR A 345 -60.61 28.18 27.70
N LEU A 346 -60.16 27.25 26.86
CA LEU A 346 -58.80 27.25 26.32
C LEU A 346 -57.75 27.31 27.42
N THR A 347 -57.99 26.59 28.51
CA THR A 347 -57.03 26.50 29.58
C THR A 347 -55.75 25.83 29.09
N PRO A 348 -54.59 26.47 29.24
CA PRO A 348 -53.35 25.87 28.77
C PRO A 348 -53.06 24.56 29.48
N VAL A 349 -52.57 23.59 28.72
CA VAL A 349 -52.19 22.29 29.25
C VAL A 349 -50.86 21.91 28.63
N GLY A 350 -50.16 20.99 29.30
CA GLY A 350 -48.85 20.59 28.82
C GLY A 350 -47.82 21.68 29.07
N ARG A 351 -46.85 21.77 28.16
CA ARG A 351 -45.74 22.70 28.30
C ARG A 351 -45.35 23.25 26.94
N LEU A 352 -44.86 24.48 26.93
CA LEU A 352 -44.39 25.14 25.71
C LEU A 352 -42.88 25.26 25.78
N ILE A 353 -42.18 24.36 25.10
CA ILE A 353 -40.72 24.33 25.18
C ILE A 353 -40.10 25.57 24.54
N THR A 354 -40.57 25.97 23.37
CA THR A 354 -40.13 27.21 22.73
C THR A 354 -40.78 28.37 23.48
N ALA A 355 -40.02 29.01 24.36
CA ALA A 355 -40.56 30.01 25.26
C ALA A 355 -40.72 31.36 24.56
N ASN A 356 -41.84 32.02 24.84
CA ASN A 356 -42.21 33.33 24.30
C ASN A 356 -42.00 33.39 22.80
N PRO A 357 -42.76 32.63 22.01
CA PRO A 357 -42.58 32.66 20.56
C PRO A 357 -43.00 34.01 19.98
N VAL A 358 -42.23 34.49 19.02
CA VAL A 358 -42.46 35.79 18.40
C VAL A 358 -42.16 35.71 16.91
N ILE A 359 -42.81 36.60 16.16
CA ILE A 359 -42.52 36.80 14.75
C ILE A 359 -41.67 38.06 14.64
N THR A 360 -40.42 37.90 14.20
CA THR A 360 -39.50 39.03 14.13
C THR A 360 -39.53 39.73 12.79
N GLU A 361 -40.23 39.19 11.81
CA GLU A 361 -40.26 39.77 10.47
C GLU A 361 -41.47 40.67 10.29
N SER A 362 -41.25 41.83 9.67
CA SER A 362 -42.32 42.75 9.34
C SER A 362 -43.00 42.42 8.03
N THR A 363 -42.43 41.50 7.24
CA THR A 363 -42.99 41.13 5.96
C THR A 363 -44.17 40.17 6.13
N GLU A 364 -44.93 40.00 5.05
CA GLU A 364 -46.03 39.06 5.04
C GLU A 364 -45.53 37.64 4.82
N ASN A 365 -46.27 36.69 5.38
CA ASN A 365 -46.04 35.26 5.20
C ASN A 365 -44.63 34.87 5.68
N SER A 366 -44.42 35.04 6.98
CA SER A 366 -43.19 34.61 7.62
C SER A 366 -43.41 33.25 8.29
N LYS A 367 -42.44 32.37 8.15
CA LYS A 367 -42.54 31.00 8.65
C LYS A 367 -41.71 30.85 9.92
N MET A 368 -42.19 30.00 10.83
CA MET A 368 -41.53 29.80 12.10
C MET A 368 -41.90 28.45 12.69
N MET A 369 -40.96 27.86 13.43
CA MET A 369 -41.11 26.53 14.00
C MET A 369 -41.25 26.61 15.52
N LEU A 370 -42.13 25.79 16.06
CA LEU A 370 -42.45 25.72 17.48
C LEU A 370 -42.27 24.30 17.99
N GLU A 371 -41.87 24.18 19.26
CA GLU A 371 -41.83 22.90 19.95
C GLU A 371 -42.71 22.97 21.18
N LEU A 372 -43.51 21.94 21.40
CA LEU A 372 -44.42 21.85 22.53
C LEU A 372 -44.28 20.50 23.20
N ASP A 373 -44.57 20.48 24.50
CA ASP A 373 -44.55 19.26 25.32
C ASP A 373 -46.00 18.94 25.67
N PRO A 374 -46.66 18.10 24.89
CA PRO A 374 -48.10 17.86 25.09
C PRO A 374 -48.34 16.99 26.29
N PRO A 375 -49.56 17.00 26.82
CA PRO A 375 -49.92 16.05 27.88
C PRO A 375 -50.26 14.69 27.30
N PHE A 376 -50.32 13.70 28.19
CA PHE A 376 -50.75 12.37 27.79
C PHE A 376 -52.26 12.35 27.57
N GLY A 377 -52.70 11.60 26.58
CA GLY A 377 -54.08 11.61 26.17
C GLY A 377 -54.37 12.74 25.21
N ASP A 378 -55.53 12.65 24.56
CA ASP A 378 -55.84 13.53 23.45
C ASP A 378 -55.85 14.99 23.89
N SER A 379 -55.37 15.86 22.99
CA SER A 379 -55.34 17.29 23.23
C SER A 379 -55.37 17.98 21.86
N TYR A 380 -55.24 19.31 21.87
CA TYR A 380 -55.23 20.07 20.63
C TYR A 380 -54.11 21.09 20.66
N ILE A 381 -53.36 21.16 19.56
CA ILE A 381 -52.44 22.26 19.30
C ILE A 381 -53.26 23.45 18.84
N VAL A 382 -53.13 24.57 19.53
CA VAL A 382 -53.87 25.79 19.23
C VAL A 382 -52.87 26.89 18.91
N ILE A 383 -52.96 27.44 17.70
CA ILE A 383 -52.11 28.54 17.26
C ILE A 383 -53.00 29.72 16.94
N GLY A 384 -52.59 30.91 17.40
CA GLY A 384 -53.36 32.11 17.17
C GLY A 384 -54.48 32.28 18.19
N VAL A 385 -55.18 33.41 18.06
CA VAL A 385 -56.25 33.78 18.98
C VAL A 385 -57.43 34.29 18.18
N GLY A 386 -58.61 34.25 18.81
CA GLY A 386 -59.81 34.75 18.17
C GLY A 386 -60.40 33.75 17.20
N GLU A 387 -61.14 34.26 16.22
CA GLU A 387 -61.77 33.43 15.21
C GLU A 387 -60.79 32.95 14.15
N LYS A 388 -59.57 33.50 14.12
CA LYS A 388 -58.55 33.10 13.16
C LYS A 388 -57.63 32.01 13.70
N LYS A 389 -57.90 31.49 14.89
CA LYS A 389 -57.06 30.47 15.49
C LYS A 389 -57.20 29.15 14.73
N ILE A 390 -56.10 28.42 14.66
CA ILE A 390 -56.06 27.11 14.02
C ILE A 390 -55.83 26.05 15.09
N THR A 391 -56.44 24.88 14.86
CA THR A 391 -56.52 23.82 15.84
C THR A 391 -56.15 22.50 15.17
N HIS A 392 -55.36 21.67 15.85
CA HIS A 392 -54.97 20.37 15.32
C HIS A 392 -54.98 19.33 16.42
N HIS A 393 -55.62 18.19 16.16
CA HIS A 393 -55.75 17.13 17.15
C HIS A 393 -54.42 16.41 17.36
N TRP A 394 -54.14 16.04 18.61
CA TRP A 394 -52.91 15.36 18.98
C TRP A 394 -53.23 14.32 20.04
N HIS A 395 -52.35 13.32 20.18
CA HIS A 395 -52.66 12.14 20.99
C HIS A 395 -51.87 12.07 22.29
N ARG A 396 -50.55 12.07 22.28
CA ARG A 396 -49.83 11.78 23.51
C ARG A 396 -48.41 12.36 23.46
N SER A 397 -47.75 12.30 24.62
CA SER A 397 -46.36 12.71 24.75
C SER A 397 -45.42 11.51 24.70
N ILE B 1 9.38 -5.43 -22.81
CA ILE B 1 9.80 -5.11 -24.17
C ILE B 1 11.12 -5.81 -24.42
N ARG B 2 12.14 -5.43 -23.65
CA ARG B 2 13.36 -6.22 -23.60
C ARG B 2 13.15 -7.47 -22.76
N CYS B 3 12.26 -7.40 -21.76
CA CYS B 3 12.06 -8.47 -20.81
C CYS B 3 10.97 -9.46 -21.24
N ILE B 4 10.13 -9.06 -22.20
CA ILE B 4 8.89 -9.79 -22.46
C ILE B 4 9.17 -11.18 -23.01
N GLY B 5 10.20 -11.32 -23.84
CA GLY B 5 10.47 -12.60 -24.47
C GLY B 5 11.21 -13.62 -23.63
N VAL B 6 11.64 -13.27 -22.42
CA VAL B 6 12.42 -14.16 -21.57
C VAL B 6 11.49 -15.14 -20.88
N SER B 7 11.87 -16.42 -20.89
CA SER B 7 11.03 -17.44 -20.28
C SER B 7 11.03 -17.33 -18.76
N ASN B 8 12.21 -17.15 -18.16
CA ASN B 8 12.33 -17.05 -16.71
C ASN B 8 12.22 -15.58 -16.34
N ARG B 9 10.98 -15.09 -16.29
CA ARG B 9 10.71 -13.68 -16.01
C ARG B 9 9.89 -13.60 -14.73
N ASP B 10 10.39 -12.85 -13.76
CA ASP B 10 9.74 -12.72 -12.46
C ASP B 10 8.97 -11.41 -12.39
N PHE B 11 7.74 -11.49 -11.88
CA PHE B 11 6.90 -10.32 -11.63
C PHE B 11 6.89 -10.04 -10.14
N VAL B 12 7.37 -8.86 -9.74
CA VAL B 12 7.47 -8.48 -8.34
C VAL B 12 6.61 -7.24 -8.12
N GLU B 13 5.75 -7.29 -7.11
CA GLU B 13 4.88 -6.18 -6.77
C GLU B 13 5.45 -5.43 -5.57
N GLY B 14 5.53 -4.11 -5.69
CA GLY B 14 5.99 -3.30 -4.58
C GLY B 14 4.91 -3.15 -3.53
N MET B 15 5.35 -2.95 -2.28
CA MET B 15 4.42 -2.74 -1.19
C MET B 15 3.75 -1.39 -1.33
N SER B 16 2.44 -1.35 -1.03
CA SER B 16 1.71 -0.09 -1.13
C SER B 16 2.24 0.94 -0.14
N GLY B 17 2.54 0.52 1.09
CA GLY B 17 3.16 1.42 2.04
C GLY B 17 4.67 1.36 2.07
N GLY B 18 5.25 0.39 1.36
CA GLY B 18 6.68 0.19 1.35
C GLY B 18 7.40 1.12 0.39
N THR B 19 8.73 0.99 0.39
CA THR B 19 9.58 1.86 -0.41
C THR B 19 10.66 1.12 -1.18
N TRP B 20 10.92 -0.14 -0.87
CA TRP B 20 11.96 -0.91 -1.55
C TRP B 20 11.39 -2.27 -1.95
N VAL B 21 12.18 -3.01 -2.72
CA VAL B 21 11.76 -4.29 -3.27
C VAL B 21 12.96 -5.24 -3.24
N ASP B 22 12.70 -6.51 -3.00
CA ASP B 22 13.76 -7.53 -3.03
C ASP B 22 13.66 -8.34 -4.32
N VAL B 23 14.76 -8.44 -5.05
CA VAL B 23 14.81 -9.15 -6.33
C VAL B 23 15.97 -10.12 -6.34
N VAL B 24 15.86 -11.14 -7.18
CA VAL B 24 16.93 -12.10 -7.44
C VAL B 24 17.16 -12.13 -8.94
N LEU B 25 18.33 -11.69 -9.37
CA LEU B 25 18.64 -11.57 -10.79
C LEU B 25 19.43 -12.79 -11.24
N GLU B 26 18.92 -13.49 -12.24
CA GLU B 26 19.58 -14.62 -12.86
C GLU B 26 20.10 -14.21 -14.24
N HIS B 27 21.16 -14.88 -14.69
CA HIS B 27 21.80 -14.49 -15.94
C HIS B 27 20.87 -14.66 -17.13
N GLY B 28 20.13 -15.76 -17.18
CA GLY B 28 19.24 -15.99 -18.30
C GLY B 28 17.95 -15.18 -18.27
N GLY B 29 17.56 -14.71 -17.10
CA GLY B 29 16.26 -14.07 -16.96
C GLY B 29 16.29 -12.57 -16.74
N CYS B 30 15.24 -12.07 -16.09
CA CYS B 30 15.07 -10.66 -15.78
C CYS B 30 13.88 -10.53 -14.84
N VAL B 31 13.76 -9.37 -14.19
CA VAL B 31 12.71 -9.13 -13.22
C VAL B 31 11.94 -7.88 -13.61
N THR B 32 10.62 -7.98 -13.64
CA THR B 32 9.74 -6.84 -13.89
C THR B 32 9.09 -6.43 -12.58
N VAL B 33 9.30 -5.18 -12.19
CA VAL B 33 8.85 -4.67 -10.90
C VAL B 33 7.80 -3.59 -11.16
N MET B 34 6.63 -3.77 -10.53
CA MET B 34 5.50 -2.87 -10.66
C MET B 34 5.14 -2.34 -9.28
N ALA B 35 5.02 -1.01 -9.18
CA ALA B 35 4.61 -0.36 -7.95
C ALA B 35 3.55 0.68 -8.25
N GLN B 36 2.68 0.91 -7.27
CA GLN B 36 1.60 1.86 -7.44
C GLN B 36 2.17 3.28 -7.57
N ASP B 37 1.65 4.03 -8.54
CA ASP B 37 2.05 5.42 -8.78
C ASP B 37 3.53 5.52 -9.15
N LYS B 38 4.09 4.44 -9.69
CA LYS B 38 5.47 4.39 -10.14
C LYS B 38 5.53 3.75 -11.52
N PRO B 39 6.51 4.13 -12.32
CA PRO B 39 6.72 3.44 -13.61
C PRO B 39 7.24 2.02 -13.40
N THR B 40 6.89 1.15 -14.35
CA THR B 40 7.32 -0.24 -14.28
C THR B 40 8.79 -0.34 -14.70
N VAL B 41 9.54 -1.17 -13.98
CA VAL B 41 10.99 -1.25 -14.15
C VAL B 41 11.39 -2.67 -14.53
N ASP B 42 12.36 -2.78 -15.44
CA ASP B 42 12.96 -4.06 -15.81
C ASP B 42 14.39 -4.08 -15.35
N ILE B 43 14.77 -5.10 -14.59
CA ILE B 43 16.12 -5.24 -14.06
C ILE B 43 16.68 -6.58 -14.53
N GLU B 44 17.82 -6.52 -15.20
CA GLU B 44 18.42 -7.71 -15.80
C GLU B 44 19.90 -7.79 -15.44
N LEU B 45 20.35 -8.98 -15.06
CA LEU B 45 21.77 -9.24 -14.89
C LEU B 45 22.38 -9.53 -16.26
N VAL B 46 23.31 -8.69 -16.71
CA VAL B 46 23.76 -8.76 -18.10
C VAL B 46 25.05 -9.56 -18.18
N THR B 47 26.09 -9.14 -17.45
CA THR B 47 27.37 -9.84 -17.44
C THR B 47 27.90 -10.00 -16.03
N THR B 48 28.61 -11.11 -15.82
CA THR B 48 29.53 -11.28 -14.69
C THR B 48 30.93 -11.32 -15.27
N THR B 49 31.80 -10.42 -14.80
CA THR B 49 33.14 -10.28 -15.34
C THR B 49 34.18 -10.53 -14.25
N VAL B 50 35.19 -11.32 -14.57
CA VAL B 50 36.31 -11.56 -13.66
C VAL B 50 37.60 -11.16 -14.37
N SER B 51 38.39 -10.31 -13.72
CA SER B 51 39.58 -9.75 -14.33
C SER B 51 40.76 -9.87 -13.39
N ASN B 52 41.96 -9.87 -13.97
CA ASN B 52 43.23 -9.90 -13.24
C ASN B 52 43.29 -11.12 -12.31
N MET B 53 43.02 -12.28 -12.90
CA MET B 53 43.06 -13.54 -12.16
C MET B 53 44.50 -13.99 -11.97
N ALA B 54 44.79 -14.53 -10.78
CA ALA B 54 46.14 -14.98 -10.47
C ALA B 54 46.39 -16.34 -11.11
N GLU B 55 47.63 -16.58 -11.54
CA GLU B 55 48.00 -17.88 -12.09
C GLU B 55 48.39 -18.81 -10.95
N VAL B 56 47.70 -19.93 -10.81
CA VAL B 56 47.96 -20.84 -9.70
C VAL B 56 48.78 -22.04 -10.14
N ARG B 57 48.35 -22.73 -11.20
CA ARG B 57 49.02 -23.96 -11.62
C ARG B 57 48.68 -24.22 -13.08
N SER B 58 49.64 -24.79 -13.79
CA SER B 58 49.47 -25.17 -15.18
C SER B 58 49.73 -26.66 -15.32
N TYR B 59 48.83 -27.34 -16.02
CA TYR B 59 48.92 -28.78 -16.23
C TYR B 59 49.22 -29.07 -17.69
N CYS B 60 50.30 -29.80 -17.93
CA CYS B 60 50.66 -30.24 -19.28
C CYS B 60 49.78 -31.43 -19.66
N TYR B 61 49.02 -31.30 -20.75
CA TYR B 61 48.25 -32.42 -21.26
C TYR B 61 48.80 -32.96 -22.57
N GLU B 62 49.82 -32.33 -23.15
CA GLU B 62 50.47 -32.89 -24.33
C GLU B 62 51.93 -32.48 -24.34
N ALA B 63 52.82 -33.47 -24.42
CA ALA B 63 54.26 -33.24 -24.33
C ALA B 63 54.97 -34.12 -25.34
N SER B 64 56.27 -33.86 -25.51
CA SER B 64 57.11 -34.61 -26.43
C SER B 64 58.41 -34.95 -25.73
N ILE B 65 59.18 -35.86 -26.34
CA ILE B 65 60.40 -36.37 -25.73
C ILE B 65 61.53 -36.30 -26.76
N SER B 66 62.75 -36.11 -26.26
CA SER B 66 63.95 -36.06 -27.08
C SER B 66 65.16 -36.35 -26.20
N ASP B 67 66.33 -36.46 -26.85
CA ASP B 67 67.62 -36.59 -26.17
C ASP B 67 67.63 -37.78 -25.21
N MET B 68 67.13 -38.91 -25.68
CA MET B 68 67.07 -40.11 -24.86
C MET B 68 68.43 -40.79 -24.82
N ALA B 69 68.90 -41.08 -23.61
CA ALA B 69 70.21 -41.68 -23.41
C ALA B 69 70.11 -42.76 -22.34
N SER B 70 71.04 -43.72 -22.43
CA SER B 70 71.11 -44.83 -21.49
C SER B 70 72.54 -45.01 -21.00
N ASP B 71 72.67 -45.44 -19.74
CA ASP B 71 73.94 -45.84 -19.18
C ASP B 71 73.75 -47.16 -18.44
N SER B 72 74.72 -48.06 -18.59
CA SER B 72 74.64 -49.38 -17.99
C SER B 72 75.95 -49.71 -17.31
N ARG B 73 75.84 -50.44 -16.19
CA ARG B 73 76.99 -50.92 -15.44
C ARG B 73 76.79 -52.39 -15.11
N CYS B 74 77.86 -53.16 -15.27
CA CYS B 74 77.83 -54.58 -14.94
C CYS B 74 77.65 -54.77 -13.43
N PRO B 75 77.22 -55.95 -13.00
CA PRO B 75 77.05 -56.19 -11.57
C PRO B 75 78.35 -55.96 -10.80
N THR B 76 78.22 -55.38 -9.60
CA THR B 76 79.29 -55.06 -8.67
C THR B 76 80.25 -54.01 -9.22
N GLN B 77 79.98 -53.42 -10.38
CA GLN B 77 80.85 -52.40 -10.96
C GLN B 77 80.32 -50.99 -10.75
N GLY B 78 79.27 -50.82 -9.96
CA GLY B 78 78.73 -49.50 -9.65
C GLY B 78 77.36 -49.28 -10.25
N GLU B 79 76.81 -48.12 -9.95
CA GLU B 79 75.51 -47.72 -10.45
C GLU B 79 75.65 -46.83 -11.67
N ALA B 80 74.68 -46.94 -12.58
CA ALA B 80 74.73 -46.16 -13.81
C ALA B 80 74.53 -44.68 -13.52
N TYR B 81 75.15 -43.85 -14.36
CA TYR B 81 75.06 -42.41 -14.21
C TYR B 81 75.09 -41.75 -15.59
N LEU B 82 74.30 -40.70 -15.74
CA LEU B 82 74.34 -39.85 -16.93
C LEU B 82 74.34 -38.39 -16.49
N ASP B 83 74.88 -37.52 -17.34
CA ASP B 83 74.89 -36.10 -17.01
C ASP B 83 73.49 -35.51 -17.11
N LYS B 84 72.64 -36.06 -17.98
CA LYS B 84 71.25 -35.64 -18.04
C LYS B 84 70.49 -35.94 -16.76
N GLN B 85 70.98 -36.85 -15.92
CA GLN B 85 70.40 -37.07 -14.61
C GLN B 85 70.49 -35.85 -13.71
N SER B 86 71.46 -34.97 -13.96
CA SER B 86 71.66 -33.75 -13.15
C SER B 86 70.91 -32.61 -13.84
N ASP B 87 69.61 -32.77 -14.01
CA ASP B 87 68.80 -31.73 -14.65
C ASP B 87 67.32 -31.93 -14.32
N THR B 88 66.60 -30.81 -14.18
CA THR B 88 65.17 -30.85 -13.91
C THR B 88 64.33 -30.86 -15.18
N GLN B 89 64.97 -30.72 -16.35
CA GLN B 89 64.25 -30.79 -17.62
C GLN B 89 64.17 -32.20 -18.16
N TYR B 90 64.80 -33.18 -17.50
CA TYR B 90 64.86 -34.55 -17.96
C TYR B 90 64.09 -35.46 -17.03
N VAL B 91 63.41 -36.45 -17.60
CA VAL B 91 62.77 -37.52 -16.86
C VAL B 91 63.70 -38.72 -16.87
N CYS B 92 63.91 -39.31 -15.70
CA CYS B 92 65.00 -40.26 -15.49
C CYS B 92 64.45 -41.51 -14.81
N LYS B 93 65.04 -42.65 -15.14
CA LYS B 93 64.56 -43.92 -14.61
C LYS B 93 65.72 -44.86 -14.32
N ARG B 94 65.67 -45.52 -13.17
CA ARG B 94 66.70 -46.45 -12.72
C ARG B 94 66.11 -47.84 -12.55
N THR B 95 66.86 -48.86 -12.97
CA THR B 95 66.42 -50.24 -12.88
C THR B 95 67.61 -51.16 -12.72
N LEU B 96 67.32 -52.40 -12.32
CA LEU B 96 68.27 -53.50 -12.36
C LEU B 96 67.88 -54.46 -13.47
N VAL B 97 68.85 -54.84 -14.29
CA VAL B 97 68.60 -55.68 -15.45
C VAL B 97 69.55 -56.87 -15.41
N ASP B 98 69.08 -58.02 -15.87
CA ASP B 98 69.90 -59.22 -15.91
C ASP B 98 71.10 -59.01 -16.82
N ARG B 99 72.28 -59.39 -16.33
CA ARG B 99 73.53 -59.27 -17.08
C ARG B 99 74.27 -60.59 -17.01
N GLY B 100 75.16 -60.79 -17.98
CA GLY B 100 75.92 -62.03 -18.03
C GLY B 100 76.91 -62.04 -19.17
N TRP B 101 77.40 -63.24 -19.47
CA TRP B 101 78.42 -63.40 -20.51
C TRP B 101 77.90 -62.98 -21.87
N GLY B 102 76.59 -63.03 -22.09
CA GLY B 102 76.04 -62.64 -23.38
C GLY B 102 76.20 -61.15 -23.66
N ASN B 103 76.08 -60.32 -22.63
CA ASN B 103 76.14 -58.87 -22.79
C ASN B 103 77.42 -58.27 -22.22
N GLY B 104 78.47 -59.06 -22.04
CA GLY B 104 79.78 -58.53 -21.72
C GLY B 104 80.13 -58.38 -20.26
N CYS B 105 79.39 -59.01 -19.35
CA CYS B 105 79.68 -58.94 -17.93
C CYS B 105 80.28 -60.25 -17.44
N GLY B 106 81.20 -60.15 -16.50
CA GLY B 106 81.85 -61.32 -15.93
C GLY B 106 80.95 -62.18 -15.07
N LEU B 107 80.09 -61.55 -14.28
CA LEU B 107 79.15 -62.25 -13.43
C LEU B 107 77.76 -62.24 -14.04
N PHE B 108 76.87 -63.04 -13.45
CA PHE B 108 75.51 -63.21 -13.94
C PHE B 108 74.47 -62.56 -13.05
N GLY B 109 74.83 -61.50 -12.33
CA GLY B 109 73.90 -60.85 -11.42
C GLY B 109 73.12 -59.71 -12.05
N LYS B 110 72.67 -58.77 -11.20
CA LYS B 110 71.89 -57.63 -11.66
C LYS B 110 72.80 -56.43 -11.91
N GLY B 111 72.78 -55.94 -13.14
CA GLY B 111 73.48 -54.71 -13.48
C GLY B 111 72.56 -53.51 -13.37
N SER B 112 73.17 -52.33 -13.30
CA SER B 112 72.45 -51.10 -13.06
C SER B 112 72.23 -50.36 -14.37
N LEU B 113 70.98 -49.99 -14.66
CA LEU B 113 70.61 -49.29 -15.87
C LEU B 113 69.93 -47.98 -15.52
N VAL B 114 70.34 -46.90 -16.18
CA VAL B 114 69.68 -45.61 -16.06
C VAL B 114 69.33 -45.13 -17.46
N THR B 115 68.13 -44.57 -17.60
CA THR B 115 67.63 -44.09 -18.89
C THR B 115 66.95 -42.76 -18.68
N CYS B 116 67.36 -41.75 -19.44
CA CYS B 116 66.88 -40.40 -19.21
C CYS B 116 66.59 -39.71 -20.54
N ALA B 117 65.53 -38.90 -20.53
CA ALA B 117 65.02 -38.29 -21.76
C ALA B 117 64.55 -36.87 -21.49
N LYS B 118 64.72 -35.99 -22.48
CA LYS B 118 64.37 -34.58 -22.36
C LYS B 118 62.86 -34.43 -22.49
N PHE B 119 62.26 -33.67 -21.57
CA PHE B 119 60.81 -33.48 -21.53
C PHE B 119 60.47 -32.04 -21.90
N ALA B 120 59.49 -31.89 -22.79
CA ALA B 120 59.05 -30.57 -23.23
C ALA B 120 57.55 -30.60 -23.48
N CYS B 121 56.83 -29.64 -22.90
CA CYS B 121 55.39 -29.56 -23.07
C CYS B 121 55.03 -28.93 -24.41
N SER B 122 54.12 -29.58 -25.14
CA SER B 122 53.59 -28.98 -26.36
C SER B 122 52.34 -28.16 -26.07
N LYS B 123 51.40 -28.72 -25.31
CA LYS B 123 50.17 -28.04 -24.93
C LYS B 123 49.91 -28.25 -23.44
N LYS B 124 49.60 -27.14 -22.76
CA LYS B 124 49.30 -27.14 -21.34
C LYS B 124 48.04 -26.33 -21.08
N MET B 125 47.39 -26.61 -19.96
CA MET B 125 46.20 -25.90 -19.53
C MET B 125 46.47 -25.15 -18.24
N THR B 126 45.82 -23.99 -18.08
CA THR B 126 46.15 -23.05 -17.02
C THR B 126 45.00 -22.90 -16.04
N GLY B 127 45.33 -22.85 -14.76
CA GLY B 127 44.34 -22.59 -13.73
C GLY B 127 44.59 -21.25 -13.05
N LYS B 128 43.50 -20.53 -12.79
CA LYS B 128 43.59 -19.18 -12.27
C LYS B 128 42.69 -19.03 -11.04
N SER B 129 43.20 -18.31 -10.05
CA SER B 129 42.44 -17.96 -8.86
C SER B 129 41.73 -16.64 -9.08
N ILE B 130 40.45 -16.61 -8.73
CA ILE B 130 39.61 -15.42 -8.85
C ILE B 130 39.24 -14.97 -7.45
N GLN B 131 39.74 -13.83 -7.05
CA GLN B 131 39.45 -13.20 -5.77
C GLN B 131 38.17 -12.36 -5.87
N PRO B 132 37.51 -12.09 -4.76
CA PRO B 132 36.33 -11.21 -4.81
C PRO B 132 36.63 -9.82 -5.34
N GLU B 133 37.85 -9.31 -5.13
CA GLU B 133 38.24 -8.04 -5.72
C GLU B 133 38.27 -8.10 -7.25
N ASN B 134 38.31 -9.30 -7.81
CA ASN B 134 38.29 -9.50 -9.25
C ASN B 134 36.89 -9.63 -9.83
N LEU B 135 35.86 -9.58 -8.99
CA LEU B 135 34.50 -9.80 -9.40
C LEU B 135 33.82 -8.49 -9.77
N GLU B 136 32.93 -8.54 -10.76
CA GLU B 136 32.19 -7.37 -11.20
C GLU B 136 30.92 -7.84 -11.90
N TYR B 137 29.79 -7.26 -11.49
CA TYR B 137 28.48 -7.58 -12.04
C TYR B 137 27.92 -6.35 -12.74
N ARG B 138 27.43 -6.56 -13.96
CA ARG B 138 26.79 -5.47 -14.74
C ARG B 138 25.29 -5.72 -14.79
N ILE B 139 24.51 -4.73 -14.41
CA ILE B 139 23.07 -4.84 -14.30
C ILE B 139 22.42 -3.72 -15.09
N MET B 140 21.43 -4.07 -15.90
CA MET B 140 20.68 -3.11 -16.71
C MET B 140 19.34 -2.83 -16.05
N LEU B 141 19.01 -1.55 -15.90
CA LEU B 141 17.73 -1.12 -15.37
C LEU B 141 17.06 -0.21 -16.39
N SER B 142 15.84 -0.55 -16.77
CA SER B 142 15.16 0.17 -17.84
C SER B 142 13.73 0.47 -17.44
N VAL B 143 13.21 1.60 -17.93
CA VAL B 143 11.79 1.91 -17.80
C VAL B 143 11.01 1.08 -18.80
N HIS B 144 10.02 0.35 -18.32
CA HIS B 144 9.28 -0.60 -19.14
C HIS B 144 8.38 0.16 -20.11
N GLY B 145 8.56 -0.11 -21.41
CA GLY B 145 7.70 0.44 -22.43
C GLY B 145 8.07 1.80 -22.97
N SER B 146 9.25 2.31 -22.63
CA SER B 146 9.68 3.60 -23.17
C SER B 146 9.96 3.50 -24.66
N GLN B 147 9.54 4.51 -25.41
CA GLN B 147 9.81 4.57 -26.85
C GLN B 147 11.03 5.46 -27.06
N HIS B 148 11.96 5.01 -27.90
CA HIS B 148 13.21 5.70 -28.07
C HIS B 148 13.05 6.94 -28.94
N SER B 149 13.82 7.97 -28.63
CA SER B 149 13.86 9.16 -29.47
C SER B 149 14.57 8.85 -30.79
N GLY B 150 14.10 9.47 -31.86
CA GLY B 150 14.67 9.21 -33.17
C GLY B 150 16.07 9.78 -33.31
N MET B 151 16.91 9.07 -34.06
CA MET B 151 18.25 9.51 -34.43
C MET B 151 19.18 9.61 -33.23
N ILE B 152 18.71 9.23 -32.05
CA ILE B 152 19.56 9.26 -30.86
C ILE B 152 19.76 7.86 -30.33
N GLU B 153 21.00 7.40 -30.25
CA GLU B 153 21.20 5.97 -29.84
C GLU B 153 21.46 5.87 -28.33
N THR B 154 21.43 6.99 -27.62
CA THR B 154 21.58 6.95 -26.17
C THR B 154 20.21 7.19 -25.54
N ASP B 155 19.75 6.24 -24.74
CA ASP B 155 18.46 6.32 -24.07
C ASP B 155 18.72 6.67 -22.60
N GLU B 156 18.07 7.75 -22.13
CA GLU B 156 18.18 8.13 -20.73
C GLU B 156 17.28 7.29 -19.83
N ASN B 157 16.34 6.54 -20.40
CA ASN B 157 15.41 5.73 -19.62
C ASN B 157 15.97 4.36 -19.28
N ARG B 158 17.19 4.04 -19.70
CA ARG B 158 17.86 2.81 -19.33
C ARG B 158 19.28 3.12 -18.89
N ALA B 159 19.79 2.29 -17.99
CA ALA B 159 21.09 2.54 -17.37
C ALA B 159 21.79 1.22 -17.11
N LYS B 160 23.07 1.15 -17.49
CA LYS B 160 23.94 0.06 -17.11
C LYS B 160 24.70 0.47 -15.85
N VAL B 161 24.74 -0.43 -14.87
CA VAL B 161 25.37 -0.14 -13.59
C VAL B 161 26.29 -1.30 -13.24
N GLU B 162 27.30 -0.99 -12.43
CA GLU B 162 28.33 -1.96 -12.06
C GLU B 162 28.34 -2.13 -10.55
N ILE B 163 28.65 -3.34 -10.10
CA ILE B 163 28.61 -3.64 -8.68
C ILE B 163 29.68 -4.68 -8.37
N THR B 164 30.30 -4.54 -7.21
CA THR B 164 31.42 -5.40 -6.82
C THR B 164 31.24 -5.87 -5.38
N PRO B 165 31.93 -6.95 -4.97
CA PRO B 165 31.87 -7.33 -3.55
C PRO B 165 32.32 -6.23 -2.61
N ASN B 166 33.26 -5.38 -3.02
CA ASN B 166 33.70 -4.25 -2.22
C ASN B 166 32.86 -3.00 -2.44
N SER B 167 32.02 -2.97 -3.46
CA SER B 167 31.09 -1.87 -3.71
C SER B 167 29.72 -2.44 -4.04
N PRO B 168 29.03 -3.00 -3.04
CA PRO B 168 27.75 -3.68 -3.32
C PRO B 168 26.57 -2.72 -3.48
N ARG B 169 26.79 -1.42 -3.52
CA ARG B 169 25.73 -0.45 -3.69
C ARG B 169 25.97 0.40 -4.93
N ALA B 170 24.88 0.78 -5.58
CA ALA B 170 24.97 1.57 -6.80
C ALA B 170 23.68 2.35 -6.99
N GLU B 171 23.77 3.40 -7.80
CA GLU B 171 22.63 4.25 -8.12
C GLU B 171 22.60 4.50 -9.62
N ALA B 172 21.40 4.40 -10.20
CA ALA B 172 21.21 4.63 -11.63
C ALA B 172 20.23 5.78 -11.84
N THR B 173 20.64 6.76 -12.62
CA THR B 173 19.80 7.91 -12.93
C THR B 173 19.09 7.65 -14.27
N LEU B 174 17.76 7.72 -14.26
CA LEU B 174 16.97 7.43 -15.44
C LEU B 174 16.16 8.67 -15.81
N GLY B 175 16.79 9.59 -16.55
CA GLY B 175 16.15 10.78 -17.07
C GLY B 175 15.18 11.47 -16.14
N GLY B 176 13.99 11.78 -16.65
CA GLY B 176 12.93 12.37 -15.86
C GLY B 176 12.17 11.41 -15.00
N PHE B 177 12.50 10.12 -15.05
CA PHE B 177 11.88 9.12 -14.19
C PHE B 177 12.53 9.06 -12.81
N GLY B 178 13.55 9.85 -12.58
CA GLY B 178 14.18 9.88 -11.26
C GLY B 178 15.41 9.01 -11.22
N SER B 179 15.53 8.21 -10.17
CA SER B 179 16.69 7.37 -9.98
C SER B 179 16.30 6.12 -9.21
N LEU B 180 17.14 5.10 -9.33
CA LEU B 180 16.95 3.82 -8.67
C LEU B 180 18.18 3.48 -7.85
N GLY B 181 17.98 2.98 -6.63
CA GLY B 181 19.08 2.50 -5.84
C GLY B 181 19.15 0.98 -5.87
N LEU B 182 20.34 0.44 -5.63
CA LEU B 182 20.54 -1.00 -5.69
C LEU B 182 21.58 -1.40 -4.66
N ASP B 183 21.16 -2.22 -3.70
CA ASP B 183 22.04 -2.73 -2.65
C ASP B 183 22.05 -4.25 -2.73
N CYS B 184 23.15 -4.83 -3.19
CA CYS B 184 23.21 -6.24 -3.48
C CYS B 184 24.04 -6.98 -2.44
N GLU B 185 23.68 -8.24 -2.21
CA GLU B 185 24.24 -9.04 -1.13
C GLU B 185 25.43 -9.85 -1.64
N PRO B 186 26.55 -9.84 -0.91
CA PRO B 186 27.77 -10.49 -1.42
C PRO B 186 27.63 -11.95 -1.81
N ARG B 187 26.90 -12.74 -1.02
CA ARG B 187 26.78 -14.17 -1.27
C ARG B 187 25.87 -14.44 -2.45
N THR B 188 26.32 -15.31 -3.35
CA THR B 188 25.58 -15.67 -4.55
C THR B 188 25.39 -17.18 -4.61
N GLY B 189 24.89 -17.68 -5.74
CA GLY B 189 24.79 -19.12 -5.92
C GLY B 189 26.15 -19.79 -5.93
N LEU B 190 27.17 -19.10 -6.41
CA LEU B 190 28.53 -19.61 -6.42
C LEU B 190 29.40 -18.82 -5.46
N ASP B 191 30.21 -19.53 -4.68
CA ASP B 191 31.24 -18.92 -3.84
C ASP B 191 32.57 -19.09 -4.54
N PHE B 192 33.26 -17.97 -4.78
CA PHE B 192 34.44 -18.00 -5.63
C PHE B 192 35.69 -18.47 -4.89
N SER B 193 35.61 -18.64 -3.57
CA SER B 193 36.55 -19.48 -2.87
C SER B 193 36.28 -20.94 -3.21
N ASP B 194 37.33 -21.75 -3.22
CA ASP B 194 37.29 -23.14 -3.65
C ASP B 194 36.93 -23.29 -5.12
N LEU B 195 37.02 -22.22 -5.91
CA LEU B 195 36.74 -22.25 -7.33
C LEU B 195 37.92 -21.69 -8.11
N TYR B 196 38.31 -22.39 -9.17
CA TYR B 196 39.33 -21.95 -10.10
C TYR B 196 38.73 -21.75 -11.49
N TYR B 197 39.39 -20.91 -12.26
CA TYR B 197 39.01 -20.62 -13.64
C TYR B 197 40.01 -21.35 -14.52
N LEU B 198 39.53 -22.32 -15.31
CA LEU B 198 40.40 -23.18 -16.08
C LEU B 198 40.33 -22.81 -17.56
N THR B 199 41.49 -22.65 -18.18
CA THR B 199 41.59 -22.33 -19.59
C THR B 199 42.43 -23.40 -20.28
N MET B 200 41.84 -24.10 -21.23
CA MET B 200 42.54 -25.12 -22.01
C MET B 200 42.20 -24.95 -23.48
N ASN B 201 43.16 -24.48 -24.27
CA ASN B 201 43.04 -24.34 -25.71
C ASN B 201 41.82 -23.48 -26.08
N ASN B 202 41.87 -22.23 -25.61
CA ASN B 202 40.84 -21.22 -25.92
C ASN B 202 39.45 -21.69 -25.52
N LYS B 203 39.34 -22.39 -24.40
CA LYS B 203 38.08 -22.93 -23.92
C LYS B 203 38.14 -22.95 -22.40
N HIS B 204 37.09 -22.45 -21.75
CA HIS B 204 37.18 -22.08 -20.35
C HIS B 204 36.04 -22.67 -19.53
N TRP B 205 36.38 -23.13 -18.33
CA TRP B 205 35.41 -23.63 -17.37
C TRP B 205 35.66 -23.00 -16.02
N LEU B 206 34.73 -23.26 -15.09
CA LEU B 206 34.91 -23.00 -13.67
C LEU B 206 34.87 -24.33 -12.95
N VAL B 207 35.94 -24.65 -12.21
CA VAL B 207 36.10 -25.96 -11.59
C VAL B 207 36.37 -25.78 -10.11
N HIS B 208 36.21 -26.86 -9.35
CA HIS B 208 36.46 -26.81 -7.92
C HIS B 208 37.96 -26.87 -7.62
N LYS B 209 38.33 -26.34 -6.45
CA LYS B 209 39.74 -26.30 -6.05
C LYS B 209 40.31 -27.70 -5.86
N GLU B 210 39.62 -28.54 -5.10
CA GLU B 210 40.16 -29.85 -4.75
C GLU B 210 40.33 -30.73 -5.98
N TRP B 211 39.36 -30.71 -6.90
CA TRP B 211 39.49 -31.51 -8.12
C TRP B 211 40.67 -31.06 -8.96
N PHE B 212 40.88 -29.75 -9.07
CA PHE B 212 42.03 -29.24 -9.80
C PHE B 212 43.33 -29.65 -9.14
N HIS B 213 43.36 -29.67 -7.81
CA HIS B 213 44.58 -30.04 -7.09
C HIS B 213 44.93 -31.50 -7.32
N ASP B 214 43.94 -32.34 -7.66
CA ASP B 214 44.14 -33.77 -7.80
C ASP B 214 44.21 -34.23 -9.25
N ILE B 215 44.53 -33.35 -10.17
CA ILE B 215 44.56 -33.73 -11.59
C ILE B 215 45.84 -34.53 -11.86
N PRO B 216 45.74 -35.72 -12.45
CA PRO B 216 46.91 -36.60 -12.58
C PRO B 216 47.74 -36.33 -13.84
N LEU B 217 48.27 -35.11 -13.94
CA LEU B 217 49.10 -34.70 -15.06
C LEU B 217 50.32 -33.96 -14.56
N PRO B 218 51.37 -33.82 -15.38
CA PRO B 218 52.49 -32.95 -14.98
C PRO B 218 52.02 -31.53 -14.77
N TRP B 219 52.59 -30.86 -13.77
CA TRP B 219 52.12 -29.54 -13.37
C TRP B 219 53.28 -28.68 -12.91
N HIS B 220 53.17 -27.38 -13.19
CA HIS B 220 54.12 -26.39 -12.70
C HIS B 220 53.36 -25.19 -12.16
N ALA B 221 53.98 -24.49 -11.20
CA ALA B 221 53.29 -23.50 -10.40
C ALA B 221 53.55 -22.10 -10.92
N GLY B 222 52.48 -21.43 -11.36
CA GLY B 222 52.54 -19.99 -11.56
C GLY B 222 53.07 -19.59 -12.93
N ALA B 223 53.98 -18.62 -12.93
CA ALA B 223 54.47 -17.97 -14.14
C ALA B 223 55.71 -18.70 -14.65
N ASP B 224 56.44 -18.07 -15.57
CA ASP B 224 57.64 -18.64 -16.20
C ASP B 224 57.27 -19.83 -17.09
N THR B 225 56.25 -19.65 -17.93
CA THR B 225 55.77 -20.72 -18.79
C THR B 225 56.70 -21.02 -19.96
N GLY B 226 57.73 -20.21 -20.16
CA GLY B 226 58.64 -20.44 -21.28
C GLY B 226 59.42 -21.73 -21.13
N THR B 227 60.32 -21.78 -20.15
CA THR B 227 61.11 -22.97 -19.86
C THR B 227 61.00 -23.29 -18.37
N PRO B 228 59.85 -23.79 -17.93
CA PRO B 228 59.64 -24.01 -16.49
C PRO B 228 60.23 -25.33 -16.01
N HIS B 229 60.03 -25.61 -14.72
CA HIS B 229 60.40 -26.89 -14.12
C HIS B 229 59.12 -27.70 -13.94
N TRP B 230 58.99 -28.77 -14.71
CA TRP B 230 57.76 -29.55 -14.75
C TRP B 230 57.83 -30.64 -13.69
N ASN B 231 56.80 -30.70 -12.84
CA ASN B 231 56.71 -31.74 -11.83
C ASN B 231 55.90 -32.91 -12.34
N ASN B 232 56.26 -34.11 -11.88
CA ASN B 232 55.49 -35.33 -12.14
C ASN B 232 55.36 -35.59 -13.64
N LYS B 233 56.48 -35.51 -14.34
CA LYS B 233 56.48 -35.80 -15.78
C LYS B 233 56.16 -37.26 -16.08
N GLU B 234 56.26 -38.14 -15.08
CA GLU B 234 56.03 -39.56 -15.30
C GLU B 234 54.58 -39.87 -15.63
N ALA B 235 53.68 -38.91 -15.45
CA ALA B 235 52.28 -39.12 -15.82
C ALA B 235 52.13 -39.24 -17.33
N LEU B 236 52.89 -38.46 -18.09
CA LEU B 236 52.79 -38.43 -19.54
C LEU B 236 53.87 -39.23 -20.25
N VAL B 237 54.76 -39.89 -19.49
CA VAL B 237 55.86 -40.64 -20.07
C VAL B 237 55.88 -42.03 -19.46
N GLU B 238 56.27 -43.02 -20.26
CA GLU B 238 56.32 -44.41 -19.83
C GLU B 238 57.62 -45.04 -20.30
N PHE B 239 58.17 -45.91 -19.47
CA PHE B 239 59.41 -46.64 -19.77
C PHE B 239 59.05 -48.10 -20.01
N LYS B 240 59.34 -48.58 -21.22
CA LYS B 240 59.07 -49.98 -21.53
C LYS B 240 60.09 -50.88 -20.86
N ASP B 241 59.83 -52.19 -20.93
CA ASP B 241 60.65 -53.16 -20.21
C ASP B 241 62.11 -53.06 -20.62
N ALA B 242 62.99 -53.06 -19.63
CA ALA B 242 64.40 -52.76 -19.85
C ALA B 242 65.12 -53.91 -20.54
N HIS B 243 66.20 -53.55 -21.22
CA HIS B 243 67.14 -54.53 -21.76
C HIS B 243 68.51 -54.32 -21.11
N ALA B 244 69.52 -55.03 -21.60
CA ALA B 244 70.81 -55.03 -20.93
C ALA B 244 71.43 -53.64 -20.89
N LYS B 245 71.39 -52.93 -22.01
CA LYS B 245 72.08 -51.65 -22.13
C LYS B 245 71.17 -50.47 -22.47
N ARG B 246 69.88 -50.70 -22.67
CA ARG B 246 69.01 -49.60 -23.05
C ARG B 246 67.58 -49.84 -22.58
N GLN B 247 66.84 -48.73 -22.46
CA GLN B 247 65.42 -48.73 -22.19
C GLN B 247 64.73 -47.81 -23.18
N THR B 248 63.56 -48.24 -23.67
CA THR B 248 62.80 -47.43 -24.61
C THR B 248 61.76 -46.60 -23.86
N VAL B 249 61.61 -45.35 -24.30
CA VAL B 249 60.76 -44.37 -23.62
C VAL B 249 59.68 -43.91 -24.61
N VAL B 250 58.43 -43.94 -24.18
CA VAL B 250 57.31 -43.50 -24.99
C VAL B 250 56.59 -42.38 -24.25
N VAL B 251 55.88 -41.54 -24.99
CA VAL B 251 55.02 -40.51 -24.41
C VAL B 251 53.60 -40.72 -24.91
N LEU B 252 52.65 -40.61 -23.99
CA LEU B 252 51.25 -40.73 -24.36
C LEU B 252 50.82 -39.46 -25.09
N GLY B 253 49.76 -39.57 -25.90
CA GLY B 253 49.24 -38.44 -26.64
C GLY B 253 48.57 -37.40 -25.78
N SER B 254 47.63 -36.66 -26.35
CA SER B 254 46.96 -35.59 -25.62
C SER B 254 45.91 -36.15 -24.68
N GLN B 255 45.84 -35.57 -23.49
CA GLN B 255 44.79 -35.88 -22.53
C GLN B 255 43.61 -34.92 -22.64
N GLU B 256 43.57 -34.12 -23.70
CA GLU B 256 42.51 -33.12 -23.85
C GLU B 256 41.13 -33.76 -23.83
N GLY B 257 40.97 -34.89 -24.51
CA GLY B 257 39.69 -35.58 -24.51
C GLY B 257 39.31 -36.09 -23.13
N ALA B 258 40.29 -36.60 -22.38
CA ALA B 258 40.00 -37.08 -21.03
C ALA B 258 39.57 -35.94 -20.12
N VAL B 259 40.23 -34.78 -20.24
CA VAL B 259 39.86 -33.63 -19.42
C VAL B 259 38.47 -33.13 -19.82
N HIS B 260 38.17 -33.14 -21.12
CA HIS B 260 36.83 -32.78 -21.57
C HIS B 260 35.78 -33.72 -20.98
N THR B 261 36.10 -35.01 -20.94
CA THR B 261 35.20 -35.98 -20.32
C THR B 261 35.02 -35.68 -18.83
N ALA B 262 36.10 -35.26 -18.18
CA ALA B 262 36.02 -34.94 -16.76
C ALA B 262 35.11 -33.73 -16.51
N LEU B 263 35.02 -32.82 -17.47
CA LEU B 263 34.27 -31.57 -17.31
C LEU B 263 32.93 -31.60 -18.04
N ALA B 264 32.24 -32.73 -18.03
CA ALA B 264 30.95 -32.81 -18.68
C ALA B 264 29.93 -31.91 -18.00
N GLY B 265 29.96 -31.85 -16.67
CA GLY B 265 29.01 -31.06 -15.92
C GLY B 265 29.62 -29.88 -15.20
N ALA B 266 30.55 -29.19 -15.86
CA ALA B 266 31.22 -28.03 -15.27
C ALA B 266 30.64 -26.75 -15.87
N LEU B 267 30.76 -25.65 -15.14
CA LEU B 267 30.23 -24.37 -15.60
C LEU B 267 31.09 -23.81 -16.73
N GLU B 268 30.43 -23.43 -17.81
CA GLU B 268 31.09 -22.89 -18.99
C GLU B 268 31.51 -21.44 -18.76
N ALA B 269 32.55 -21.00 -19.46
CA ALA B 269 33.02 -19.63 -19.37
C ALA B 269 33.60 -19.18 -20.71
N GLU B 270 34.11 -17.96 -20.75
CA GLU B 270 34.59 -17.38 -22.00
C GLU B 270 35.49 -16.19 -21.69
N MET B 271 36.42 -15.93 -22.62
CA MET B 271 37.30 -14.75 -22.58
C MET B 271 36.83 -13.73 -23.61
N ASP B 272 36.64 -12.49 -23.16
CA ASP B 272 36.43 -11.37 -24.07
C ASP B 272 37.67 -10.50 -24.22
N GLY B 273 38.80 -10.94 -23.70
CA GLY B 273 40.01 -10.13 -23.68
C GLY B 273 40.87 -10.51 -22.48
N ALA B 274 41.21 -9.50 -21.68
CA ALA B 274 41.88 -9.74 -20.41
C ALA B 274 40.93 -10.18 -19.32
N LYS B 275 39.62 -10.20 -19.59
CA LYS B 275 38.62 -10.53 -18.60
C LYS B 275 37.77 -11.70 -19.07
N GLY B 276 37.41 -12.58 -18.13
CA GLY B 276 36.56 -13.70 -18.42
C GLY B 276 35.10 -13.43 -18.08
N ARG B 277 34.22 -14.08 -18.83
CA ARG B 277 32.78 -13.91 -18.75
C ARG B 277 32.16 -15.12 -18.07
N LEU B 278 31.32 -14.87 -17.07
CA LEU B 278 30.60 -15.91 -16.36
C LEU B 278 29.11 -15.72 -16.57
N SER B 279 28.43 -16.81 -16.92
CA SER B 279 27.00 -16.80 -17.18
C SER B 279 26.28 -17.75 -16.23
N SER B 280 26.75 -17.83 -15.00
CA SER B 280 26.20 -18.76 -14.02
C SER B 280 25.96 -18.04 -12.71
N GLY B 281 25.00 -18.56 -11.94
CA GLY B 281 24.69 -18.03 -10.63
C GLY B 281 23.65 -16.93 -10.67
N HIS B 282 23.12 -16.62 -9.49
CA HIS B 282 22.14 -15.56 -9.32
C HIS B 282 22.71 -14.54 -8.33
N LEU B 283 22.06 -13.39 -8.23
CA LEU B 283 22.53 -12.34 -7.34
C LEU B 283 21.32 -11.68 -6.69
N LYS B 284 21.32 -11.60 -5.38
CA LYS B 284 20.20 -11.02 -4.65
C LYS B 284 20.43 -9.53 -4.40
N CYS B 285 19.43 -8.71 -4.71
CA CYS B 285 19.56 -7.26 -4.56
C CYS B 285 18.29 -6.66 -3.98
N ARG B 286 18.44 -5.47 -3.40
CA ARG B 286 17.33 -4.65 -2.96
C ARG B 286 17.28 -3.41 -3.84
N LEU B 287 16.14 -3.20 -4.49
CA LEU B 287 15.90 -2.06 -5.36
C LEU B 287 15.19 -0.97 -4.55
N LYS B 288 15.78 0.21 -4.54
CA LYS B 288 15.32 1.35 -3.75
C LYS B 288 14.60 2.29 -4.69
N MET B 289 13.30 2.50 -4.45
CA MET B 289 12.43 3.25 -5.34
C MET B 289 11.89 4.54 -4.74
N ASP B 290 12.59 5.13 -3.77
CA ASP B 290 12.15 6.39 -3.21
C ASP B 290 12.11 7.49 -4.26
N LYS B 291 13.12 7.52 -5.13
CA LYS B 291 13.29 8.61 -6.08
C LYS B 291 12.80 8.24 -7.47
N LEU B 292 12.05 7.16 -7.62
CA LEU B 292 11.44 6.83 -8.89
C LEU B 292 10.16 7.63 -9.10
N ARG B 293 10.00 8.19 -10.30
CA ARG B 293 8.89 9.09 -10.58
C ARG B 293 8.25 8.74 -11.90
N LEU B 294 6.96 9.07 -12.00
CA LEU B 294 6.23 8.96 -13.26
C LEU B 294 6.48 10.22 -14.08
N LYS B 295 6.93 10.04 -15.33
CA LYS B 295 7.40 11.14 -16.15
C LYS B 295 6.29 11.82 -16.93
N GLY B 296 5.21 11.11 -17.27
CA GLY B 296 4.18 11.65 -18.14
C GLY B 296 2.87 12.05 -17.49
N VAL B 297 2.83 12.28 -16.17
CA VAL B 297 1.57 12.62 -15.51
C VAL B 297 1.03 13.96 -15.97
N SER B 298 1.89 14.84 -16.48
CA SER B 298 1.45 16.16 -16.92
C SER B 298 0.67 16.13 -18.23
N TYR B 299 0.85 15.08 -19.03
CA TYR B 299 0.28 15.05 -20.36
C TYR B 299 -1.24 14.81 -20.31
N SER B 300 -1.92 15.25 -21.37
CA SER B 300 -3.35 15.12 -21.50
C SER B 300 -3.70 13.87 -22.32
N LEU B 301 -4.93 13.40 -22.16
CA LEU B 301 -5.38 12.23 -22.89
C LEU B 301 -5.35 12.48 -24.39
N CYS B 302 -4.85 11.48 -25.13
CA CYS B 302 -4.93 11.56 -26.59
C CYS B 302 -6.38 11.59 -27.07
N THR B 303 -6.62 12.35 -28.12
CA THR B 303 -7.96 12.55 -28.66
C THR B 303 -8.21 11.72 -29.91
N ALA B 304 -7.24 11.69 -30.82
CA ALA B 304 -7.41 11.00 -32.10
C ALA B 304 -7.37 9.49 -31.94
N ALA B 305 -7.55 8.77 -33.04
CA ALA B 305 -7.75 7.33 -33.01
C ALA B 305 -6.41 6.59 -32.88
N PHE B 306 -6.51 5.27 -32.78
CA PHE B 306 -5.37 4.38 -32.76
C PHE B 306 -5.63 3.24 -33.75
N THR B 307 -4.55 2.54 -34.10
CA THR B 307 -4.64 1.46 -35.08
C THR B 307 -3.64 0.39 -34.72
N PHE B 308 -4.10 -0.85 -34.64
CA PHE B 308 -3.20 -1.99 -34.40
C PHE B 308 -2.31 -2.21 -35.61
N THR B 309 -1.01 -2.08 -35.41
CA THR B 309 -0.04 -2.39 -36.45
C THR B 309 0.33 -3.86 -36.50
N LYS B 310 0.17 -4.57 -35.38
CA LYS B 310 0.39 -6.00 -35.32
C LYS B 310 -0.77 -6.62 -34.56
N ILE B 311 -0.97 -7.91 -34.77
CA ILE B 311 -1.98 -8.65 -34.02
C ILE B 311 -1.52 -8.76 -32.57
N PRO B 312 -2.38 -8.51 -31.60
CA PRO B 312 -1.99 -8.70 -30.19
C PRO B 312 -1.53 -10.13 -29.96
N ALA B 313 -0.48 -10.26 -29.16
CA ALA B 313 0.17 -11.55 -28.93
C ALA B 313 0.16 -11.87 -27.44
N GLU B 314 -0.07 -13.14 -27.12
CA GLU B 314 0.01 -13.62 -25.75
C GLU B 314 1.42 -14.10 -25.46
N THR B 315 1.99 -13.61 -24.37
CA THR B 315 3.33 -14.02 -23.96
C THR B 315 3.26 -15.35 -23.20
N LEU B 316 4.43 -15.87 -22.83
CA LEU B 316 4.49 -17.09 -22.06
C LEU B 316 3.95 -16.92 -20.65
N HIS B 317 3.74 -15.69 -20.21
CA HIS B 317 3.26 -15.40 -18.86
C HIS B 317 1.82 -14.92 -18.82
N GLY B 318 1.09 -15.06 -19.94
CA GLY B 318 -0.30 -14.68 -19.97
C GLY B 318 -0.58 -13.22 -20.24
N THR B 319 0.44 -12.43 -20.51
CA THR B 319 0.26 -11.01 -20.78
C THR B 319 0.03 -10.78 -22.27
N VAL B 320 -0.32 -9.55 -22.64
CA VAL B 320 -0.64 -9.20 -24.01
C VAL B 320 0.31 -8.11 -24.47
N THR B 321 0.91 -8.31 -25.64
CA THR B 321 1.74 -7.29 -26.28
C THR B 321 0.98 -6.66 -27.43
N VAL B 322 1.01 -5.34 -27.51
CA VAL B 322 0.26 -4.58 -28.50
C VAL B 322 1.18 -3.52 -29.09
N GLU B 323 1.09 -3.31 -30.41
CA GLU B 323 1.82 -2.23 -31.06
C GLU B 323 0.81 -1.37 -31.83
N VAL B 324 0.85 -0.06 -31.58
CA VAL B 324 -0.05 0.87 -32.25
C VAL B 324 0.79 2.01 -32.82
N GLN B 325 0.21 2.77 -33.76
CA GLN B 325 0.98 3.79 -34.46
C GLN B 325 0.30 5.16 -34.42
N TYR B 326 -1.02 5.25 -34.46
CA TYR B 326 -1.66 6.56 -34.58
C TYR B 326 -1.59 7.30 -33.26
N ALA B 327 -1.44 8.61 -33.36
CA ALA B 327 -1.34 9.48 -32.20
C ALA B 327 -2.71 10.06 -31.86
N GLY B 328 -2.75 10.95 -30.86
CA GLY B 328 -3.96 11.69 -30.55
C GLY B 328 -3.79 13.16 -30.82
N THR B 329 -3.52 13.93 -29.77
CA THR B 329 -3.19 15.34 -29.89
C THR B 329 -1.81 15.47 -30.53
N ASP B 330 -1.29 16.70 -30.61
CA ASP B 330 0.08 16.88 -31.05
C ASP B 330 1.04 16.08 -30.20
N GLY B 331 0.85 16.13 -28.88
CA GLY B 331 1.60 15.29 -27.98
C GLY B 331 2.78 16.02 -27.35
N PRO B 332 3.45 15.37 -26.38
CA PRO B 332 3.13 14.05 -25.83
C PRO B 332 1.81 13.99 -25.07
N CYS B 333 1.13 12.84 -25.15
CA CYS B 333 -0.17 12.66 -24.52
C CYS B 333 -0.14 11.44 -23.62
N LYS B 334 -1.29 11.15 -23.01
CA LYS B 334 -1.53 9.90 -22.33
C LYS B 334 -2.34 8.98 -23.25
N VAL B 335 -1.78 7.82 -23.57
CA VAL B 335 -2.42 6.86 -24.46
C VAL B 335 -3.58 6.19 -23.73
N PRO B 336 -4.80 6.26 -24.25
CA PRO B 336 -5.91 5.52 -23.63
C PRO B 336 -5.79 4.03 -23.90
N ALA B 337 -5.44 3.28 -22.85
CA ALA B 337 -5.32 1.83 -22.93
C ALA B 337 -6.08 1.25 -21.76
N GLN B 338 -6.96 0.30 -22.03
CA GLN B 338 -7.81 -0.24 -20.99
C GLN B 338 -8.25 -1.64 -21.38
N MET B 339 -8.73 -2.40 -20.40
CA MET B 339 -9.38 -3.67 -20.61
C MET B 339 -10.78 -3.62 -20.02
N ALA B 340 -11.76 -4.13 -20.76
CA ALA B 340 -13.15 -4.05 -20.34
C ALA B 340 -13.81 -5.42 -20.42
N VAL B 341 -14.63 -5.73 -19.42
CA VAL B 341 -15.46 -6.93 -19.49
C VAL B 341 -16.86 -6.59 -19.97
N ASP B 342 -17.27 -5.33 -19.87
CA ASP B 342 -18.54 -4.86 -20.42
C ASP B 342 -18.21 -3.59 -21.18
N MET B 343 -18.52 -3.58 -22.48
CA MET B 343 -17.95 -2.61 -23.40
C MET B 343 -18.71 -1.28 -23.45
N GLN B 344 -19.77 -1.12 -22.68
CA GLN B 344 -20.50 0.15 -22.66
C GLN B 344 -20.43 0.85 -21.31
N THR B 345 -19.96 0.18 -20.26
CA THR B 345 -19.65 0.90 -19.03
C THR B 345 -18.17 1.28 -18.97
N LEU B 346 -17.32 0.51 -19.66
CA LEU B 346 -15.88 0.77 -19.74
C LEU B 346 -15.25 0.83 -18.36
N THR B 347 -15.74 0.01 -17.43
CA THR B 347 -15.12 -0.09 -16.12
C THR B 347 -13.79 -0.81 -16.27
N PRO B 348 -12.67 -0.22 -15.88
CA PRO B 348 -11.37 -0.88 -16.07
C PRO B 348 -11.31 -2.22 -15.37
N VAL B 349 -10.79 -3.21 -16.08
CA VAL B 349 -10.60 -4.56 -15.55
C VAL B 349 -9.18 -4.98 -15.90
N GLY B 350 -8.69 -6.00 -15.19
CA GLY B 350 -7.34 -6.43 -15.41
C GLY B 350 -6.34 -5.40 -14.89
N ARG B 351 -5.18 -5.36 -15.53
CA ARG B 351 -4.10 -4.49 -15.08
C ARG B 351 -3.25 -4.11 -16.28
N LEU B 352 -2.63 -2.93 -16.18
CA LEU B 352 -1.75 -2.41 -17.22
C LEU B 352 -0.30 -2.52 -16.74
N ILE B 353 0.49 -3.36 -17.41
CA ILE B 353 1.85 -3.59 -16.97
C ILE B 353 2.76 -2.42 -17.32
N THR B 354 2.68 -1.92 -18.55
CA THR B 354 3.36 -0.68 -18.88
C THR B 354 2.59 0.46 -18.24
N ALA B 355 3.26 1.19 -17.34
CA ALA B 355 2.55 1.93 -16.30
C ALA B 355 1.70 3.06 -16.87
N ASN B 356 2.34 4.05 -17.49
CA ASN B 356 1.65 5.25 -17.97
C ASN B 356 1.99 5.42 -19.44
N PRO B 357 1.25 4.75 -20.32
CA PRO B 357 1.59 4.79 -21.76
C PRO B 357 1.50 6.21 -22.31
N VAL B 358 2.54 6.60 -23.05
CA VAL B 358 2.62 7.91 -23.67
C VAL B 358 3.20 7.75 -25.07
N ILE B 359 2.99 8.76 -25.90
CA ILE B 359 3.68 8.90 -27.18
C ILE B 359 4.54 10.16 -27.10
N THR B 360 5.83 10.01 -27.38
CA THR B 360 6.80 11.07 -27.13
C THR B 360 7.01 12.01 -28.31
N GLU B 361 6.40 11.75 -29.46
CA GLU B 361 6.62 12.55 -30.65
C GLU B 361 5.42 13.43 -30.95
N SER B 362 5.69 14.58 -31.58
CA SER B 362 4.65 15.49 -32.03
C SER B 362 4.18 15.20 -33.44
N THR B 363 4.83 14.28 -34.14
CA THR B 363 4.45 13.89 -35.49
C THR B 363 3.26 12.94 -35.48
N GLU B 364 2.83 12.54 -36.66
CA GLU B 364 1.73 11.60 -36.81
C GLU B 364 2.26 10.20 -37.12
N ASN B 365 1.48 9.21 -36.75
CA ASN B 365 1.83 7.78 -36.93
C ASN B 365 3.14 7.45 -36.24
N SER B 366 3.14 7.55 -34.92
CA SER B 366 4.29 7.20 -34.09
C SER B 366 4.02 5.87 -33.41
N LYS B 367 4.88 4.88 -33.67
CA LYS B 367 4.69 3.55 -33.12
C LYS B 367 5.06 3.50 -31.64
N MET B 368 4.27 2.76 -30.87
CA MET B 368 4.52 2.55 -29.45
C MET B 368 3.91 1.22 -29.04
N MET B 369 4.54 0.55 -28.09
CA MET B 369 4.16 -0.78 -27.67
C MET B 369 3.66 -0.78 -26.23
N LEU B 370 2.73 -1.68 -25.94
CA LEU B 370 2.05 -1.82 -24.67
C LEU B 370 2.09 -3.28 -24.22
N GLU B 371 2.10 -3.47 -22.90
CA GLU B 371 1.91 -4.79 -22.31
C GLU B 371 0.79 -4.71 -21.29
N LEU B 372 -0.16 -5.64 -21.40
CA LEU B 372 -1.35 -5.66 -20.57
C LEU B 372 -1.44 -6.97 -19.80
N ASP B 373 -2.12 -6.90 -18.65
CA ASP B 373 -2.32 -8.04 -17.76
C ASP B 373 -3.83 -8.28 -17.66
N PRO B 374 -4.39 -9.07 -18.55
CA PRO B 374 -5.85 -9.22 -18.61
C PRO B 374 -6.37 -10.06 -17.47
N PRO B 375 -7.68 -10.08 -17.26
CA PRO B 375 -8.29 -11.09 -16.39
C PRO B 375 -8.38 -12.42 -17.10
N PHE B 376 -8.74 -13.45 -16.33
CA PHE B 376 -8.71 -14.81 -16.85
C PHE B 376 -9.93 -15.16 -17.71
N GLY B 377 -10.98 -14.35 -17.67
CA GLY B 377 -12.13 -14.54 -18.53
C GLY B 377 -12.03 -13.71 -19.80
N ASP B 378 -13.04 -13.85 -20.66
CA ASP B 378 -13.09 -13.07 -21.88
C ASP B 378 -13.16 -11.58 -21.55
N SER B 379 -12.30 -10.81 -22.21
CA SER B 379 -12.23 -9.37 -22.00
C SER B 379 -11.99 -8.70 -23.35
N TYR B 380 -11.86 -7.38 -23.34
CA TYR B 380 -11.63 -6.63 -24.56
C TYR B 380 -10.56 -5.59 -24.32
N ILE B 381 -9.50 -5.65 -25.12
CA ILE B 381 -8.53 -4.57 -25.21
C ILE B 381 -9.22 -3.38 -25.87
N VAL B 382 -9.20 -2.23 -25.20
CA VAL B 382 -9.79 -1.01 -25.71
C VAL B 382 -8.70 0.06 -25.75
N ILE B 383 -8.37 0.53 -26.95
CA ILE B 383 -7.37 1.57 -27.14
C ILE B 383 -8.03 2.74 -27.84
N GLY B 384 -7.89 3.92 -27.27
CA GLY B 384 -8.51 5.12 -27.79
C GLY B 384 -9.82 5.45 -27.09
N VAL B 385 -10.42 6.54 -27.52
CA VAL B 385 -11.64 7.05 -26.91
C VAL B 385 -12.68 7.33 -27.99
N GLY B 386 -13.94 7.31 -27.59
CA GLY B 386 -15.01 7.73 -28.48
C GLY B 386 -15.34 6.69 -29.53
N GLU B 387 -15.90 7.15 -30.64
CA GLU B 387 -16.32 6.26 -31.71
C GLU B 387 -15.15 5.68 -32.49
N LYS B 388 -13.98 6.33 -32.44
CA LYS B 388 -12.81 5.88 -33.17
C LYS B 388 -11.95 4.91 -32.38
N LYS B 389 -12.40 4.51 -31.19
CA LYS B 389 -11.64 3.57 -30.38
C LYS B 389 -11.62 2.19 -31.04
N ILE B 390 -10.58 1.42 -30.73
CA ILE B 390 -10.39 0.08 -31.27
C ILE B 390 -10.53 -0.92 -30.14
N THR B 391 -11.23 -2.02 -30.42
CA THR B 391 -11.46 -3.09 -29.46
C THR B 391 -10.96 -4.40 -30.03
N HIS B 392 -10.51 -5.28 -29.14
CA HIS B 392 -9.97 -6.58 -29.55
C HIS B 392 -10.31 -7.62 -28.49
N HIS B 393 -10.90 -8.72 -28.91
CA HIS B 393 -11.34 -9.75 -27.97
C HIS B 393 -10.15 -10.53 -27.44
N TRP B 394 -10.19 -10.86 -26.15
CA TRP B 394 -9.17 -11.66 -25.48
C TRP B 394 -9.86 -12.67 -24.58
N HIS B 395 -9.16 -13.74 -24.25
CA HIS B 395 -9.79 -14.80 -23.47
C HIS B 395 -9.15 -15.07 -22.11
N ARG B 396 -7.83 -15.25 -22.05
CA ARG B 396 -7.21 -15.71 -20.83
C ARG B 396 -5.92 -14.96 -20.53
N SER B 397 -5.54 -14.99 -19.25
CA SER B 397 -4.30 -14.39 -18.79
C SER B 397 -3.28 -15.43 -18.37
N ILE C 1 -6.81 25.23 -1.27
CA ILE C 1 -7.57 24.05 -1.65
C ILE C 1 -8.98 24.45 -2.06
N ARG C 2 -9.34 25.70 -1.76
CA ARG C 2 -10.69 26.19 -2.05
C ARG C 2 -10.82 26.61 -3.52
N CYS C 3 -9.97 27.53 -3.96
CA CYS C 3 -10.03 28.09 -5.30
C CYS C 3 -9.54 27.14 -6.38
N ILE C 4 -8.92 26.02 -6.00
CA ILE C 4 -8.19 25.20 -6.97
C ILE C 4 -9.13 24.50 -7.95
N GLY C 5 -10.25 23.97 -7.48
CA GLY C 5 -11.13 23.23 -8.36
C GLY C 5 -12.10 24.05 -9.18
N VAL C 6 -12.12 25.38 -8.98
CA VAL C 6 -13.07 26.22 -9.68
C VAL C 6 -12.61 26.47 -11.11
N SER C 7 -13.54 26.34 -12.05
CA SER C 7 -13.23 26.56 -13.46
C SER C 7 -13.08 28.04 -13.79
N ASN C 8 -13.89 28.89 -13.17
CA ASN C 8 -13.83 30.33 -13.38
C ASN C 8 -12.95 30.92 -12.27
N ARG C 9 -11.65 30.91 -12.49
CA ARG C 9 -10.71 31.32 -11.46
C ARG C 9 -9.70 32.29 -12.06
N ASP C 10 -9.42 33.37 -11.34
CA ASP C 10 -8.52 34.41 -11.78
C ASP C 10 -7.32 34.50 -10.85
N PHE C 11 -6.20 34.95 -11.42
CA PHE C 11 -4.96 35.14 -10.69
C PHE C 11 -4.55 36.60 -10.79
N VAL C 12 -4.30 37.24 -9.64
CA VAL C 12 -3.89 38.63 -9.57
C VAL C 12 -2.58 38.72 -8.82
N GLU C 13 -1.62 39.42 -9.39
CA GLU C 13 -0.33 39.69 -8.76
C GLU C 13 -0.24 41.18 -8.44
N GLY C 14 0.10 41.49 -7.20
CA GLY C 14 0.19 42.88 -6.78
C GLY C 14 1.49 43.53 -7.22
N MET C 15 1.52 44.86 -7.08
CA MET C 15 2.71 45.62 -7.41
C MET C 15 3.75 45.49 -6.29
N SER C 16 4.97 45.92 -6.61
CA SER C 16 6.09 45.75 -5.68
C SER C 16 5.81 46.41 -4.34
N GLY C 17 5.39 47.67 -4.35
CA GLY C 17 4.87 48.26 -3.14
C GLY C 17 3.49 47.70 -2.88
N GLY C 18 3.35 46.81 -1.89
CA GLY C 18 2.09 46.13 -1.72
C GLY C 18 1.14 46.87 -0.81
N THR C 19 0.26 47.67 -1.41
CA THR C 19 -0.78 48.34 -0.66
C THR C 19 -2.17 47.94 -1.14
N TRP C 20 -2.40 48.05 -2.45
CA TRP C 20 -3.71 47.83 -3.04
C TRP C 20 -3.66 46.82 -4.16
N VAL C 21 -4.67 45.96 -4.23
CA VAL C 21 -4.90 45.11 -5.39
C VAL C 21 -6.37 45.16 -5.76
N ASP C 22 -6.64 45.31 -7.06
CA ASP C 22 -8.01 45.34 -7.55
C ASP C 22 -8.45 43.95 -7.97
N VAL C 23 -9.73 43.64 -7.72
CA VAL C 23 -10.25 42.30 -7.89
C VAL C 23 -11.69 42.39 -8.38
N VAL C 24 -12.09 41.46 -9.24
CA VAL C 24 -13.47 41.35 -9.71
C VAL C 24 -14.02 40.02 -9.23
N LEU C 25 -15.17 40.06 -8.56
CA LEU C 25 -15.79 38.88 -7.96
C LEU C 25 -17.10 38.57 -8.66
N GLU C 26 -17.29 37.29 -8.95
CA GLU C 26 -18.55 36.75 -9.45
C GLU C 26 -19.01 35.64 -8.50
N HIS C 27 -20.24 35.18 -8.71
CA HIS C 27 -20.81 34.20 -7.79
C HIS C 27 -20.21 32.82 -7.97
N GLY C 28 -19.98 32.41 -9.22
CA GLY C 28 -19.43 31.08 -9.46
C GLY C 28 -17.93 31.00 -9.32
N GLY C 29 -17.25 32.14 -9.32
CA GLY C 29 -15.81 32.19 -9.41
C GLY C 29 -15.14 32.57 -8.10
N CYS C 30 -13.83 32.80 -8.20
CA CYS C 30 -13.00 33.17 -7.07
C CYS C 30 -11.68 33.71 -7.60
N VAL C 31 -10.97 34.45 -6.76
CA VAL C 31 -9.73 35.12 -7.16
C VAL C 31 -8.64 34.78 -6.15
N THR C 32 -7.48 34.37 -6.65
CA THR C 32 -6.30 34.18 -5.82
C THR C 32 -5.35 35.34 -6.05
N VAL C 33 -4.97 36.01 -4.97
CA VAL C 33 -4.16 37.22 -5.01
C VAL C 33 -2.81 36.90 -4.41
N MET C 34 -1.75 37.15 -5.19
CA MET C 34 -0.38 36.94 -4.77
C MET C 34 0.32 38.29 -4.69
N ALA C 35 1.03 38.53 -3.59
CA ALA C 35 1.81 39.74 -3.42
C ALA C 35 3.18 39.38 -2.85
N GLN C 36 4.17 40.20 -3.19
CA GLN C 36 5.53 39.94 -2.75
C GLN C 36 5.65 40.14 -1.24
N ASP C 37 6.29 39.19 -0.58
CA ASP C 37 6.46 39.18 0.87
C ASP C 37 5.11 39.19 1.59
N LYS C 38 4.09 38.60 0.97
CA LYS C 38 2.75 38.52 1.53
C LYS C 38 2.21 37.13 1.29
N PRO C 39 1.34 36.64 2.18
CA PRO C 39 0.64 35.38 1.91
C PRO C 39 -0.37 35.54 0.78
N THR C 40 -0.55 34.47 0.01
CA THR C 40 -1.55 34.47 -1.03
C THR C 40 -2.94 34.32 -0.43
N VAL C 41 -3.89 35.11 -0.91
CA VAL C 41 -5.22 35.15 -0.33
C VAL C 41 -6.26 34.81 -1.41
N ASP C 42 -7.15 33.89 -1.09
CA ASP C 42 -8.27 33.54 -1.95
C ASP C 42 -9.52 34.29 -1.48
N ILE C 43 -10.20 34.94 -2.41
CA ILE C 43 -11.37 35.77 -2.12
C ILE C 43 -12.50 35.36 -3.05
N GLU C 44 -13.67 35.10 -2.48
CA GLU C 44 -14.84 34.64 -3.23
C GLU C 44 -16.08 35.40 -2.77
N LEU C 45 -16.88 35.84 -3.72
CA LEU C 45 -18.21 36.36 -3.42
C LEU C 45 -19.17 35.18 -3.29
N VAL C 46 -19.77 35.01 -2.12
CA VAL C 46 -20.56 33.81 -1.88
C VAL C 46 -22.05 34.08 -2.05
N THR C 47 -22.56 35.19 -1.52
CA THR C 47 -23.99 35.46 -1.59
C THR C 47 -24.25 36.94 -1.85
N THR C 48 -25.27 37.21 -2.65
CA THR C 48 -25.81 38.55 -2.85
C THR C 48 -27.27 38.54 -2.44
N THR C 49 -27.65 39.46 -1.57
CA THR C 49 -28.98 39.45 -0.99
C THR C 49 -29.66 40.81 -1.11
N VAL C 50 -30.98 40.78 -1.26
CA VAL C 50 -31.83 41.95 -1.28
C VAL C 50 -32.82 41.84 -0.13
N SER C 51 -32.99 42.94 0.61
CA SER C 51 -33.88 42.97 1.75
C SER C 51 -34.95 44.03 1.54
N ASN C 52 -36.02 43.94 2.33
CA ASN C 52 -37.09 44.93 2.35
C ASN C 52 -37.74 45.08 0.98
N MET C 53 -38.06 43.95 0.35
CA MET C 53 -38.69 43.96 -0.97
C MET C 53 -40.15 44.31 -0.83
N ALA C 54 -40.60 45.31 -1.57
CA ALA C 54 -41.97 45.81 -1.49
C ALA C 54 -42.80 45.29 -2.65
N GLU C 55 -43.93 44.68 -2.33
CA GLU C 55 -44.84 44.18 -3.35
C GLU C 55 -45.38 45.35 -4.19
N VAL C 56 -45.24 45.25 -5.51
CA VAL C 56 -45.74 46.30 -6.39
C VAL C 56 -47.00 45.87 -7.11
N ARG C 57 -47.18 44.57 -7.33
CA ARG C 57 -48.33 44.06 -8.07
C ARG C 57 -48.35 42.55 -7.96
N SER C 58 -49.56 41.99 -7.91
CA SER C 58 -49.76 40.55 -7.92
C SER C 58 -50.65 40.19 -9.09
N TYR C 59 -50.30 39.10 -9.78
CA TYR C 59 -51.02 38.61 -10.94
C TYR C 59 -51.62 37.24 -10.64
N CYS C 60 -52.89 37.07 -10.97
CA CYS C 60 -53.57 35.79 -10.80
C CYS C 60 -53.32 34.96 -12.06
N TYR C 61 -52.76 33.76 -11.88
CA TYR C 61 -52.52 32.86 -13.01
C TYR C 61 -53.35 31.58 -12.93
N GLU C 62 -54.02 31.32 -11.82
CA GLU C 62 -54.99 30.22 -11.75
C GLU C 62 -56.19 30.68 -10.94
N ALA C 63 -57.34 30.78 -11.60
CA ALA C 63 -58.57 31.26 -10.98
C ALA C 63 -59.69 30.26 -11.20
N SER C 64 -60.77 30.44 -10.45
CA SER C 64 -61.96 29.62 -10.55
C SER C 64 -63.18 30.52 -10.59
N ILE C 65 -64.27 30.00 -11.15
CA ILE C 65 -65.50 30.76 -11.33
C ILE C 65 -66.64 30.01 -10.65
N SER C 66 -67.56 30.76 -10.05
CA SER C 66 -68.65 30.17 -9.29
C SER C 66 -69.79 31.17 -9.19
N ASP C 67 -70.93 30.68 -8.69
CA ASP C 67 -72.13 31.49 -8.47
C ASP C 67 -72.62 32.12 -9.77
N MET C 68 -72.67 31.30 -10.82
CA MET C 68 -73.09 31.74 -12.14
C MET C 68 -74.57 32.09 -12.13
N ALA C 69 -74.90 33.28 -12.65
CA ALA C 69 -76.30 33.69 -12.71
C ALA C 69 -76.53 34.58 -13.92
N SER C 70 -77.77 34.56 -14.41
CA SER C 70 -78.18 35.36 -15.55
C SER C 70 -79.54 35.99 -15.28
N ASP C 71 -79.73 37.19 -15.83
CA ASP C 71 -81.01 37.88 -15.76
C ASP C 71 -81.34 38.41 -17.16
N SER C 72 -82.56 38.14 -17.61
CA SER C 72 -82.98 38.49 -18.96
C SER C 72 -84.28 39.30 -18.92
N ARG C 73 -84.37 40.25 -19.86
CA ARG C 73 -85.60 41.03 -20.01
C ARG C 73 -86.02 41.01 -21.48
N CYS C 74 -87.30 40.77 -21.76
CA CYS C 74 -87.87 40.82 -23.10
C CYS C 74 -87.70 42.21 -23.71
N PRO C 75 -87.91 42.36 -25.02
CA PRO C 75 -87.93 43.69 -25.60
C PRO C 75 -89.00 44.55 -24.94
N THR C 76 -88.70 45.86 -24.85
CA THR C 76 -89.52 46.91 -24.23
C THR C 76 -89.89 46.57 -22.78
N GLN C 77 -89.20 45.59 -22.18
CA GLN C 77 -89.44 45.22 -20.80
C GLN C 77 -88.42 45.82 -19.83
N GLY C 78 -87.46 46.58 -20.32
CA GLY C 78 -86.49 47.25 -19.47
C GLY C 78 -85.12 46.59 -19.51
N GLU C 79 -84.24 47.12 -18.67
CA GLU C 79 -82.87 46.62 -18.58
C GLU C 79 -82.77 45.52 -17.54
N ALA C 80 -82.09 44.43 -17.91
CA ALA C 80 -81.86 43.33 -16.97
C ALA C 80 -80.86 43.74 -15.90
N TYR C 81 -80.99 43.14 -14.73
CA TYR C 81 -80.18 43.55 -13.58
C TYR C 81 -80.06 42.39 -12.60
N LEU C 82 -78.88 42.27 -11.98
CA LEU C 82 -78.70 41.44 -10.81
C LEU C 82 -78.00 42.25 -9.73
N ASP C 83 -78.17 41.83 -8.48
CA ASP C 83 -77.54 42.54 -7.37
C ASP C 83 -76.02 42.48 -7.44
N LYS C 84 -75.47 41.36 -7.91
CA LYS C 84 -74.03 41.15 -7.95
C LYS C 84 -73.32 41.97 -9.02
N GLN C 85 -74.03 42.87 -9.72
CA GLN C 85 -73.37 43.74 -10.69
C GLN C 85 -72.43 44.71 -9.99
N SER C 86 -72.90 45.36 -8.92
CA SER C 86 -72.05 46.28 -8.18
C SER C 86 -71.00 45.55 -7.37
N ASP C 87 -71.16 44.24 -7.19
CA ASP C 87 -70.20 43.45 -6.42
C ASP C 87 -68.84 43.47 -7.11
N THR C 88 -67.82 43.92 -6.37
CA THR C 88 -66.48 44.00 -6.95
C THR C 88 -65.87 42.61 -7.15
N GLN C 89 -66.31 41.62 -6.37
CA GLN C 89 -65.78 40.27 -6.50
C GLN C 89 -66.30 39.52 -7.72
N TYR C 90 -67.30 40.07 -8.42
CA TYR C 90 -67.95 39.40 -9.52
C TYR C 90 -67.55 40.04 -10.85
N VAL C 91 -67.53 39.21 -11.89
CA VAL C 91 -67.33 39.65 -13.26
C VAL C 91 -68.65 39.48 -14.01
N CYS C 92 -69.05 40.52 -14.74
CA CYS C 92 -70.35 40.57 -15.37
C CYS C 92 -70.23 41.01 -16.82
N LYS C 93 -71.21 40.59 -17.62
CA LYS C 93 -71.28 40.99 -19.01
C LYS C 93 -72.74 41.18 -19.41
N ARG C 94 -73.02 42.30 -20.09
CA ARG C 94 -74.33 42.60 -20.62
C ARG C 94 -74.31 42.60 -22.14
N THR C 95 -75.33 42.01 -22.75
CA THR C 95 -75.46 41.95 -24.19
C THR C 95 -76.93 42.01 -24.57
N LEU C 96 -77.18 42.04 -25.87
CA LEU C 96 -78.52 42.00 -26.44
C LEU C 96 -78.66 40.72 -27.24
N VAL C 97 -79.74 39.98 -27.00
CA VAL C 97 -79.94 38.67 -27.58
C VAL C 97 -81.28 38.65 -28.31
N ASP C 98 -81.43 37.66 -29.20
CA ASP C 98 -82.67 37.51 -29.94
C ASP C 98 -83.75 36.92 -29.06
N ARG C 99 -84.91 37.58 -29.02
CA ARG C 99 -86.07 37.11 -28.27
C ARG C 99 -87.29 37.09 -29.18
N GLY C 100 -88.26 36.26 -28.81
CA GLY C 100 -89.44 36.12 -29.64
C GLY C 100 -90.46 35.24 -28.97
N TRP C 101 -91.39 34.73 -29.78
CA TRP C 101 -92.47 33.90 -29.26
C TRP C 101 -91.97 32.57 -28.70
N GLY C 102 -90.79 32.12 -29.14
CA GLY C 102 -90.26 30.87 -28.60
C GLY C 102 -89.61 31.02 -27.24
N ASN C 103 -89.14 32.23 -26.91
CA ASN C 103 -88.49 32.49 -25.63
C ASN C 103 -89.41 33.19 -24.64
N GLY C 104 -90.70 33.30 -24.94
CA GLY C 104 -91.64 33.90 -24.01
C GLY C 104 -91.81 35.39 -24.10
N CYS C 105 -91.52 35.98 -25.25
CA CYS C 105 -91.71 37.41 -25.46
C CYS C 105 -92.78 37.64 -26.52
N GLY C 106 -93.49 38.75 -26.39
CA GLY C 106 -94.51 39.11 -27.37
C GLY C 106 -94.00 39.78 -28.61
N LEU C 107 -92.76 40.25 -28.60
CA LEU C 107 -92.13 40.88 -29.75
C LEU C 107 -90.88 40.13 -30.13
N PHE C 108 -90.40 40.37 -31.35
CA PHE C 108 -89.25 39.68 -31.89
C PHE C 108 -87.98 40.52 -31.89
N GLY C 109 -87.96 41.62 -31.13
CA GLY C 109 -86.79 42.47 -31.08
C GLY C 109 -85.69 41.97 -30.18
N LYS C 110 -84.75 42.85 -29.84
CA LYS C 110 -83.61 42.49 -29.01
C LYS C 110 -83.97 42.60 -27.54
N GLY C 111 -83.73 41.53 -26.79
CA GLY C 111 -83.88 41.54 -25.36
C GLY C 111 -82.54 41.72 -24.69
N SER C 112 -82.58 42.13 -23.42
CA SER C 112 -81.37 42.43 -22.67
C SER C 112 -81.01 41.24 -21.80
N LEU C 113 -79.71 40.90 -21.76
CA LEU C 113 -79.23 39.80 -20.95
C LEU C 113 -77.98 40.24 -20.20
N VAL C 114 -77.92 39.93 -18.91
CA VAL C 114 -76.73 40.20 -18.11
C VAL C 114 -76.37 38.95 -17.32
N THR C 115 -75.10 38.56 -17.37
CA THR C 115 -74.63 37.35 -16.71
C THR C 115 -73.45 37.71 -15.82
N CYS C 116 -73.52 37.25 -14.57
CA CYS C 116 -72.50 37.54 -13.56
C CYS C 116 -72.00 36.24 -12.94
N ALA C 117 -70.74 36.27 -12.51
CA ALA C 117 -70.12 35.10 -11.88
C ALA C 117 -69.03 35.55 -10.93
N LYS C 118 -68.92 34.85 -9.80
CA LYS C 118 -67.95 35.22 -8.77
C LYS C 118 -66.56 34.74 -9.15
N PHE C 119 -65.59 35.64 -9.08
CA PHE C 119 -64.21 35.37 -9.46
C PHE C 119 -63.37 35.14 -8.21
N ALA C 120 -62.74 33.96 -8.15
CA ALA C 120 -61.88 33.62 -7.02
C ALA C 120 -60.53 33.17 -7.54
N CYS C 121 -59.47 33.73 -6.98
CA CYS C 121 -58.11 33.39 -7.38
C CYS C 121 -57.57 32.29 -6.48
N SER C 122 -57.07 31.22 -7.09
CA SER C 122 -56.50 30.12 -6.32
C SER C 122 -54.98 30.19 -6.29
N LYS C 123 -54.35 30.55 -7.41
CA LYS C 123 -52.91 30.70 -7.48
C LYS C 123 -52.56 32.02 -8.14
N LYS C 124 -51.68 32.78 -7.47
CA LYS C 124 -51.24 34.08 -7.96
C LYS C 124 -49.73 34.19 -7.79
N MET C 125 -49.13 35.07 -8.59
CA MET C 125 -47.71 35.38 -8.54
C MET C 125 -47.53 36.84 -8.17
N THR C 126 -46.37 37.16 -7.58
CA THR C 126 -46.16 38.46 -6.94
C THR C 126 -44.85 39.06 -7.43
N GLY C 127 -44.89 40.34 -7.79
CA GLY C 127 -43.69 41.08 -8.11
C GLY C 127 -43.32 42.08 -7.02
N LYS C 128 -42.02 42.19 -6.76
CA LYS C 128 -41.52 43.03 -5.69
C LYS C 128 -40.44 43.95 -6.22
N SER C 129 -40.35 45.16 -5.65
CA SER C 129 -39.35 46.13 -6.04
C SER C 129 -38.01 45.82 -5.36
N ILE C 130 -36.94 46.38 -5.92
CA ILE C 130 -35.60 46.22 -5.39
C ILE C 130 -34.99 47.61 -5.25
N GLN C 131 -34.60 47.98 -4.03
CA GLN C 131 -34.00 49.29 -3.85
C GLN C 131 -32.47 49.16 -3.79
N PRO C 132 -31.76 50.14 -4.36
CA PRO C 132 -30.29 50.05 -4.39
C PRO C 132 -29.64 49.98 -3.02
N GLU C 133 -30.25 50.59 -2.00
CA GLU C 133 -29.62 50.63 -0.69
C GLU C 133 -29.76 49.32 0.07
N ASN C 134 -30.59 48.40 -0.39
CA ASN C 134 -30.88 47.18 0.33
C ASN C 134 -30.09 45.97 -0.17
N LEU C 135 -29.07 46.19 -1.00
CA LEU C 135 -28.20 45.10 -1.42
C LEU C 135 -27.15 44.80 -0.36
N GLU C 136 -26.83 43.51 -0.24
CA GLU C 136 -25.78 43.05 0.67
C GLU C 136 -24.97 41.97 -0.01
N TYR C 137 -23.66 42.03 0.17
CA TYR C 137 -22.74 41.06 -0.42
C TYR C 137 -21.92 40.41 0.70
N ARG C 138 -21.80 39.10 0.66
CA ARG C 138 -20.96 38.35 1.59
C ARG C 138 -19.75 37.82 0.85
N ILE C 139 -18.57 38.00 1.43
CA ILE C 139 -17.30 37.66 0.80
C ILE C 139 -16.50 36.80 1.76
N MET C 140 -15.99 35.68 1.26
CA MET C 140 -15.13 34.79 2.02
C MET C 140 -13.67 35.03 1.61
N LEU C 141 -12.80 35.11 2.61
CA LEU C 141 -11.38 35.28 2.40
C LEU C 141 -10.63 34.20 3.15
N SER C 142 -9.60 33.65 2.54
CA SER C 142 -8.84 32.58 3.17
C SER C 142 -7.37 32.69 2.78
N VAL C 143 -6.50 32.21 3.66
CA VAL C 143 -5.08 32.15 3.36
C VAL C 143 -4.81 30.92 2.51
N HIS C 144 -4.25 31.12 1.33
CA HIS C 144 -4.10 30.06 0.35
C HIS C 144 -2.92 29.17 0.71
N GLY C 145 -3.19 27.90 0.97
CA GLY C 145 -2.14 26.94 1.24
C GLY C 145 -1.75 26.78 2.68
N SER C 146 -2.51 27.35 3.61
CA SER C 146 -2.20 27.17 5.03
C SER C 146 -2.44 25.72 5.45
N GLN C 147 -1.61 25.24 6.37
CA GLN C 147 -1.71 23.86 6.81
C GLN C 147 -3.07 23.57 7.43
N HIS C 148 -3.65 22.43 7.06
CA HIS C 148 -4.84 21.95 7.73
C HIS C 148 -4.50 21.60 9.18
N SER C 149 -5.16 22.28 10.12
CA SER C 149 -4.78 22.20 11.52
C SER C 149 -6.07 22.14 12.34
N GLY C 150 -5.94 22.42 13.64
CA GLY C 150 -7.09 22.36 14.51
C GLY C 150 -8.18 23.32 14.10
N MET C 151 -9.36 23.14 14.68
CA MET C 151 -10.53 23.95 14.29
C MET C 151 -10.21 25.44 14.43
N ILE C 152 -9.63 25.89 15.55
CA ILE C 152 -9.43 27.32 15.71
C ILE C 152 -8.38 27.84 14.73
N GLU C 153 -7.39 27.02 14.37
CA GLU C 153 -6.41 27.44 13.37
C GLU C 153 -7.08 27.68 12.02
N THR C 154 -7.86 26.69 11.55
CA THR C 154 -8.56 26.85 10.29
C THR C 154 -9.56 27.99 10.36
N ASP C 155 -10.24 28.15 11.51
CA ASP C 155 -11.21 29.22 11.66
C ASP C 155 -10.56 30.59 11.56
N GLU C 156 -9.40 30.77 12.20
CA GLU C 156 -8.74 32.07 12.16
C GLU C 156 -7.98 32.28 10.85
N ASN C 157 -7.75 31.22 10.09
CA ASN C 157 -7.12 31.39 8.79
C ASN C 157 -8.11 31.77 7.69
N ARG C 158 -9.40 31.84 8.01
CA ARG C 158 -10.43 32.28 7.09
C ARG C 158 -11.31 33.34 7.75
N ALA C 159 -12.09 34.03 6.93
CA ALA C 159 -12.97 35.09 7.42
C ALA C 159 -14.12 35.28 6.45
N LYS C 160 -15.27 35.65 6.99
CA LYS C 160 -16.44 36.01 6.19
C LYS C 160 -16.81 37.45 6.52
N VAL C 161 -17.04 38.26 5.49
CA VAL C 161 -17.24 39.69 5.66
C VAL C 161 -18.49 40.10 4.89
N GLU C 162 -19.13 41.17 5.38
CA GLU C 162 -20.38 41.66 4.83
C GLU C 162 -20.17 43.08 4.34
N ILE C 163 -20.79 43.43 3.22
CA ILE C 163 -20.58 44.73 2.62
C ILE C 163 -21.86 45.21 1.95
N THR C 164 -22.09 46.52 2.00
CA THR C 164 -23.30 47.15 1.47
C THR C 164 -22.95 48.42 0.72
N PRO C 165 -23.84 48.92 -0.16
CA PRO C 165 -23.53 50.17 -0.87
C PRO C 165 -23.26 51.34 0.06
N ASN C 166 -23.98 51.46 1.17
CA ASN C 166 -23.79 52.55 2.12
C ASN C 166 -22.71 52.24 3.15
N SER C 167 -22.28 50.99 3.26
CA SER C 167 -21.13 50.60 4.08
C SER C 167 -20.21 49.77 3.21
N PRO C 168 -19.53 50.42 2.25
CA PRO C 168 -18.76 49.65 1.26
C PRO C 168 -17.37 49.26 1.72
N ARG C 169 -17.07 49.32 3.02
CA ARG C 169 -15.75 49.00 3.53
C ARG C 169 -15.85 47.98 4.66
N ALA C 170 -14.84 47.11 4.73
CA ALA C 170 -14.81 46.06 5.72
C ALA C 170 -13.36 45.66 5.98
N GLU C 171 -13.14 44.97 7.10
CA GLU C 171 -11.83 44.48 7.47
C GLU C 171 -11.94 43.06 7.98
N ALA C 172 -11.13 42.16 7.43
CA ALA C 172 -11.15 40.75 7.80
C ALA C 172 -9.84 40.40 8.50
N THR C 173 -9.94 39.77 9.66
CA THR C 173 -8.77 39.38 10.44
C THR C 173 -8.44 37.91 10.16
N LEU C 174 -7.18 37.64 9.82
CA LEU C 174 -6.67 36.30 9.63
C LEU C 174 -5.50 36.12 10.60
N GLY C 175 -5.79 35.51 11.74
CA GLY C 175 -4.83 35.42 12.83
C GLY C 175 -3.49 34.83 12.46
N GLY C 176 -2.41 35.55 12.79
CA GLY C 176 -1.08 35.18 12.40
C GLY C 176 -0.65 35.71 11.06
N PHE C 177 -1.60 35.95 10.16
CA PHE C 177 -1.32 36.56 8.86
C PHE C 177 -1.75 38.01 8.78
N GLY C 178 -2.31 38.55 9.85
CA GLY C 178 -2.67 39.95 9.90
C GLY C 178 -4.13 40.23 9.57
N SER C 179 -4.36 41.24 8.74
CA SER C 179 -5.71 41.61 8.36
C SER C 179 -5.70 42.17 6.94
N LEU C 180 -6.87 42.13 6.31
CA LEU C 180 -7.05 42.62 4.96
C LEU C 180 -8.23 43.57 4.92
N GLY C 181 -8.08 44.66 4.19
CA GLY C 181 -9.16 45.62 4.02
C GLY C 181 -9.85 45.44 2.68
N LEU C 182 -11.16 45.70 2.66
CA LEU C 182 -11.95 45.57 1.44
C LEU C 182 -12.77 46.82 1.25
N ASP C 183 -12.69 47.40 0.05
CA ASP C 183 -13.58 48.48 -0.39
C ASP C 183 -14.24 48.02 -1.67
N CYS C 184 -15.52 47.68 -1.60
CA CYS C 184 -16.20 47.01 -2.70
C CYS C 184 -17.32 47.87 -3.25
N GLU C 185 -17.66 47.61 -4.52
CA GLU C 185 -18.62 48.40 -5.27
C GLU C 185 -19.10 47.61 -6.48
N PRO C 186 -20.40 47.60 -6.76
CA PRO C 186 -20.90 46.79 -7.88
C PRO C 186 -20.41 47.30 -9.22
N ARG C 187 -20.30 46.37 -10.17
CA ARG C 187 -19.93 46.72 -11.54
C ARG C 187 -21.11 47.34 -12.27
N THR C 188 -20.80 48.11 -13.31
CA THR C 188 -21.81 48.92 -13.98
C THR C 188 -22.71 48.12 -14.91
N GLY C 189 -22.37 46.86 -15.19
CA GLY C 189 -23.07 46.13 -16.24
C GLY C 189 -24.54 45.91 -15.94
N LEU C 190 -24.86 45.50 -14.72
CA LEU C 190 -26.21 45.03 -14.38
C LEU C 190 -26.70 45.76 -13.14
N ASP C 191 -27.77 46.54 -13.29
CA ASP C 191 -28.39 47.27 -12.20
C ASP C 191 -29.64 46.52 -11.75
N PHE C 192 -29.63 46.05 -10.49
CA PHE C 192 -30.74 45.28 -9.97
C PHE C 192 -31.94 46.14 -9.58
N SER C 193 -31.74 47.45 -9.39
CA SER C 193 -32.85 48.33 -9.06
C SER C 193 -33.78 48.56 -10.24
N ASP C 194 -33.36 48.18 -11.45
CA ASP C 194 -34.17 48.33 -12.65
C ASP C 194 -35.01 47.09 -12.96
N LEU C 195 -35.00 46.10 -12.08
CA LEU C 195 -35.72 44.85 -12.30
C LEU C 195 -36.68 44.59 -11.15
N TYR C 196 -37.66 43.74 -11.42
CA TYR C 196 -38.60 43.25 -10.41
C TYR C 196 -38.24 41.85 -10.01
N TYR C 197 -38.48 41.53 -8.74
CA TYR C 197 -38.29 40.19 -8.19
C TYR C 197 -39.64 39.48 -8.27
N LEU C 198 -39.72 38.46 -9.13
CA LEU C 198 -40.96 37.75 -9.39
C LEU C 198 -40.96 36.43 -8.65
N THR C 199 -42.06 36.15 -7.95
CA THR C 199 -42.23 34.93 -7.17
C THR C 199 -43.50 34.23 -7.65
N MET C 200 -43.38 32.95 -7.98
CA MET C 200 -44.51 32.13 -8.39
C MET C 200 -44.24 30.69 -7.96
N ASN C 201 -45.09 30.17 -7.07
CA ASN C 201 -45.05 28.77 -6.65
C ASN C 201 -43.66 28.37 -6.18
N ASN C 202 -43.07 29.19 -5.31
CA ASN C 202 -41.74 28.94 -4.74
C ASN C 202 -40.65 28.93 -5.80
N LYS C 203 -40.85 29.67 -6.89
CA LYS C 203 -39.84 29.86 -7.91
C LYS C 203 -39.66 31.36 -8.15
N HIS C 204 -38.41 31.79 -8.33
CA HIS C 204 -38.11 33.21 -8.29
C HIS C 204 -37.23 33.62 -9.46
N TRP C 205 -37.53 34.79 -10.01
CA TRP C 205 -36.80 35.34 -11.14
C TRP C 205 -36.57 36.83 -10.94
N LEU C 206 -35.68 37.38 -11.76
CA LEU C 206 -35.54 38.82 -11.94
C LEU C 206 -36.02 39.16 -13.35
N VAL C 207 -36.96 40.10 -13.44
CA VAL C 207 -37.66 40.37 -14.69
C VAL C 207 -37.64 41.86 -14.98
N HIS C 208 -37.80 42.19 -16.25
CA HIS C 208 -37.83 43.59 -16.67
C HIS C 208 -39.17 44.22 -16.28
N LYS C 209 -39.11 45.52 -15.97
CA LYS C 209 -40.28 46.21 -15.43
C LYS C 209 -41.43 46.25 -16.43
N GLU C 210 -41.16 46.69 -17.66
CA GLU C 210 -42.24 46.90 -18.62
C GLU C 210 -42.87 45.59 -19.06
N TRP C 211 -42.10 44.50 -19.10
CA TRP C 211 -42.68 43.19 -19.36
C TRP C 211 -43.64 42.79 -18.25
N PHE C 212 -43.25 43.04 -16.99
CA PHE C 212 -44.12 42.72 -15.87
C PHE C 212 -45.38 43.59 -15.87
N HIS C 213 -45.26 44.84 -16.32
CA HIS C 213 -46.40 45.74 -16.28
C HIS C 213 -47.41 45.44 -17.37
N ASP C 214 -47.03 44.69 -18.40
CA ASP C 214 -47.91 44.38 -19.51
C ASP C 214 -48.32 42.91 -19.55
N ILE C 215 -48.23 42.21 -18.42
CA ILE C 215 -48.65 40.81 -18.38
C ILE C 215 -50.17 40.73 -18.50
N PRO C 216 -50.72 39.92 -19.41
CA PRO C 216 -52.19 39.86 -19.60
C PRO C 216 -52.88 38.89 -18.65
N LEU C 217 -52.88 39.23 -17.38
CA LEU C 217 -53.54 38.45 -16.34
C LEU C 217 -54.23 39.40 -15.38
N PRO C 218 -55.26 38.93 -14.67
CA PRO C 218 -55.86 39.77 -13.63
C PRO C 218 -54.83 40.13 -12.56
N TRP C 219 -54.90 41.37 -12.11
CA TRP C 219 -53.87 41.91 -11.23
C TRP C 219 -54.49 42.76 -10.14
N HIS C 220 -53.78 42.83 -9.01
CA HIS C 220 -54.12 43.75 -7.93
C HIS C 220 -52.85 44.36 -7.38
N ALA C 221 -52.95 45.64 -6.99
CA ALA C 221 -51.79 46.32 -6.43
C ALA C 221 -51.44 45.73 -5.07
N GLY C 222 -50.16 45.87 -4.71
CA GLY C 222 -49.67 45.30 -3.47
C GLY C 222 -50.02 46.14 -2.25
N ALA C 223 -51.04 46.99 -2.37
CA ALA C 223 -51.46 47.85 -1.28
C ALA C 223 -52.36 47.11 -0.29
N ASP C 224 -53.50 46.63 -0.77
CA ASP C 224 -54.52 46.02 0.09
C ASP C 224 -54.80 44.61 -0.40
N THR C 225 -54.46 43.62 0.43
CA THR C 225 -54.63 42.22 0.10
C THR C 225 -55.76 41.57 0.91
N GLY C 226 -56.19 42.21 2.00
CA GLY C 226 -57.23 41.62 2.83
C GLY C 226 -58.50 41.34 2.08
N THR C 227 -58.94 42.29 1.26
CA THR C 227 -60.03 42.05 0.31
C THR C 227 -59.47 42.20 -1.08
N PRO C 228 -59.09 41.11 -1.74
CA PRO C 228 -58.45 41.24 -3.06
C PRO C 228 -59.46 41.64 -4.13
N HIS C 229 -59.26 42.82 -4.69
CA HIS C 229 -60.02 43.30 -5.83
C HIS C 229 -59.15 43.14 -7.07
N TRP C 230 -59.63 42.37 -8.04
CA TRP C 230 -58.86 42.00 -9.21
C TRP C 230 -59.26 42.87 -10.39
N ASN C 231 -58.30 43.65 -10.89
CA ASN C 231 -58.51 44.38 -12.13
C ASN C 231 -58.28 43.47 -13.31
N ASN C 232 -59.08 43.66 -14.36
CA ASN C 232 -59.02 42.85 -15.58
C ASN C 232 -59.29 41.37 -15.28
N LYS C 233 -60.39 41.14 -14.56
CA LYS C 233 -60.84 39.78 -14.30
C LYS C 233 -61.17 39.03 -15.58
N GLU C 234 -61.50 39.75 -16.65
CA GLU C 234 -61.86 39.16 -17.94
C GLU C 234 -60.68 38.52 -18.65
N ALA C 235 -59.45 38.70 -18.15
CA ALA C 235 -58.30 38.08 -18.79
C ALA C 235 -58.33 36.56 -18.63
N LEU C 236 -59.08 36.07 -17.65
CA LEU C 236 -59.20 34.64 -17.41
C LEU C 236 -60.62 34.12 -17.61
N VAL C 237 -61.63 34.97 -17.48
CA VAL C 237 -63.03 34.56 -17.61
C VAL C 237 -63.54 34.99 -18.96
N GLU C 238 -64.25 34.09 -19.65
CA GLU C 238 -64.78 34.36 -20.97
C GLU C 238 -66.25 33.97 -21.05
N PHE C 239 -67.00 34.72 -21.85
CA PHE C 239 -68.43 34.53 -22.07
C PHE C 239 -68.62 34.01 -23.48
N LYS C 240 -69.26 32.84 -23.62
CA LYS C 240 -69.27 32.15 -24.90
C LYS C 240 -70.66 32.02 -25.51
N ASP C 241 -71.64 31.44 -24.80
CA ASP C 241 -72.85 30.96 -25.47
C ASP C 241 -73.73 32.10 -25.93
N ALA C 242 -74.12 32.99 -25.02
CA ALA C 242 -74.99 34.13 -25.33
C ALA C 242 -76.32 33.68 -25.91
N HIS C 243 -77.07 32.95 -25.08
CA HIS C 243 -78.40 32.48 -25.42
C HIS C 243 -79.45 33.49 -24.98
N ALA C 244 -80.73 33.10 -25.09
CA ALA C 244 -81.82 34.04 -24.84
C ALA C 244 -81.87 34.47 -23.38
N LYS C 245 -81.77 33.51 -22.46
CA LYS C 245 -81.92 33.79 -21.04
C LYS C 245 -80.72 33.37 -20.21
N ARG C 246 -79.63 32.94 -20.82
CA ARG C 246 -78.45 32.56 -20.07
C ARG C 246 -77.21 32.69 -20.93
N GLN C 247 -76.07 32.89 -20.26
CA GLN C 247 -74.77 32.91 -20.89
C GLN C 247 -73.87 31.90 -20.18
N THR C 248 -72.95 31.32 -20.92
CA THR C 248 -71.99 30.39 -20.37
C THR C 248 -70.68 31.11 -20.06
N VAL C 249 -70.19 30.92 -18.84
CA VAL C 249 -68.94 31.53 -18.38
C VAL C 249 -67.92 30.41 -18.18
N VAL C 250 -66.75 30.58 -18.78
CA VAL C 250 -65.67 29.61 -18.64
C VAL C 250 -64.42 30.32 -18.14
N VAL C 251 -63.55 29.56 -17.50
CA VAL C 251 -62.27 30.06 -17.04
C VAL C 251 -61.18 29.42 -17.90
N LEU C 252 -60.09 30.15 -18.10
CA LEU C 252 -59.06 29.71 -19.04
C LEU C 252 -58.27 28.54 -18.48
N GLY C 253 -57.91 28.59 -17.21
CA GLY C 253 -57.12 27.54 -16.60
C GLY C 253 -55.94 28.13 -15.86
N SER C 254 -54.85 27.38 -15.85
CA SER C 254 -53.62 27.79 -15.17
C SER C 254 -52.61 28.29 -16.18
N GLN C 255 -52.16 29.53 -16.00
CA GLN C 255 -51.15 30.12 -16.88
C GLN C 255 -49.73 29.88 -16.39
N GLU C 256 -49.54 28.96 -15.45
CA GLU C 256 -48.21 28.73 -14.89
C GLU C 256 -47.22 28.31 -15.96
N GLY C 257 -47.60 27.35 -16.80
CA GLY C 257 -46.73 26.90 -17.86
C GLY C 257 -46.45 27.97 -18.90
N ALA C 258 -47.45 28.81 -19.20
CA ALA C 258 -47.26 29.87 -20.17
C ALA C 258 -46.22 30.88 -19.70
N VAL C 259 -46.28 31.28 -18.43
CA VAL C 259 -45.29 32.21 -17.92
C VAL C 259 -43.95 31.51 -17.70
N HIS C 260 -43.95 30.20 -17.47
CA HIS C 260 -42.69 29.46 -17.45
C HIS C 260 -42.01 29.53 -18.80
N THR C 261 -42.77 29.34 -19.88
CA THR C 261 -42.21 29.48 -21.23
C THR C 261 -41.76 30.91 -21.48
N ALA C 262 -42.55 31.88 -21.03
CA ALA C 262 -42.19 33.29 -21.24
C ALA C 262 -40.99 33.72 -20.44
N LEU C 263 -40.63 32.98 -19.38
CA LEU C 263 -39.52 33.36 -18.52
C LEU C 263 -38.21 32.65 -18.87
N ALA C 264 -38.16 31.97 -20.01
CA ALA C 264 -36.91 31.38 -20.46
C ALA C 264 -35.90 32.47 -20.79
N GLY C 265 -34.67 32.31 -20.30
CA GLY C 265 -33.66 33.32 -20.48
C GLY C 265 -33.64 34.41 -19.44
N ALA C 266 -34.57 34.39 -18.49
CA ALA C 266 -34.57 35.35 -17.40
C ALA C 266 -33.74 34.83 -16.24
N LEU C 267 -33.06 35.75 -15.56
CA LEU C 267 -32.19 35.37 -14.45
C LEU C 267 -32.98 34.76 -13.31
N GLU C 268 -32.53 33.61 -12.83
CA GLU C 268 -33.21 32.95 -11.72
C GLU C 268 -32.65 33.44 -10.39
N ALA C 269 -33.44 33.23 -9.34
CA ALA C 269 -33.06 33.67 -8.00
C ALA C 269 -33.64 32.68 -6.99
N GLU C 270 -33.34 32.91 -5.71
CA GLU C 270 -33.88 32.08 -4.64
C GLU C 270 -34.34 32.98 -3.51
N MET C 271 -34.88 32.36 -2.46
CA MET C 271 -35.39 33.09 -1.31
C MET C 271 -34.86 32.47 -0.02
N ASP C 272 -34.22 33.28 0.80
CA ASP C 272 -33.70 32.88 2.10
C ASP C 272 -34.30 33.81 3.15
N GLY C 273 -35.35 33.36 3.82
CA GLY C 273 -35.91 34.04 4.97
C GLY C 273 -36.16 35.52 4.78
N ALA C 274 -37.12 35.87 3.93
CA ALA C 274 -37.51 37.23 3.57
C ALA C 274 -36.40 37.96 2.84
N LYS C 275 -35.34 37.28 2.41
CA LYS C 275 -34.28 37.89 1.63
C LYS C 275 -34.26 37.27 0.24
N GLY C 276 -34.09 38.09 -0.78
CA GLY C 276 -33.95 37.58 -2.14
C GLY C 276 -32.49 37.31 -2.44
N ARG C 277 -32.17 36.07 -2.79
CA ARG C 277 -30.81 35.64 -3.08
C ARG C 277 -30.59 35.67 -4.58
N LEU C 278 -29.62 36.46 -5.01
CA LEU C 278 -29.26 36.60 -6.42
C LEU C 278 -27.97 35.86 -6.72
N SER C 279 -27.75 35.57 -8.00
CA SER C 279 -26.56 34.87 -8.44
C SER C 279 -25.97 35.49 -9.70
N SER C 280 -26.11 36.79 -9.87
CA SER C 280 -25.63 37.49 -11.07
C SER C 280 -24.91 38.77 -10.65
N GLY C 281 -24.23 39.37 -11.62
CA GLY C 281 -23.52 40.61 -11.40
C GLY C 281 -22.07 40.40 -10.99
N HIS C 282 -21.34 41.51 -10.98
CA HIS C 282 -19.92 41.53 -10.62
C HIS C 282 -19.68 42.55 -9.53
N LEU C 283 -18.67 42.29 -8.70
CA LEU C 283 -18.30 43.20 -7.61
C LEU C 283 -16.83 43.55 -7.72
N LYS C 284 -16.54 44.83 -7.92
CA LYS C 284 -15.16 45.30 -7.93
C LYS C 284 -14.74 45.63 -6.51
N CYS C 285 -13.66 45.00 -6.05
CA CYS C 285 -13.16 45.22 -4.70
C CYS C 285 -11.70 45.64 -4.76
N ARG C 286 -11.38 46.71 -4.03
CA ARG C 286 -10.01 47.11 -3.79
C ARG C 286 -9.59 46.54 -2.43
N LEU C 287 -8.56 45.70 -2.44
CA LEU C 287 -8.07 45.05 -1.25
C LEU C 287 -6.83 45.79 -0.76
N LYS C 288 -6.83 46.16 0.51
CA LYS C 288 -5.72 46.83 1.16
C LYS C 288 -4.95 45.77 1.94
N MET C 289 -3.66 45.67 1.65
CA MET C 289 -2.80 44.58 2.13
C MET C 289 -1.68 45.05 3.03
N ASP C 290 -1.69 46.32 3.46
CA ASP C 290 -0.56 46.84 4.22
C ASP C 290 -0.41 46.14 5.56
N LYS C 291 -1.50 45.60 6.12
CA LYS C 291 -1.46 44.87 7.37
C LYS C 291 -1.43 43.37 7.17
N LEU C 292 -1.29 42.90 5.93
CA LEU C 292 -1.06 41.48 5.68
C LEU C 292 0.42 41.16 5.85
N ARG C 293 0.71 40.07 6.55
CA ARG C 293 2.09 39.72 6.85
C ARG C 293 2.28 38.22 6.73
N LEU C 294 3.53 37.83 6.52
CA LEU C 294 3.90 36.42 6.50
C LEU C 294 3.96 35.87 7.93
N LYS C 295 3.95 34.56 8.06
CA LYS C 295 3.91 33.90 9.36
C LYS C 295 5.29 33.47 9.84
N GLY C 296 6.02 32.71 9.02
CA GLY C 296 7.26 32.12 9.49
C GLY C 296 8.53 32.80 9.02
N VAL C 297 8.53 34.13 9.04
CA VAL C 297 9.70 34.87 8.57
C VAL C 297 10.93 34.57 9.43
N SER C 298 10.73 34.18 10.68
CA SER C 298 11.83 33.92 11.60
C SER C 298 12.24 32.46 11.64
N TYR C 299 11.52 31.56 10.99
CA TYR C 299 11.81 30.15 11.14
C TYR C 299 13.02 29.73 10.29
N SER C 300 13.53 28.54 10.58
CA SER C 300 14.58 27.94 9.79
C SER C 300 13.98 27.03 8.71
N LEU C 301 14.81 26.67 7.75
CA LEU C 301 14.37 25.76 6.70
C LEU C 301 14.15 24.36 7.27
N CYS C 302 13.15 23.67 6.74
CA CYS C 302 12.99 22.25 7.03
C CYS C 302 14.12 21.46 6.38
N THR C 303 14.97 20.85 7.21
CA THR C 303 16.14 20.12 6.73
C THR C 303 15.90 18.63 6.59
N ALA C 304 14.75 18.11 7.04
CA ALA C 304 14.47 16.69 6.96
C ALA C 304 13.75 16.37 5.66
N ALA C 305 13.40 15.10 5.48
CA ALA C 305 12.92 14.60 4.21
C ALA C 305 11.43 14.91 4.01
N PHE C 306 11.07 15.09 2.74
CA PHE C 306 9.68 15.16 2.30
C PHE C 306 9.39 13.98 1.40
N THR C 307 8.13 13.56 1.38
CA THR C 307 7.67 12.51 0.49
C THR C 307 6.42 12.94 -0.24
N PHE C 308 6.31 12.52 -1.50
CA PHE C 308 5.11 12.77 -2.30
C PHE C 308 4.05 11.74 -1.94
N THR C 309 3.05 12.15 -1.17
CA THR C 309 1.93 11.27 -0.83
C THR C 309 0.86 11.24 -1.91
N LYS C 310 0.91 12.16 -2.86
CA LYS C 310 -0.02 12.20 -3.97
C LYS C 310 0.76 12.44 -5.26
N ILE C 311 0.24 11.91 -6.36
CA ILE C 311 0.79 12.21 -7.68
C ILE C 311 0.44 13.66 -8.01
N PRO C 312 1.40 14.48 -8.42
CA PRO C 312 1.08 15.86 -8.79
C PRO C 312 0.07 15.90 -9.94
N ALA C 313 -0.86 16.84 -9.84
CA ALA C 313 -1.97 16.92 -10.78
C ALA C 313 -2.07 18.32 -11.36
N GLU C 314 -2.17 18.39 -12.68
CA GLU C 314 -2.41 19.66 -13.34
C GLU C 314 -3.84 20.10 -13.12
N THR C 315 -4.03 21.37 -12.75
CA THR C 315 -5.36 21.92 -12.57
C THR C 315 -5.91 22.41 -13.90
N LEU C 316 -7.12 22.98 -13.86
CA LEU C 316 -7.75 23.44 -15.09
C LEU C 316 -7.02 24.63 -15.68
N HIS C 317 -6.25 25.35 -14.87
CA HIS C 317 -5.57 26.56 -15.31
C HIS C 317 -4.08 26.35 -15.55
N GLY C 318 -3.61 25.10 -15.58
CA GLY C 318 -2.23 24.82 -15.87
C GLY C 318 -1.30 24.84 -14.68
N THR C 319 -1.81 25.00 -13.47
CA THR C 319 -0.97 24.93 -12.29
C THR C 319 -0.84 23.49 -11.83
N VAL C 320 0.10 23.25 -10.91
CA VAL C 320 0.36 21.92 -10.40
C VAL C 320 0.11 21.91 -8.90
N THR C 321 -0.59 20.87 -8.44
CA THR C 321 -0.90 20.67 -7.04
C THR C 321 -0.09 19.50 -6.50
N VAL C 322 0.56 19.71 -5.35
CA VAL C 322 1.42 18.71 -4.74
C VAL C 322 1.00 18.53 -3.30
N GLU C 323 1.01 17.28 -2.84
CA GLU C 323 0.83 16.97 -1.43
C GLU C 323 2.09 16.29 -0.93
N VAL C 324 2.65 16.81 0.16
CA VAL C 324 3.91 16.31 0.70
C VAL C 324 3.73 15.97 2.17
N GLN C 325 4.51 15.01 2.63
CA GLN C 325 4.54 14.62 4.04
C GLN C 325 5.96 14.77 4.54
N TYR C 326 6.11 15.44 5.68
CA TYR C 326 7.40 15.82 6.21
C TYR C 326 7.81 14.88 7.33
N ALA C 327 8.90 14.13 7.12
CA ALA C 327 9.40 13.18 8.10
C ALA C 327 10.48 13.85 8.95
N GLY C 328 10.05 14.81 9.76
CA GLY C 328 10.98 15.54 10.60
C GLY C 328 10.26 16.23 11.73
N THR C 329 10.98 16.44 12.84
CA THR C 329 10.46 17.10 14.02
C THR C 329 11.08 18.47 14.24
N ASP C 330 11.35 19.20 13.14
CA ASP C 330 11.99 20.51 13.26
C ASP C 330 11.03 21.58 13.73
N GLY C 331 9.80 21.22 14.10
CA GLY C 331 8.85 22.18 14.60
C GLY C 331 8.44 23.17 13.53
N PRO C 332 8.20 24.41 13.94
CA PRO C 332 7.88 25.46 12.96
C PRO C 332 9.05 25.72 12.03
N CYS C 333 8.81 25.54 10.73
CA CYS C 333 9.88 25.64 9.74
C CYS C 333 9.33 26.29 8.48
N LYS C 334 10.23 26.71 7.61
CA LYS C 334 9.90 27.09 6.24
C LYS C 334 10.08 25.87 5.34
N VAL C 335 9.13 25.65 4.43
CA VAL C 335 9.18 24.52 3.51
C VAL C 335 9.87 24.99 2.24
N PRO C 336 11.05 24.46 1.91
CA PRO C 336 11.66 24.80 0.62
C PRO C 336 10.92 24.11 -0.52
N ALA C 337 10.34 24.93 -1.39
CA ALA C 337 9.55 24.42 -2.51
C ALA C 337 9.73 25.36 -3.69
N GLN C 338 9.99 24.79 -4.86
CA GLN C 338 10.21 25.61 -6.03
C GLN C 338 10.08 24.74 -7.29
N MET C 339 10.20 25.39 -8.44
CA MET C 339 10.38 24.72 -9.71
C MET C 339 11.72 25.11 -10.30
N ALA C 340 12.35 24.16 -10.98
CA ALA C 340 13.70 24.37 -11.47
C ALA C 340 13.88 23.72 -12.83
N VAL C 341 14.83 24.25 -13.59
CA VAL C 341 15.25 23.66 -14.86
C VAL C 341 16.74 23.37 -14.77
N ASP C 342 17.50 24.33 -14.26
CA ASP C 342 18.91 24.11 -13.93
C ASP C 342 18.99 23.38 -12.59
N MET C 343 19.44 22.13 -12.62
CA MET C 343 19.32 21.23 -11.47
C MET C 343 20.51 21.23 -10.55
N GLN C 344 21.56 22.00 -10.85
CA GLN C 344 22.71 22.10 -9.96
C GLN C 344 22.64 23.38 -9.12
N THR C 345 22.57 24.53 -9.77
CA THR C 345 22.42 25.80 -9.04
C THR C 345 20.99 26.03 -8.59
N LEU C 346 20.04 25.28 -9.13
CA LEU C 346 18.63 25.32 -8.70
C LEU C 346 18.06 26.73 -8.79
N THR C 347 18.25 27.37 -9.94
CA THR C 347 17.68 28.70 -10.16
C THR C 347 16.15 28.60 -10.15
N PRO C 348 15.47 29.36 -9.30
CA PRO C 348 14.01 29.26 -9.25
C PRO C 348 13.38 29.69 -10.57
N VAL C 349 12.42 28.89 -11.03
CA VAL C 349 11.71 29.15 -12.26
C VAL C 349 10.22 28.96 -11.99
N GLY C 350 9.40 29.57 -12.84
CA GLY C 350 7.97 29.52 -12.61
C GLY C 350 7.58 30.37 -11.41
N ARG C 351 6.56 29.92 -10.68
CA ARG C 351 6.01 30.70 -9.58
C ARG C 351 5.49 29.76 -8.51
N LEU C 352 5.52 30.23 -7.27
CA LEU C 352 4.98 29.53 -6.12
C LEU C 352 3.71 30.24 -5.67
N ILE C 353 2.55 29.66 -6.01
CA ILE C 353 1.28 30.28 -5.65
C ILE C 353 1.03 30.22 -4.15
N THR C 354 1.30 29.07 -3.51
CA THR C 354 1.16 28.95 -2.07
C THR C 354 2.39 29.58 -1.45
N ALA C 355 2.35 30.90 -1.27
CA ALA C 355 3.48 31.66 -0.78
C ALA C 355 3.78 31.29 0.67
N ASN C 356 5.07 31.22 0.98
CA ASN C 356 5.56 30.90 2.32
C ASN C 356 4.92 29.63 2.89
N PRO C 357 5.29 28.46 2.37
CA PRO C 357 4.82 27.21 3.00
C PRO C 357 5.55 26.98 4.32
N VAL C 358 4.76 26.81 5.38
CA VAL C 358 5.31 26.68 6.73
C VAL C 358 4.66 25.47 7.39
N ILE C 359 5.49 24.53 7.84
CA ILE C 359 5.02 23.44 8.70
C ILE C 359 4.88 24.02 10.11
N THR C 360 3.63 24.17 10.56
CA THR C 360 3.36 24.74 11.87
C THR C 360 3.38 23.70 12.98
N GLU C 361 3.61 22.44 12.65
CA GLU C 361 3.47 21.35 13.61
C GLU C 361 4.84 20.86 14.07
N SER C 362 4.98 20.70 15.39
CA SER C 362 6.20 20.10 15.92
C SER C 362 6.21 18.59 15.78
N THR C 363 5.09 18.01 15.35
CA THR C 363 4.98 16.57 15.19
C THR C 363 5.70 16.11 13.92
N GLU C 364 5.78 14.79 13.77
CA GLU C 364 6.36 14.20 12.58
C GLU C 364 5.27 13.74 11.62
N ASN C 365 5.65 13.57 10.35
CA ASN C 365 4.76 13.09 9.30
C ASN C 365 3.54 14.00 9.14
N SER C 366 3.75 15.30 9.25
CA SER C 366 2.70 16.26 8.96
C SER C 366 2.57 16.46 7.45
N LYS C 367 1.36 16.77 7.01
CA LYS C 367 1.05 16.90 5.60
C LYS C 367 0.85 18.36 5.21
N MET C 368 1.25 18.67 3.98
CA MET C 368 1.21 20.01 3.44
C MET C 368 0.77 19.93 1.99
N MET C 369 -0.01 20.92 1.55
CA MET C 369 -0.42 21.02 0.16
C MET C 369 0.10 22.30 -0.46
N LEU C 370 0.71 22.18 -1.64
CA LEU C 370 1.32 23.29 -2.34
C LEU C 370 0.71 23.41 -3.73
N GLU C 371 0.62 24.65 -4.21
CA GLU C 371 0.27 24.93 -5.59
C GLU C 371 1.39 25.73 -6.22
N LEU C 372 1.84 25.29 -7.40
CA LEU C 372 2.91 25.95 -8.11
C LEU C 372 2.45 26.31 -9.51
N ASP C 373 3.01 27.39 -10.05
CA ASP C 373 2.75 27.85 -11.41
C ASP C 373 3.99 27.53 -12.23
N PRO C 374 4.02 26.40 -12.91
CA PRO C 374 5.22 25.97 -13.62
C PRO C 374 5.48 26.85 -14.84
N PRO C 375 6.70 26.81 -15.38
CA PRO C 375 6.94 27.40 -16.69
C PRO C 375 6.47 26.47 -17.79
N PHE C 376 6.30 27.04 -18.98
CA PHE C 376 5.93 26.23 -20.13
C PHE C 376 7.09 25.33 -20.54
N GLY C 377 6.77 24.10 -20.91
CA GLY C 377 7.79 23.13 -21.24
C GLY C 377 8.07 22.19 -20.09
N ASP C 378 9.27 21.63 -20.11
CA ASP C 378 9.71 20.68 -19.09
C ASP C 378 10.38 21.39 -17.93
N SER C 379 10.07 20.95 -16.72
CA SER C 379 10.64 21.51 -15.51
C SER C 379 10.59 20.45 -14.41
N TYR C 380 11.02 20.82 -13.20
CA TYR C 380 10.97 19.92 -12.06
C TYR C 380 10.40 20.64 -10.86
N ILE C 381 9.58 19.92 -10.10
CA ILE C 381 9.18 20.32 -8.77
C ILE C 381 10.26 19.87 -7.80
N VAL C 382 10.74 20.79 -6.97
CA VAL C 382 11.81 20.52 -6.02
C VAL C 382 11.28 20.87 -4.64
N ILE C 383 11.26 19.89 -3.75
CA ILE C 383 10.78 20.06 -2.38
C ILE C 383 11.89 19.61 -1.43
N GLY C 384 12.34 20.53 -0.57
CA GLY C 384 13.38 20.23 0.38
C GLY C 384 14.73 20.81 -0.02
N VAL C 385 15.71 20.61 0.86
CA VAL C 385 17.05 21.13 0.68
C VAL C 385 18.06 20.02 0.93
N GLY C 386 19.26 20.20 0.37
CA GLY C 386 20.33 19.25 0.57
C GLY C 386 20.10 17.94 -0.17
N GLU C 387 20.73 16.89 0.34
CA GLU C 387 20.62 15.56 -0.26
C GLU C 387 19.24 14.94 -0.04
N LYS C 388 18.47 15.46 0.91
CA LYS C 388 17.16 14.91 1.21
C LYS C 388 16.05 15.48 0.34
N LYS C 389 16.36 16.43 -0.55
CA LYS C 389 15.34 17.04 -1.38
C LYS C 389 14.80 16.04 -2.40
N ILE C 390 13.54 16.23 -2.77
CA ILE C 390 12.84 15.35 -3.70
C ILE C 390 12.47 16.15 -4.94
N THR C 391 12.38 15.44 -6.06
CA THR C 391 12.29 16.04 -7.37
C THR C 391 11.28 15.28 -8.22
N HIS C 392 10.47 16.00 -8.97
CA HIS C 392 9.45 15.39 -9.82
C HIS C 392 9.37 16.11 -11.16
N HIS C 393 9.43 15.34 -12.25
CA HIS C 393 9.34 15.91 -13.59
C HIS C 393 7.96 16.48 -13.86
N TRP C 394 7.90 17.53 -14.67
CA TRP C 394 6.64 18.17 -15.02
C TRP C 394 6.73 18.77 -16.41
N HIS C 395 5.56 18.95 -17.04
CA HIS C 395 5.47 19.49 -18.39
C HIS C 395 4.31 20.47 -18.49
N ARG C 396 4.48 21.48 -19.34
CA ARG C 396 3.48 22.51 -19.63
C ARG C 396 3.17 23.39 -18.44
N SER C 397 2.31 24.40 -18.64
CA SER C 397 2.02 25.36 -17.59
C SER C 397 0.59 25.89 -17.69
N ILE D 1 32.28 -39.27 2.12
CA ILE D 1 33.07 -39.27 3.35
C ILE D 1 32.60 -38.07 4.18
N ARG D 2 31.66 -37.25 3.68
CA ARG D 2 31.03 -36.16 4.49
C ARG D 2 30.19 -36.79 5.61
N CYS D 3 29.88 -38.09 5.52
CA CYS D 3 29.15 -38.83 6.58
C CYS D 3 29.86 -38.72 7.92
N ILE D 4 31.19 -38.55 7.92
CA ILE D 4 31.99 -38.48 9.17
C ILE D 4 31.62 -37.25 10.00
N GLY D 5 31.12 -36.18 9.38
CA GLY D 5 30.81 -34.95 10.12
C GLY D 5 29.40 -34.90 10.64
N VAL D 6 28.55 -35.82 10.21
CA VAL D 6 27.14 -35.91 10.68
C VAL D 6 27.16 -36.33 12.15
N SER D 7 26.41 -35.63 13.00
CA SER D 7 26.32 -35.97 14.45
C SER D 7 25.36 -37.14 14.66
N ASN D 8 24.32 -37.26 13.84
CA ASN D 8 23.35 -38.38 13.95
C ASN D 8 23.78 -39.53 13.03
N ARG D 9 25.04 -39.94 13.13
CA ARG D 9 25.56 -41.03 12.29
C ARG D 9 25.21 -42.35 12.94
N ASP D 10 24.59 -43.23 12.17
CA ASP D 10 24.27 -44.58 12.68
C ASP D 10 25.34 -45.55 12.22
N PHE D 11 25.77 -46.43 13.12
CA PHE D 11 26.72 -47.50 12.73
C PHE D 11 25.93 -48.80 12.83
N VAL D 12 25.69 -49.43 11.69
CA VAL D 12 24.89 -50.65 11.62
C VAL D 12 25.81 -51.80 11.23
N GLU D 13 25.88 -52.81 12.10
CA GLU D 13 26.72 -53.98 11.87
C GLU D 13 25.85 -55.12 11.36
N GLY D 14 26.02 -55.47 10.10
CA GLY D 14 25.37 -56.66 9.58
C GLY D 14 25.98 -57.91 10.15
N MET D 15 25.17 -58.96 10.21
CA MET D 15 25.64 -60.23 10.75
C MET D 15 26.70 -60.84 9.84
N SER D 16 27.60 -61.63 10.44
CA SER D 16 28.61 -62.33 9.65
C SER D 16 27.93 -63.25 8.63
N GLY D 17 26.94 -64.01 9.08
CA GLY D 17 26.06 -64.70 8.16
C GLY D 17 24.77 -63.93 7.99
N GLY D 18 24.68 -63.17 6.90
CA GLY D 18 23.52 -62.34 6.68
C GLY D 18 23.55 -61.64 5.33
N THR D 19 22.38 -61.53 4.69
CA THR D 19 22.28 -60.91 3.39
C THR D 19 21.56 -59.57 3.41
N TRP D 20 20.88 -59.24 4.51
CA TRP D 20 20.11 -58.01 4.59
C TRP D 20 20.26 -57.42 5.98
N VAL D 21 19.96 -56.13 6.10
CA VAL D 21 19.91 -55.46 7.39
C VAL D 21 19.03 -54.23 7.27
N ASP D 22 18.35 -53.87 8.35
CA ASP D 22 17.41 -52.76 8.36
C ASP D 22 18.11 -51.47 8.76
N VAL D 23 17.76 -50.38 8.08
CA VAL D 23 18.31 -49.06 8.35
C VAL D 23 17.17 -48.03 8.36
N VAL D 24 17.42 -46.93 9.05
CA VAL D 24 16.48 -45.82 9.16
C VAL D 24 17.21 -44.55 8.73
N LEU D 25 16.77 -43.95 7.62
CA LEU D 25 17.43 -42.79 7.05
C LEU D 25 16.73 -41.52 7.48
N GLU D 26 17.50 -40.56 7.98
CA GLU D 26 17.01 -39.22 8.28
C GLU D 26 17.68 -38.22 7.36
N HIS D 27 17.07 -37.04 7.27
CA HIS D 27 17.52 -36.06 6.28
C HIS D 27 18.92 -35.54 6.58
N GLY D 28 19.22 -35.19 7.82
CA GLY D 28 20.60 -34.70 8.01
C GLY D 28 21.52 -35.81 8.47
N GLY D 29 21.21 -37.06 8.12
CA GLY D 29 22.00 -38.17 8.66
C GLY D 29 22.64 -39.07 7.63
N CYS D 30 23.31 -40.10 8.12
CA CYS D 30 23.97 -41.07 7.23
C CYS D 30 24.06 -42.39 8.00
N VAL D 31 23.76 -43.50 7.33
CA VAL D 31 23.94 -44.82 7.97
C VAL D 31 25.19 -45.47 7.38
N THR D 32 26.16 -45.79 8.23
CA THR D 32 27.39 -46.51 7.79
C THR D 32 27.16 -47.99 8.10
N VAL D 33 27.05 -48.82 7.06
CA VAL D 33 26.77 -50.27 7.23
C VAL D 33 28.05 -51.10 7.03
N MET D 34 28.35 -51.98 7.98
CA MET D 34 29.55 -52.79 7.91
C MET D 34 29.19 -54.26 8.06
N ALA D 35 29.83 -55.09 7.25
CA ALA D 35 29.71 -56.54 7.36
C ALA D 35 31.10 -57.15 7.30
N GLN D 36 31.19 -58.42 7.71
CA GLN D 36 32.49 -59.05 7.94
C GLN D 36 33.37 -59.01 6.69
N ASP D 37 32.95 -59.69 5.63
CA ASP D 37 33.73 -59.77 4.41
C ASP D 37 33.18 -58.87 3.30
N LYS D 38 32.52 -57.78 3.67
CA LYS D 38 31.89 -56.90 2.72
C LYS D 38 32.48 -55.51 2.80
N PRO D 39 32.43 -54.73 1.72
CA PRO D 39 32.81 -53.32 1.81
C PRO D 39 31.80 -52.54 2.63
N THR D 40 32.29 -51.52 3.32
CA THR D 40 31.44 -50.64 4.11
C THR D 40 30.64 -49.75 3.16
N VAL D 41 29.36 -49.57 3.47
CA VAL D 41 28.44 -48.84 2.59
C VAL D 41 27.82 -47.68 3.37
N ASP D 42 27.76 -46.52 2.72
CA ASP D 42 27.10 -45.34 3.33
C ASP D 42 25.76 -45.09 2.66
N ILE D 43 24.69 -45.03 3.45
CA ILE D 43 23.33 -44.76 2.92
C ILE D 43 22.88 -43.38 3.40
N GLU D 44 22.50 -42.50 2.47
CA GLU D 44 22.10 -41.12 2.83
C GLU D 44 20.79 -40.71 2.18
N LEU D 45 19.81 -40.27 2.97
CA LEU D 45 18.58 -39.69 2.39
C LEU D 45 18.97 -38.29 1.96
N VAL D 46 18.80 -37.98 0.68
CA VAL D 46 19.19 -36.68 0.14
C VAL D 46 18.01 -35.73 0.14
N THR D 47 16.95 -36.06 -0.60
CA THR D 47 15.81 -35.19 -0.77
C THR D 47 14.52 -35.97 -0.57
N THR D 48 13.51 -35.28 -0.03
CA THR D 48 12.13 -35.76 -0.02
C THR D 48 11.31 -34.78 -0.84
N THR D 49 10.92 -35.19 -2.04
CA THR D 49 10.24 -34.34 -2.99
C THR D 49 8.88 -34.93 -3.32
N VAL D 50 7.85 -34.09 -3.34
CA VAL D 50 6.50 -34.55 -3.59
C VAL D 50 5.84 -33.65 -4.62
N SER D 51 5.07 -34.25 -5.52
CA SER D 51 4.51 -33.57 -6.67
C SER D 51 2.98 -33.48 -6.57
N ASN D 52 2.39 -32.85 -7.58
CA ASN D 52 0.94 -32.81 -7.77
C ASN D 52 0.23 -32.24 -6.55
N MET D 53 0.54 -30.98 -6.27
CA MET D 53 0.02 -30.32 -5.08
C MET D 53 -1.27 -29.60 -5.43
N ALA D 54 -2.37 -30.03 -4.82
CA ALA D 54 -3.69 -29.50 -5.17
C ALA D 54 -4.13 -28.46 -4.15
N GLU D 55 -4.36 -27.24 -4.64
CA GLU D 55 -4.77 -26.13 -3.79
C GLU D 55 -6.17 -26.37 -3.24
N VAL D 56 -6.36 -26.12 -1.95
CA VAL D 56 -7.63 -26.35 -1.27
C VAL D 56 -8.32 -25.03 -0.96
N ARG D 57 -7.61 -24.14 -0.26
CA ARG D 57 -8.20 -22.89 0.16
C ARG D 57 -7.12 -21.81 0.15
N SER D 58 -7.55 -20.58 -0.07
CA SER D 58 -6.66 -19.42 -0.03
C SER D 58 -7.23 -18.39 0.93
N TYR D 59 -6.38 -17.92 1.84
CA TYR D 59 -6.73 -16.90 2.81
C TYR D 59 -6.05 -15.59 2.47
N CYS D 60 -6.82 -14.50 2.51
CA CYS D 60 -6.28 -13.16 2.31
C CYS D 60 -5.91 -12.57 3.68
N TYR D 61 -4.66 -12.15 3.83
CA TYR D 61 -4.22 -11.52 5.06
C TYR D 61 -3.95 -10.02 4.91
N GLU D 62 -3.95 -9.50 3.69
CA GLU D 62 -3.81 -8.08 3.46
C GLU D 62 -4.69 -7.69 2.28
N ALA D 63 -5.64 -6.79 2.53
CA ALA D 63 -6.64 -6.40 1.55
C ALA D 63 -6.76 -4.88 1.53
N SER D 64 -7.53 -4.37 0.57
CA SER D 64 -7.79 -2.95 0.44
C SER D 64 -9.24 -2.74 0.00
N ILE D 65 -9.72 -1.53 0.21
CA ILE D 65 -11.10 -1.18 -0.09
C ILE D 65 -11.13 0.01 -1.03
N SER D 66 -12.17 0.08 -1.86
CA SER D 66 -12.31 1.15 -2.83
C SER D 66 -13.78 1.25 -3.24
N ASP D 67 -14.11 2.32 -3.94
CA ASP D 67 -15.45 2.55 -4.49
C ASP D 67 -16.51 2.53 -3.39
N MET D 68 -16.21 3.21 -2.29
CA MET D 68 -17.16 3.30 -1.19
C MET D 68 -18.35 4.15 -1.58
N ALA D 69 -19.54 3.70 -1.20
CA ALA D 69 -20.77 4.41 -1.52
C ALA D 69 -21.79 4.16 -0.44
N SER D 70 -22.75 5.08 -0.31
CA SER D 70 -23.80 4.98 0.68
C SER D 70 -25.13 5.43 0.08
N ASP D 71 -26.21 4.88 0.62
CA ASP D 71 -27.56 5.26 0.24
C ASP D 71 -28.43 5.33 1.49
N SER D 72 -29.28 6.35 1.56
CA SER D 72 -30.12 6.58 2.74
C SER D 72 -31.56 6.82 2.30
N ARG D 73 -32.48 6.33 3.13
CA ARG D 73 -33.90 6.53 2.95
C ARG D 73 -34.52 7.01 4.25
N CYS D 74 -35.43 7.98 4.13
CA CYS D 74 -36.17 8.51 5.25
C CYS D 74 -37.08 7.43 5.84
N PRO D 75 -37.47 7.57 7.11
CA PRO D 75 -38.39 6.59 7.70
C PRO D 75 -39.70 6.54 6.93
N THR D 76 -40.24 5.33 6.80
CA THR D 76 -41.44 4.95 6.05
C THR D 76 -41.23 5.07 4.54
N GLN D 77 -40.04 5.39 4.07
CA GLN D 77 -39.77 5.48 2.64
C GLN D 77 -39.06 4.26 2.08
N GLY D 78 -38.98 3.18 2.85
CA GLY D 78 -38.42 1.93 2.36
C GLY D 78 -36.98 1.73 2.77
N GLU D 79 -36.47 0.56 2.40
CA GLU D 79 -35.09 0.21 2.68
C GLU D 79 -34.16 0.82 1.62
N ALA D 80 -33.01 1.31 2.07
CA ALA D 80 -32.05 1.89 1.15
C ALA D 80 -31.44 0.82 0.27
N TYR D 81 -31.17 1.19 -0.98
CA TYR D 81 -30.70 0.24 -1.98
C TYR D 81 -29.52 0.84 -2.74
N LEU D 82 -28.53 0.01 -3.01
CA LEU D 82 -27.39 0.39 -3.85
C LEU D 82 -27.23 -0.65 -4.95
N ASP D 83 -26.74 -0.19 -6.10
CA ASP D 83 -26.52 -1.08 -7.23
C ASP D 83 -25.49 -2.16 -6.90
N LYS D 84 -24.42 -1.77 -6.21
CA LYS D 84 -23.33 -2.68 -5.87
C LYS D 84 -23.64 -3.56 -4.66
N GLN D 85 -24.85 -3.45 -4.10
CA GLN D 85 -25.20 -4.29 -2.96
C GLN D 85 -25.24 -5.76 -3.34
N SER D 86 -25.78 -6.08 -4.52
CA SER D 86 -25.86 -7.46 -4.95
C SER D 86 -24.55 -7.98 -5.54
N ASP D 87 -23.62 -7.08 -5.86
CA ASP D 87 -22.33 -7.50 -6.40
C ASP D 87 -21.59 -8.35 -5.38
N THR D 88 -21.02 -9.47 -5.85
CA THR D 88 -20.36 -10.41 -4.96
C THR D 88 -18.98 -9.93 -4.50
N GLN D 89 -18.39 -8.97 -5.21
CA GLN D 89 -17.07 -8.47 -4.85
C GLN D 89 -17.11 -7.33 -3.83
N TYR D 90 -18.31 -6.90 -3.44
CA TYR D 90 -18.46 -5.80 -2.51
C TYR D 90 -18.91 -6.31 -1.15
N VAL D 91 -18.50 -5.60 -0.11
CA VAL D 91 -18.97 -5.82 1.25
C VAL D 91 -19.88 -4.65 1.62
N CYS D 92 -21.05 -4.98 2.16
CA CYS D 92 -22.07 -3.99 2.45
C CYS D 92 -22.58 -4.17 3.87
N LYS D 93 -23.02 -3.06 4.46
CA LYS D 93 -23.64 -3.09 5.77
C LYS D 93 -24.90 -2.24 5.75
N ARG D 94 -25.96 -2.79 6.34
CA ARG D 94 -27.29 -2.18 6.41
C ARG D 94 -27.58 -1.83 7.86
N THR D 95 -27.89 -0.56 8.13
CA THR D 95 -28.15 -0.12 9.49
C THR D 95 -29.31 0.87 9.46
N LEU D 96 -29.73 1.29 10.66
CA LEU D 96 -30.77 2.29 10.84
C LEU D 96 -30.19 3.45 11.64
N VAL D 97 -30.49 4.66 11.18
CA VAL D 97 -29.96 5.88 11.79
C VAL D 97 -31.13 6.79 12.13
N ASP D 98 -30.85 7.79 12.96
CA ASP D 98 -31.90 8.72 13.37
C ASP D 98 -32.12 9.79 12.32
N ARG D 99 -33.39 10.00 11.95
CA ARG D 99 -33.76 10.96 10.94
C ARG D 99 -34.76 11.96 11.51
N GLY D 100 -34.85 13.12 10.89
CA GLY D 100 -35.74 14.15 11.37
C GLY D 100 -35.78 15.32 10.42
N TRP D 101 -36.38 16.41 10.90
CA TRP D 101 -36.50 17.62 10.08
C TRP D 101 -35.13 18.20 9.72
N GLY D 102 -34.15 18.03 10.61
CA GLY D 102 -32.80 18.49 10.30
C GLY D 102 -32.15 17.74 9.17
N ASN D 103 -32.44 16.44 9.05
CA ASN D 103 -31.87 15.60 8.01
C ASN D 103 -32.72 15.56 6.75
N GLY D 104 -33.84 16.28 6.71
CA GLY D 104 -34.67 16.33 5.53
C GLY D 104 -35.78 15.32 5.47
N CYS D 105 -36.25 14.82 6.61
CA CYS D 105 -37.35 13.88 6.66
C CYS D 105 -38.52 14.51 7.40
N GLY D 106 -39.73 14.08 7.05
CA GLY D 106 -40.93 14.61 7.67
C GLY D 106 -41.30 13.89 8.94
N LEU D 107 -40.58 12.82 9.26
CA LEU D 107 -40.83 12.05 10.47
C LEU D 107 -39.53 11.93 11.25
N PHE D 108 -39.67 11.61 12.54
CA PHE D 108 -38.54 11.53 13.44
C PHE D 108 -38.17 10.09 13.81
N GLY D 109 -38.53 9.12 12.99
CA GLY D 109 -38.20 7.73 13.28
C GLY D 109 -36.85 7.31 12.75
N LYS D 110 -36.66 6.01 12.56
CA LYS D 110 -35.41 5.47 12.05
C LYS D 110 -35.44 5.40 10.52
N GLY D 111 -34.44 6.00 9.89
CA GLY D 111 -34.22 5.84 8.47
C GLY D 111 -33.20 4.75 8.20
N SER D 112 -33.18 4.28 6.96
CA SER D 112 -32.33 3.16 6.59
C SER D 112 -31.10 3.66 5.83
N LEU D 113 -29.96 3.04 6.10
CA LEU D 113 -28.72 3.40 5.41
C LEU D 113 -27.94 2.14 5.04
N VAL D 114 -27.43 2.12 3.81
CA VAL D 114 -26.57 1.04 3.35
C VAL D 114 -25.26 1.63 2.90
N THR D 115 -24.16 0.96 3.23
CA THR D 115 -22.85 1.38 2.76
C THR D 115 -22.11 0.18 2.19
N CYS D 116 -21.57 0.34 0.99
CA CYS D 116 -20.89 -0.72 0.27
C CYS D 116 -19.49 -0.27 -0.15
N ALA D 117 -18.57 -1.23 -0.17
CA ALA D 117 -17.19 -0.98 -0.55
C ALA D 117 -16.63 -2.19 -1.29
N LYS D 118 -15.80 -1.93 -2.30
CA LYS D 118 -15.21 -3.01 -3.07
C LYS D 118 -14.03 -3.62 -2.33
N PHE D 119 -13.99 -4.94 -2.29
CA PHE D 119 -12.96 -5.69 -1.58
C PHE D 119 -11.95 -6.22 -2.59
N ALA D 120 -10.68 -5.89 -2.38
CA ALA D 120 -9.60 -6.36 -3.24
C ALA D 120 -8.53 -6.99 -2.37
N CYS D 121 -8.13 -8.21 -2.71
CA CYS D 121 -7.08 -8.91 -1.98
C CYS D 121 -5.72 -8.44 -2.48
N SER D 122 -4.92 -7.87 -1.59
CA SER D 122 -3.58 -7.43 -1.96
C SER D 122 -2.58 -8.58 -1.86
N LYS D 123 -2.60 -9.30 -0.74
CA LYS D 123 -1.75 -10.48 -0.56
C LYS D 123 -2.59 -11.60 0.03
N LYS D 124 -2.16 -12.83 -0.24
CA LYS D 124 -2.92 -14.00 0.19
C LYS D 124 -1.97 -15.15 0.51
N MET D 125 -2.45 -16.07 1.33
CA MET D 125 -1.77 -17.31 1.63
C MET D 125 -2.56 -18.46 1.01
N THR D 126 -1.86 -19.53 0.64
CA THR D 126 -2.48 -20.65 -0.06
C THR D 126 -2.16 -21.95 0.65
N GLY D 127 -3.19 -22.75 0.92
CA GLY D 127 -3.01 -24.08 1.45
C GLY D 127 -3.27 -25.14 0.39
N LYS D 128 -2.53 -26.24 0.50
CA LYS D 128 -2.61 -27.30 -0.50
C LYS D 128 -2.73 -28.64 0.20
N SER D 129 -3.71 -29.43 -0.21
CA SER D 129 -3.76 -30.82 0.23
C SER D 129 -2.66 -31.60 -0.46
N ILE D 130 -2.22 -32.67 0.18
CA ILE D 130 -1.12 -33.42 -0.40
C ILE D 130 -1.20 -34.85 0.12
N GLN D 131 -0.99 -35.82 -0.78
CA GLN D 131 -1.26 -37.21 -0.50
C GLN D 131 0.00 -38.04 -0.71
N PRO D 132 0.13 -39.16 0.01
CA PRO D 132 1.40 -39.92 -0.03
C PRO D 132 1.77 -40.46 -1.39
N GLU D 133 0.79 -40.66 -2.29
CA GLU D 133 1.08 -41.31 -3.56
C GLU D 133 2.10 -40.54 -4.39
N ASN D 134 2.22 -39.24 -4.16
CA ASN D 134 3.12 -38.40 -4.95
C ASN D 134 4.48 -38.20 -4.30
N LEU D 135 4.77 -38.94 -3.23
CA LEU D 135 6.03 -38.81 -2.53
C LEU D 135 7.18 -39.41 -3.34
N GLU D 136 8.35 -38.77 -3.25
CA GLU D 136 9.56 -39.29 -3.87
C GLU D 136 10.74 -39.08 -2.92
N TYR D 137 11.55 -40.12 -2.76
CA TYR D 137 12.74 -40.08 -1.93
C TYR D 137 13.96 -40.35 -2.80
N ARG D 138 14.99 -39.53 -2.64
CA ARG D 138 16.27 -39.75 -3.28
C ARG D 138 17.27 -40.25 -2.24
N ILE D 139 17.99 -41.31 -2.58
CA ILE D 139 18.90 -41.97 -1.66
C ILE D 139 20.23 -42.18 -2.37
N MET D 140 21.32 -41.77 -1.72
CA MET D 140 22.66 -41.97 -2.23
C MET D 140 23.29 -43.15 -1.50
N LEU D 141 23.75 -44.13 -2.27
CA LEU D 141 24.49 -45.26 -1.74
C LEU D 141 25.91 -45.19 -2.27
N SER D 142 26.89 -45.27 -1.37
CA SER D 142 28.28 -45.16 -1.76
C SER D 142 29.11 -46.21 -1.05
N VAL D 143 30.22 -46.59 -1.69
CA VAL D 143 31.22 -47.41 -1.02
C VAL D 143 32.07 -46.51 -0.15
N HIS D 144 32.13 -46.81 1.14
CA HIS D 144 32.78 -45.94 2.11
C HIS D 144 34.29 -46.06 1.97
N GLY D 145 34.93 -44.98 1.53
CA GLY D 145 36.37 -44.94 1.42
C GLY D 145 36.92 -45.23 0.04
N SER D 146 36.07 -45.31 -0.98
CA SER D 146 36.56 -45.53 -2.33
C SER D 146 37.33 -44.31 -2.81
N GLN D 147 38.52 -44.55 -3.36
CA GLN D 147 39.36 -43.44 -3.81
C GLN D 147 38.75 -42.79 -5.05
N HIS D 148 38.61 -41.47 -5.01
CA HIS D 148 38.02 -40.71 -6.10
C HIS D 148 39.13 -40.02 -6.87
N SER D 149 39.34 -40.43 -8.12
CA SER D 149 40.38 -39.85 -8.95
C SER D 149 40.07 -38.39 -9.28
N GLY D 150 38.80 -38.10 -9.57
CA GLY D 150 38.39 -36.80 -10.04
C GLY D 150 38.47 -36.65 -11.55
N MET D 151 39.54 -37.17 -12.16
CA MET D 151 39.63 -37.17 -13.61
C MET D 151 38.53 -38.01 -14.24
N ILE D 152 38.06 -39.03 -13.53
CA ILE D 152 36.98 -39.89 -14.01
C ILE D 152 35.68 -39.28 -13.46
N GLU D 153 34.94 -38.61 -14.33
CA GLU D 153 33.68 -38.01 -13.92
C GLU D 153 32.67 -39.07 -13.51
N THR D 154 32.59 -40.15 -14.27
CA THR D 154 31.71 -41.26 -13.91
C THR D 154 32.23 -41.96 -12.66
N ASP D 155 31.33 -42.23 -11.72
CA ASP D 155 31.67 -42.92 -10.47
C ASP D 155 30.81 -44.16 -10.37
N GLU D 156 31.43 -45.33 -10.53
CA GLU D 156 30.69 -46.59 -10.41
C GLU D 156 30.47 -46.99 -8.97
N ASN D 157 31.15 -46.36 -8.02
CA ASN D 157 30.99 -46.69 -6.61
C ASN D 157 29.92 -45.84 -5.93
N ARG D 158 29.30 -44.90 -6.64
CA ARG D 158 28.16 -44.15 -6.14
C ARG D 158 26.90 -44.58 -6.88
N ALA D 159 25.75 -44.34 -6.26
CA ALA D 159 24.47 -44.66 -6.87
C ALA D 159 23.40 -43.74 -6.31
N LYS D 160 22.72 -43.02 -7.20
CA LYS D 160 21.55 -42.24 -6.83
C LYS D 160 20.29 -43.06 -7.13
N VAL D 161 19.38 -43.09 -6.18
CA VAL D 161 18.26 -44.02 -6.19
C VAL D 161 16.97 -43.28 -5.92
N GLU D 162 15.93 -43.56 -6.70
CA GLU D 162 14.61 -42.98 -6.53
C GLU D 162 13.66 -44.01 -5.96
N ILE D 163 12.88 -43.59 -4.97
CA ILE D 163 11.93 -44.48 -4.30
C ILE D 163 10.58 -43.77 -4.20
N THR D 164 9.53 -44.45 -4.61
CA THR D 164 8.16 -43.93 -4.57
C THR D 164 7.28 -44.98 -3.91
N PRO D 165 6.11 -44.58 -3.42
CA PRO D 165 5.16 -45.60 -2.92
C PRO D 165 4.75 -46.59 -3.99
N ASN D 166 4.71 -46.17 -5.26
CA ASN D 166 4.44 -47.08 -6.36
C ASN D 166 5.65 -47.94 -6.70
N SER D 167 6.86 -47.42 -6.47
CA SER D 167 8.10 -48.13 -6.76
C SER D 167 8.99 -48.10 -5.51
N PRO D 168 8.64 -48.88 -4.48
CA PRO D 168 9.41 -48.84 -3.23
C PRO D 168 10.67 -49.66 -3.26
N ARG D 169 10.98 -50.33 -4.36
CA ARG D 169 12.14 -51.19 -4.48
C ARG D 169 13.14 -50.57 -5.45
N ALA D 170 14.42 -50.80 -5.17
CA ALA D 170 15.45 -50.30 -6.06
C ALA D 170 16.68 -51.19 -5.98
N GLU D 171 17.50 -51.12 -7.03
CA GLU D 171 18.76 -51.84 -7.09
C GLU D 171 19.86 -50.90 -7.57
N ALA D 172 21.02 -51.00 -6.94
CA ALA D 172 22.18 -50.18 -7.26
C ALA D 172 23.32 -51.07 -7.69
N THR D 173 23.87 -50.81 -8.88
CA THR D 173 25.00 -51.56 -9.40
C THR D 173 26.28 -50.77 -9.11
N LEU D 174 27.19 -51.37 -8.37
CA LEU D 174 28.42 -50.70 -7.95
C LEU D 174 29.61 -51.46 -8.51
N GLY D 175 29.97 -51.15 -9.77
CA GLY D 175 31.17 -51.66 -10.41
C GLY D 175 31.53 -53.09 -10.10
N GLY D 176 32.76 -53.29 -9.62
CA GLY D 176 33.22 -54.58 -9.15
C GLY D 176 32.84 -54.92 -7.73
N PHE D 177 32.15 -54.02 -7.04
CA PHE D 177 31.70 -54.27 -5.68
C PHE D 177 30.40 -55.07 -5.61
N GLY D 178 29.80 -55.37 -6.75
CA GLY D 178 28.56 -56.13 -6.77
C GLY D 178 27.33 -55.25 -6.90
N SER D 179 26.26 -55.59 -6.19
CA SER D 179 25.01 -54.85 -6.27
C SER D 179 24.35 -54.80 -4.90
N LEU D 180 23.50 -53.79 -4.73
CA LEU D 180 22.79 -53.54 -3.48
C LEU D 180 21.30 -53.47 -3.76
N GLY D 181 20.50 -54.07 -2.87
CA GLY D 181 19.06 -53.95 -2.96
C GLY D 181 18.53 -53.04 -1.88
N LEU D 182 17.48 -52.28 -2.22
CA LEU D 182 16.87 -51.33 -1.30
C LEU D 182 15.37 -51.57 -1.27
N ASP D 183 14.87 -51.94 -0.10
CA ASP D 183 13.45 -52.25 0.13
C ASP D 183 12.90 -51.23 1.11
N CYS D 184 12.33 -50.15 0.61
CA CYS D 184 11.93 -49.03 1.45
C CYS D 184 10.43 -49.02 1.68
N GLU D 185 10.00 -48.15 2.60
CA GLU D 185 8.60 -48.03 3.03
C GLU D 185 8.20 -46.58 2.88
N PRO D 186 7.85 -46.14 1.66
CA PRO D 186 7.63 -44.71 1.43
C PRO D 186 6.32 -44.19 1.99
N ARG D 187 5.27 -45.01 2.03
CA ARG D 187 3.98 -44.52 2.51
C ARG D 187 4.03 -44.19 4.00
N THR D 188 4.86 -44.89 4.76
CA THR D 188 5.08 -44.57 6.16
C THR D 188 6.29 -43.63 6.24
N GLY D 189 6.80 -43.39 7.44
CA GLY D 189 7.92 -42.50 7.64
C GLY D 189 7.55 -41.10 8.08
N LEU D 190 6.36 -40.63 7.75
CA LEU D 190 5.80 -39.39 8.27
C LEU D 190 4.31 -39.38 7.95
N ASP D 191 3.53 -38.77 8.84
CA ASP D 191 2.07 -38.86 8.80
C ASP D 191 1.54 -37.69 7.98
N PHE D 192 1.05 -37.99 6.77
CA PHE D 192 0.51 -36.99 5.86
C PHE D 192 -0.97 -36.75 6.05
N SER D 193 -1.62 -37.52 6.93
CA SER D 193 -3.07 -37.52 7.01
C SER D 193 -3.61 -36.17 7.46
N ASP D 194 -2.95 -35.52 8.41
CA ASP D 194 -3.47 -34.32 9.04
C ASP D 194 -2.69 -33.06 8.70
N LEU D 195 -2.17 -32.94 7.47
CA LEU D 195 -1.34 -31.80 7.12
C LEU D 195 -1.68 -31.24 5.75
N TYR D 196 -1.67 -29.92 5.66
CA TYR D 196 -1.63 -29.13 4.44
C TYR D 196 -0.27 -28.48 4.27
N TYR D 197 0.03 -28.08 3.04
CA TYR D 197 1.24 -27.35 2.69
C TYR D 197 0.85 -25.89 2.50
N LEU D 198 1.45 -25.01 3.29
CA LEU D 198 1.06 -23.60 3.33
C LEU D 198 2.17 -22.75 2.71
N THR D 199 1.77 -21.86 1.80
CA THR D 199 2.66 -20.89 1.18
C THR D 199 2.12 -19.50 1.43
N MET D 200 2.94 -18.63 2.03
CA MET D 200 2.45 -17.28 2.32
C MET D 200 3.15 -16.20 1.51
N ASN D 201 4.45 -16.03 1.71
CA ASN D 201 5.26 -15.09 0.91
C ASN D 201 6.58 -15.78 0.61
N ASN D 202 6.60 -16.59 -0.45
CA ASN D 202 7.73 -17.43 -0.79
C ASN D 202 8.29 -18.13 0.44
N LYS D 203 7.40 -18.46 1.38
CA LYS D 203 7.74 -19.18 2.61
C LYS D 203 6.73 -20.30 2.79
N HIS D 204 7.20 -21.45 3.24
CA HIS D 204 6.40 -22.65 3.17
C HIS D 204 6.47 -23.44 4.47
N TRP D 205 5.32 -23.93 4.91
CA TRP D 205 5.22 -24.72 6.13
C TRP D 205 4.32 -25.92 5.88
N LEU D 206 4.33 -26.84 6.83
CA LEU D 206 3.38 -27.93 6.91
C LEU D 206 2.53 -27.72 8.16
N VAL D 207 1.22 -27.61 7.98
CA VAL D 207 0.32 -27.20 9.05
C VAL D 207 -0.78 -28.24 9.21
N HIS D 208 -1.39 -28.25 10.39
CA HIS D 208 -2.50 -29.15 10.66
C HIS D 208 -3.77 -28.65 10.00
N LYS D 209 -4.56 -29.59 9.46
CA LYS D 209 -5.70 -29.21 8.63
C LYS D 209 -6.74 -28.43 9.41
N GLU D 210 -7.07 -28.88 10.62
CA GLU D 210 -8.14 -28.24 11.38
C GLU D 210 -7.76 -26.83 11.81
N TRP D 211 -6.47 -26.61 12.09
CA TRP D 211 -6.01 -25.24 12.35
C TRP D 211 -6.15 -24.37 11.10
N PHE D 212 -5.87 -24.94 9.93
CA PHE D 212 -6.00 -24.20 8.68
C PHE D 212 -7.44 -23.84 8.38
N HIS D 213 -8.37 -24.75 8.67
CA HIS D 213 -9.78 -24.51 8.38
C HIS D 213 -10.42 -23.54 9.36
N ASP D 214 -9.78 -23.27 10.49
CA ASP D 214 -10.32 -22.36 11.49
C ASP D 214 -9.67 -20.98 11.45
N ILE D 215 -8.99 -20.64 10.36
CA ILE D 215 -8.32 -19.34 10.25
C ILE D 215 -9.38 -18.25 10.06
N PRO D 216 -9.37 -17.19 10.87
CA PRO D 216 -10.40 -16.15 10.77
C PRO D 216 -10.03 -15.04 9.79
N LEU D 217 -9.83 -15.42 8.53
CA LEU D 217 -9.50 -14.50 7.45
C LEU D 217 -10.42 -14.75 6.27
N PRO D 218 -10.59 -13.77 5.39
CA PRO D 218 -11.34 -14.03 4.16
C PRO D 218 -10.71 -15.16 3.37
N TRP D 219 -11.55 -16.02 2.80
CA TRP D 219 -11.05 -17.23 2.16
C TRP D 219 -11.86 -17.55 0.92
N HIS D 220 -11.20 -18.23 -0.01
CA HIS D 220 -11.87 -18.78 -1.19
C HIS D 220 -11.32 -20.18 -1.46
N ALA D 221 -12.25 -21.13 -1.68
CA ALA D 221 -11.91 -22.53 -1.71
C ALA D 221 -11.48 -22.99 -3.09
N GLY D 222 -10.73 -24.09 -3.13
CA GLY D 222 -10.20 -24.64 -4.35
C GLY D 222 -9.13 -23.82 -5.03
N ALA D 223 -8.97 -22.56 -4.63
CA ALA D 223 -8.05 -21.62 -5.27
C ALA D 223 -8.24 -21.59 -6.78
N ASP D 224 -9.49 -21.71 -7.23
CA ASP D 224 -9.78 -21.61 -8.65
C ASP D 224 -9.51 -20.19 -9.12
N THR D 225 -8.50 -20.03 -9.95
CA THR D 225 -8.05 -18.71 -10.41
C THR D 225 -8.97 -18.21 -11.51
N GLY D 226 -9.09 -16.91 -11.60
CA GLY D 226 -10.03 -16.23 -12.47
C GLY D 226 -10.57 -15.00 -11.75
N THR D 227 -11.89 -14.96 -11.62
CA THR D 227 -12.51 -14.02 -10.70
C THR D 227 -12.95 -14.79 -9.45
N PRO D 228 -12.35 -14.53 -8.29
CA PRO D 228 -12.69 -15.29 -7.09
C PRO D 228 -13.75 -14.61 -6.26
N HIS D 229 -14.47 -15.42 -5.50
CA HIS D 229 -15.46 -14.94 -4.54
C HIS D 229 -14.89 -15.14 -3.14
N TRP D 230 -14.69 -14.04 -2.43
CA TRP D 230 -14.11 -14.08 -1.09
C TRP D 230 -15.23 -14.21 -0.05
N ASN D 231 -15.25 -15.34 0.64
CA ASN D 231 -16.08 -15.47 1.82
C ASN D 231 -15.41 -14.78 3.00
N ASN D 232 -16.22 -14.45 4.01
CA ASN D 232 -15.72 -13.88 5.26
C ASN D 232 -14.99 -12.55 5.02
N LYS D 233 -15.55 -11.73 4.13
CA LYS D 233 -14.92 -10.44 3.82
C LYS D 233 -14.89 -9.49 5.01
N GLU D 234 -15.79 -9.68 5.98
CA GLU D 234 -15.83 -8.76 7.11
C GLU D 234 -14.73 -9.02 8.13
N ALA D 235 -13.92 -10.06 7.93
CA ALA D 235 -12.79 -10.30 8.82
C ALA D 235 -11.78 -9.16 8.75
N LEU D 236 -11.58 -8.60 7.56
CA LEU D 236 -10.62 -7.52 7.37
C LEU D 236 -11.26 -6.15 7.15
N VAL D 237 -12.58 -6.08 6.99
CA VAL D 237 -13.27 -4.84 6.70
C VAL D 237 -14.23 -4.54 7.84
N GLU D 238 -14.17 -3.32 8.36
CA GLU D 238 -15.02 -2.89 9.46
C GLU D 238 -15.75 -1.60 9.07
N PHE D 239 -16.92 -1.42 9.65
CA PHE D 239 -17.75 -0.23 9.42
C PHE D 239 -17.80 0.57 10.72
N LYS D 240 -17.10 1.70 10.74
CA LYS D 240 -17.24 2.67 11.80
C LYS D 240 -18.57 3.39 11.66
N ASP D 241 -19.20 3.65 12.81
CA ASP D 241 -20.63 3.89 12.91
C ASP D 241 -21.10 5.01 12.00
N ALA D 242 -22.37 4.94 11.64
CA ALA D 242 -22.91 5.68 10.52
C ALA D 242 -23.44 7.04 10.93
N HIS D 243 -23.29 8.01 10.03
CA HIS D 243 -23.96 9.30 10.15
C HIS D 243 -25.37 9.15 9.59
N ALA D 244 -26.05 10.28 9.38
CA ALA D 244 -27.39 10.24 8.81
C ALA D 244 -27.36 9.70 7.39
N LYS D 245 -26.35 10.09 6.61
CA LYS D 245 -26.27 9.73 5.21
C LYS D 245 -25.00 8.98 4.83
N ARG D 246 -24.12 8.69 5.77
CA ARG D 246 -22.85 8.05 5.44
C ARG D 246 -22.38 7.16 6.59
N GLN D 247 -21.57 6.16 6.23
CA GLN D 247 -20.90 5.28 7.17
C GLN D 247 -19.42 5.24 6.83
N THR D 248 -18.58 5.00 7.84
CA THR D 248 -17.14 4.96 7.61
C THR D 248 -16.71 3.51 7.39
N VAL D 249 -15.83 3.29 6.42
CA VAL D 249 -15.33 1.97 6.11
C VAL D 249 -13.81 1.95 6.27
N VAL D 250 -13.31 1.00 7.05
CA VAL D 250 -11.89 0.88 7.33
C VAL D 250 -11.45 -0.55 7.07
N VAL D 251 -10.18 -0.72 6.71
CA VAL D 251 -9.57 -2.03 6.56
C VAL D 251 -8.60 -2.24 7.71
N LEU D 252 -8.38 -3.50 8.07
CA LEU D 252 -7.63 -3.82 9.29
C LEU D 252 -6.13 -3.89 9.08
N GLY D 253 -5.66 -3.97 7.84
CA GLY D 253 -4.24 -4.04 7.61
C GLY D 253 -3.71 -5.46 7.62
N SER D 254 -2.41 -5.57 7.35
CA SER D 254 -1.78 -6.87 7.14
C SER D 254 -1.80 -7.71 8.42
N GLN D 255 -2.17 -8.98 8.26
CA GLN D 255 -2.14 -9.95 9.33
C GLN D 255 -0.96 -10.91 9.24
N GLU D 256 0.03 -10.58 8.40
CA GLU D 256 1.14 -11.50 8.15
C GLU D 256 1.91 -11.81 9.42
N GLY D 257 2.17 -10.79 10.25
CA GLY D 257 2.84 -11.02 11.50
C GLY D 257 2.05 -11.90 12.46
N ALA D 258 0.72 -11.76 12.46
CA ALA D 258 -0.11 -12.61 13.30
C ALA D 258 0.01 -14.08 12.89
N VAL D 259 0.00 -14.35 11.59
CA VAL D 259 0.14 -15.73 11.13
C VAL D 259 1.55 -16.24 11.42
N HIS D 260 2.55 -15.37 11.32
CA HIS D 260 3.90 -15.75 11.69
C HIS D 260 3.96 -16.15 13.16
N THR D 261 3.29 -15.39 14.02
CA THR D 261 3.21 -15.73 15.43
C THR D 261 2.49 -17.06 15.64
N ALA D 262 1.42 -17.29 14.89
CA ALA D 262 0.68 -18.54 15.01
C ALA D 262 1.41 -19.71 14.37
N LEU D 263 2.40 -19.44 13.52
CA LEU D 263 3.17 -20.50 12.86
C LEU D 263 4.51 -20.78 13.52
N ALA D 264 4.75 -20.23 14.71
CA ALA D 264 6.00 -20.50 15.41
C ALA D 264 6.08 -21.96 15.80
N GLY D 265 7.22 -22.57 15.53
CA GLY D 265 7.40 -23.98 15.84
C GLY D 265 6.78 -24.94 14.85
N ALA D 266 6.40 -24.46 13.67
CA ALA D 266 5.83 -25.29 12.64
C ALA D 266 6.93 -25.82 11.73
N LEU D 267 6.62 -26.93 11.06
CA LEU D 267 7.59 -27.59 10.19
C LEU D 267 7.81 -26.75 8.93
N GLU D 268 9.04 -26.28 8.72
CA GLU D 268 9.36 -25.48 7.56
C GLU D 268 9.69 -26.38 6.37
N ALA D 269 9.33 -25.90 5.17
CA ALA D 269 9.50 -26.66 3.94
C ALA D 269 10.07 -25.75 2.86
N GLU D 270 10.29 -26.32 1.67
CA GLU D 270 10.86 -25.57 0.57
C GLU D 270 10.12 -25.90 -0.71
N MET D 271 10.33 -25.08 -1.73
CA MET D 271 9.70 -25.25 -3.04
C MET D 271 10.77 -25.47 -4.10
N ASP D 272 10.84 -26.68 -4.63
CA ASP D 272 11.72 -27.00 -5.75
C ASP D 272 10.83 -27.02 -7.00
N GLY D 273 10.80 -25.90 -7.71
CA GLY D 273 9.92 -25.77 -8.86
C GLY D 273 8.46 -25.95 -8.47
N ALA D 274 7.77 -26.85 -9.17
CA ALA D 274 6.38 -27.17 -8.84
C ALA D 274 6.26 -28.23 -7.76
N LYS D 275 7.37 -28.73 -7.22
CA LYS D 275 7.36 -29.79 -6.24
C LYS D 275 7.69 -29.24 -4.86
N GLY D 276 7.16 -29.88 -3.83
CA GLY D 276 7.49 -29.49 -2.47
C GLY D 276 8.60 -30.37 -1.91
N ARG D 277 9.57 -29.72 -1.28
CA ARG D 277 10.74 -30.38 -0.72
C ARG D 277 10.64 -30.31 0.80
N LEU D 278 10.61 -31.48 1.44
CA LEU D 278 10.42 -31.60 2.88
C LEU D 278 11.68 -32.12 3.55
N SER D 279 11.80 -31.84 4.85
CA SER D 279 12.95 -32.32 5.62
C SER D 279 12.56 -32.78 7.01
N SER D 280 11.35 -33.30 7.22
CA SER D 280 10.82 -33.56 8.56
C SER D 280 10.61 -35.03 8.84
N GLY D 281 10.67 -35.90 7.83
CA GLY D 281 10.40 -37.31 8.01
C GLY D 281 11.65 -38.17 7.98
N HIS D 282 11.43 -39.47 8.18
CA HIS D 282 12.46 -40.48 8.01
C HIS D 282 11.96 -41.54 7.04
N LEU D 283 12.86 -42.44 6.66
CA LEU D 283 12.54 -43.50 5.72
C LEU D 283 13.16 -44.81 6.19
N LYS D 284 12.32 -45.83 6.38
CA LYS D 284 12.80 -47.14 6.80
C LYS D 284 13.05 -47.99 5.58
N CYS D 285 14.24 -48.58 5.50
CA CYS D 285 14.60 -49.40 4.36
C CYS D 285 15.34 -50.65 4.82
N ARG D 286 15.32 -51.66 3.97
CA ARG D 286 16.11 -52.87 4.14
C ARG D 286 17.18 -52.90 3.05
N LEU D 287 18.44 -53.04 3.45
CA LEU D 287 19.56 -53.10 2.54
C LEU D 287 19.93 -54.56 2.35
N LYS D 288 19.87 -55.02 1.10
CA LYS D 288 20.19 -56.39 0.72
C LYS D 288 21.58 -56.40 0.13
N MET D 289 22.49 -57.13 0.79
CA MET D 289 23.91 -57.12 0.42
C MET D 289 24.46 -58.51 0.08
N ASP D 290 23.60 -59.44 -0.35
CA ASP D 290 24.09 -60.77 -0.70
C ASP D 290 25.01 -60.74 -1.91
N LYS D 291 24.81 -59.79 -2.81
CA LYS D 291 25.61 -59.65 -4.01
C LYS D 291 26.76 -58.66 -3.86
N LEU D 292 26.92 -58.07 -2.67
CA LEU D 292 27.98 -57.10 -2.44
C LEU D 292 29.30 -57.82 -2.22
N ARG D 293 30.36 -57.32 -2.85
CA ARG D 293 31.65 -58.00 -2.84
C ARG D 293 32.77 -56.99 -2.63
N LEU D 294 33.89 -57.48 -2.11
CA LEU D 294 35.11 -56.70 -2.04
C LEU D 294 35.82 -56.71 -3.39
N LYS D 295 36.22 -55.53 -3.85
CA LYS D 295 36.78 -55.39 -5.19
C LYS D 295 38.30 -55.44 -5.21
N GLY D 296 38.96 -55.35 -4.06
CA GLY D 296 40.41 -55.34 -4.01
C GLY D 296 41.07 -56.46 -3.24
N VAL D 297 40.46 -57.65 -3.19
CA VAL D 297 41.00 -58.72 -2.36
C VAL D 297 42.35 -59.19 -2.88
N SER D 298 42.48 -59.35 -4.19
CA SER D 298 43.66 -59.97 -4.79
C SER D 298 44.77 -58.97 -5.11
N TYR D 299 44.56 -57.69 -4.87
CA TYR D 299 45.62 -56.71 -5.12
C TYR D 299 46.79 -56.94 -4.17
N SER D 300 48.00 -56.75 -4.69
CA SER D 300 49.18 -56.84 -3.86
C SER D 300 49.29 -55.60 -2.96
N LEU D 301 50.03 -55.75 -1.87
CA LEU D 301 50.24 -54.64 -0.96
C LEU D 301 51.03 -53.52 -1.63
N CYS D 302 50.67 -52.29 -1.30
CA CYS D 302 51.43 -51.14 -1.77
C CYS D 302 52.84 -51.21 -1.20
N THR D 303 53.84 -50.99 -2.05
CA THR D 303 55.23 -51.20 -1.66
C THR D 303 55.99 -49.92 -1.37
N ALA D 304 55.47 -48.76 -1.77
CA ALA D 304 56.20 -47.51 -1.62
C ALA D 304 55.78 -46.81 -0.32
N ALA D 305 56.26 -45.59 -0.15
CA ALA D 305 56.12 -44.89 1.11
C ALA D 305 54.82 -44.08 1.18
N PHE D 306 54.25 -44.00 2.37
CA PHE D 306 53.07 -43.21 2.65
C PHE D 306 53.45 -42.03 3.54
N THR D 307 52.79 -40.90 3.34
CA THR D 307 53.00 -39.72 4.18
C THR D 307 51.66 -39.17 4.63
N PHE D 308 51.59 -38.75 5.88
CA PHE D 308 50.41 -38.07 6.40
C PHE D 308 50.28 -36.71 5.74
N THR D 309 49.31 -36.55 4.85
CA THR D 309 48.99 -35.23 4.32
C THR D 309 47.93 -34.51 5.15
N LYS D 310 47.32 -35.21 6.11
CA LYS D 310 46.36 -34.61 7.03
C LYS D 310 46.50 -35.33 8.36
N ILE D 311 46.75 -34.58 9.43
CA ILE D 311 46.94 -35.13 10.76
C ILE D 311 45.68 -35.90 11.15
N PRO D 312 45.80 -37.13 11.64
CA PRO D 312 44.61 -37.89 12.05
C PRO D 312 43.84 -37.17 13.14
N ALA D 313 42.52 -37.18 13.02
CA ALA D 313 41.64 -36.44 13.92
C ALA D 313 40.51 -37.34 14.38
N GLU D 314 40.07 -37.13 15.61
CA GLU D 314 38.97 -37.89 16.20
C GLU D 314 37.64 -37.30 15.77
N THR D 315 36.73 -38.16 15.31
CA THR D 315 35.38 -37.74 15.00
C THR D 315 34.55 -37.74 16.28
N LEU D 316 33.29 -37.32 16.15
CA LEU D 316 32.40 -37.27 17.30
C LEU D 316 31.98 -38.65 17.80
N HIS D 317 32.28 -39.71 17.05
CA HIS D 317 31.92 -41.07 17.42
C HIS D 317 33.13 -41.90 17.83
N GLY D 318 34.28 -41.29 18.03
CA GLY D 318 35.46 -41.98 18.49
C GLY D 318 36.36 -42.51 17.39
N THR D 319 35.86 -42.61 16.16
CA THR D 319 36.71 -43.04 15.06
C THR D 319 37.69 -41.93 14.69
N VAL D 320 38.75 -42.32 13.98
CA VAL D 320 39.74 -41.37 13.50
C VAL D 320 39.73 -41.37 11.99
N THR D 321 40.03 -40.21 11.41
CA THR D 321 40.13 -40.06 9.97
C THR D 321 41.55 -39.68 9.60
N VAL D 322 42.07 -40.30 8.55
CA VAL D 322 43.44 -40.08 8.10
C VAL D 322 43.43 -39.83 6.60
N GLU D 323 44.22 -38.86 6.16
CA GLU D 323 44.52 -38.70 4.75
C GLU D 323 45.99 -38.96 4.52
N VAL D 324 46.29 -39.87 3.60
CA VAL D 324 47.65 -40.28 3.30
C VAL D 324 47.94 -40.02 1.83
N GLN D 325 49.20 -39.74 1.54
CA GLN D 325 49.67 -39.54 0.18
C GLN D 325 50.64 -40.65 -0.18
N TYR D 326 50.31 -41.40 -1.23
CA TYR D 326 51.15 -42.45 -1.77
C TYR D 326 52.09 -41.86 -2.80
N ALA D 327 53.37 -42.24 -2.72
CA ALA D 327 54.37 -41.83 -3.69
C ALA D 327 54.61 -42.89 -4.77
N GLY D 328 54.01 -44.06 -4.64
CA GLY D 328 54.26 -45.11 -5.61
C GLY D 328 53.42 -44.97 -6.86
N THR D 329 53.79 -45.75 -7.88
CA THR D 329 53.07 -45.78 -9.15
C THR D 329 52.60 -47.19 -9.50
N ASP D 330 52.58 -48.11 -8.54
CA ASP D 330 52.28 -49.52 -8.80
C ASP D 330 50.76 -49.69 -8.88
N GLY D 331 50.12 -48.89 -9.73
CA GLY D 331 48.73 -49.04 -10.08
C GLY D 331 47.81 -49.30 -8.91
N PRO D 332 46.79 -50.12 -9.12
CA PRO D 332 45.96 -50.59 -7.99
C PRO D 332 46.80 -51.42 -7.03
N CYS D 333 46.85 -50.97 -5.78
CA CYS D 333 47.55 -51.70 -4.73
C CYS D 333 46.77 -51.58 -3.42
N LYS D 334 47.07 -52.49 -2.50
CA LYS D 334 46.37 -52.59 -1.23
C LYS D 334 47.13 -51.81 -0.17
N VAL D 335 46.43 -50.92 0.52
CA VAL D 335 47.05 -50.03 1.50
C VAL D 335 47.27 -50.77 2.81
N PRO D 336 48.51 -50.86 3.29
CA PRO D 336 48.77 -51.52 4.57
C PRO D 336 48.40 -50.64 5.76
N ALA D 337 47.12 -50.64 6.13
CA ALA D 337 46.63 -49.84 7.25
C ALA D 337 46.25 -50.75 8.40
N GLN D 338 46.74 -50.45 9.60
CA GLN D 338 46.50 -51.31 10.74
C GLN D 338 46.62 -50.49 12.02
N MET D 339 46.02 -51.00 13.09
CA MET D 339 46.27 -50.50 14.43
C MET D 339 46.85 -51.64 15.26
N ALA D 340 47.93 -51.34 15.99
CA ALA D 340 48.68 -52.34 16.72
C ALA D 340 48.86 -51.93 18.18
N VAL D 341 48.91 -52.93 19.06
CA VAL D 341 49.12 -52.66 20.47
C VAL D 341 50.52 -52.11 20.71
N ASP D 342 51.52 -52.77 20.15
CA ASP D 342 52.90 -52.33 20.29
C ASP D 342 53.62 -52.51 18.95
N MET D 343 54.59 -51.64 18.70
CA MET D 343 55.31 -51.66 17.43
C MET D 343 56.22 -52.88 17.28
N GLN D 344 56.53 -53.55 18.38
CA GLN D 344 57.37 -54.74 18.29
C GLN D 344 56.58 -55.93 17.75
N THR D 345 55.34 -56.11 18.21
CA THR D 345 54.53 -57.25 17.80
C THR D 345 53.76 -56.98 16.52
N LEU D 346 53.24 -55.77 16.35
CA LEU D 346 52.35 -55.43 15.24
C LEU D 346 51.18 -56.39 15.14
N THR D 347 50.66 -56.77 16.30
CA THR D 347 49.49 -57.64 16.33
C THR D 347 48.25 -56.83 15.94
N PRO D 348 47.52 -57.24 14.92
CA PRO D 348 46.34 -56.47 14.50
C PRO D 348 45.32 -56.35 15.61
N VAL D 349 44.94 -55.11 15.92
CA VAL D 349 44.01 -54.83 17.00
C VAL D 349 43.16 -53.63 16.58
N GLY D 350 41.86 -53.70 16.86
CA GLY D 350 40.95 -52.68 16.39
C GLY D 350 40.22 -53.11 15.14
N ARG D 351 39.72 -52.10 14.42
CA ARG D 351 38.90 -52.36 13.24
C ARG D 351 39.01 -51.18 12.28
N LEU D 352 38.98 -51.49 10.99
CA LEU D 352 39.01 -50.48 9.93
C LEU D 352 37.59 -50.23 9.44
N ILE D 353 37.13 -49.00 9.53
CA ILE D 353 35.82 -48.66 8.98
C ILE D 353 35.87 -48.67 7.46
N THR D 354 36.91 -48.09 6.87
CA THR D 354 37.11 -48.14 5.42
C THR D 354 37.69 -49.50 5.09
N ALA D 355 36.81 -50.46 4.81
CA ALA D 355 37.23 -51.83 4.59
C ALA D 355 38.04 -51.95 3.31
N ASN D 356 39.12 -52.72 3.37
CA ASN D 356 39.99 -52.99 2.24
C ASN D 356 40.45 -51.71 1.54
N PRO D 357 41.25 -50.88 2.20
CA PRO D 357 41.73 -49.65 1.54
C PRO D 357 42.64 -49.98 0.36
N VAL D 358 42.38 -49.33 -0.76
CA VAL D 358 43.09 -49.59 -2.00
C VAL D 358 43.39 -48.26 -2.69
N ILE D 359 44.62 -48.12 -3.16
CA ILE D 359 45.00 -47.00 -4.02
C ILE D 359 44.73 -47.41 -5.46
N THR D 360 43.84 -46.69 -6.14
CA THR D 360 43.48 -47.02 -7.50
C THR D 360 44.23 -46.19 -8.54
N GLU D 361 44.81 -45.06 -8.14
CA GLU D 361 45.50 -44.18 -9.07
C GLU D 361 46.85 -44.77 -9.44
N SER D 362 47.22 -44.59 -10.72
CA SER D 362 48.51 -45.07 -11.20
C SER D 362 49.59 -44.00 -11.16
N THR D 363 49.24 -42.75 -10.88
CA THR D 363 50.19 -41.66 -10.87
C THR D 363 50.96 -41.64 -9.55
N GLU D 364 51.90 -40.70 -9.44
CA GLU D 364 52.92 -40.77 -8.39
C GLU D 364 52.33 -40.51 -7.01
N ASN D 365 51.83 -39.31 -6.76
CA ASN D 365 51.41 -38.88 -5.42
C ASN D 365 49.89 -38.82 -5.38
N SER D 366 49.26 -39.89 -4.92
CA SER D 366 47.81 -39.99 -4.87
C SER D 366 47.33 -39.91 -3.43
N LYS D 367 46.25 -39.16 -3.20
CA LYS D 367 45.71 -38.97 -1.87
C LYS D 367 44.57 -39.95 -1.61
N MET D 368 44.47 -40.43 -0.38
CA MET D 368 43.41 -41.35 -0.01
C MET D 368 43.07 -41.17 1.46
N MET D 369 41.78 -41.32 1.78
CA MET D 369 41.27 -41.13 3.13
C MET D 369 40.80 -42.46 3.71
N LEU D 370 41.19 -42.72 4.95
CA LEU D 370 40.80 -43.92 5.69
C LEU D 370 40.10 -43.52 6.98
N GLU D 371 39.18 -44.36 7.43
CA GLU D 371 38.52 -44.20 8.72
C GLU D 371 38.82 -45.43 9.57
N LEU D 372 39.33 -45.20 10.77
CA LEU D 372 39.75 -46.24 11.67
C LEU D 372 38.89 -46.24 12.92
N ASP D 373 38.60 -47.44 13.44
CA ASP D 373 37.84 -47.64 14.67
C ASP D 373 38.81 -48.15 15.72
N PRO D 374 39.48 -47.26 16.44
CA PRO D 374 40.51 -47.68 17.39
C PRO D 374 39.89 -48.30 18.63
N PRO D 375 40.64 -49.12 19.34
CA PRO D 375 40.16 -49.64 20.64
C PRO D 375 40.22 -48.56 21.70
N PHE D 376 39.50 -48.79 22.78
CA PHE D 376 39.64 -47.97 23.97
C PHE D 376 40.95 -48.32 24.66
N GLY D 377 41.78 -47.31 24.90
CA GLY D 377 43.14 -47.52 25.36
C GLY D 377 44.14 -47.39 24.22
N ASP D 378 45.40 -47.24 24.61
CA ASP D 378 46.44 -46.82 23.68
C ASP D 378 46.62 -47.82 22.55
N SER D 379 47.05 -47.30 21.40
CA SER D 379 47.31 -48.11 20.21
C SER D 379 48.17 -47.28 19.26
N TYR D 380 48.60 -47.91 18.17
CA TYR D 380 49.40 -47.27 17.14
C TYR D 380 48.70 -47.42 15.80
N ILE D 381 48.56 -46.31 15.08
CA ILE D 381 48.13 -46.31 13.69
C ILE D 381 49.37 -46.49 12.84
N VAL D 382 49.41 -47.58 12.08
CA VAL D 382 50.55 -47.94 11.24
C VAL D 382 50.06 -47.97 9.80
N ILE D 383 50.64 -47.13 8.96
CA ILE D 383 50.38 -47.13 7.52
C ILE D 383 51.68 -47.51 6.80
N GLY D 384 51.62 -48.54 5.98
CA GLY D 384 52.80 -49.07 5.33
C GLY D 384 53.37 -50.27 6.07
N VAL D 385 54.29 -50.97 5.41
CA VAL D 385 54.84 -52.21 5.94
C VAL D 385 56.35 -52.14 6.04
N GLY D 386 56.97 -51.30 5.22
CA GLY D 386 58.42 -51.25 5.13
C GLY D 386 59.03 -50.41 6.23
N GLU D 387 60.31 -50.09 6.04
CA GLU D 387 61.02 -49.22 6.96
C GLU D 387 60.59 -47.76 6.82
N LYS D 388 59.87 -47.43 5.75
CA LYS D 388 59.34 -46.09 5.53
C LYS D 388 57.90 -45.95 5.99
N LYS D 389 57.40 -46.92 6.75
CA LYS D 389 56.03 -46.86 7.24
C LYS D 389 55.88 -45.71 8.23
N ILE D 390 54.67 -45.16 8.29
CA ILE D 390 54.37 -44.06 9.20
C ILE D 390 53.57 -44.59 10.38
N THR D 391 53.87 -44.02 11.55
CA THR D 391 53.27 -44.45 12.81
C THR D 391 52.70 -43.23 13.52
N HIS D 392 51.59 -43.43 14.23
CA HIS D 392 50.95 -42.37 15.00
C HIS D 392 50.29 -42.98 16.22
N HIS D 393 50.77 -42.62 17.41
CA HIS D 393 50.16 -43.16 18.63
C HIS D 393 48.83 -42.49 18.90
N TRP D 394 47.83 -43.31 19.22
CA TRP D 394 46.48 -42.84 19.49
C TRP D 394 45.99 -43.39 20.81
N HIS D 395 45.09 -42.65 21.45
CA HIS D 395 44.68 -42.98 22.82
C HIS D 395 43.36 -43.74 22.92
N ARG D 396 42.26 -43.15 22.46
CA ARG D 396 40.96 -43.61 22.93
C ARG D 396 39.97 -43.83 21.80
N SER D 397 38.97 -44.66 22.10
CA SER D 397 37.75 -44.83 21.32
C SER D 397 38.00 -45.23 19.88
#